data_7WI9
# 
_entry.id   7WI9 
# 
_audit_conform.dict_name       mmcif_pdbx.dic 
_audit_conform.dict_version    5.392 
_audit_conform.dict_location   http://mmcif.pdb.org/dictionaries/ascii/mmcif_pdbx.dic 
# 
loop_
_database_2.database_id 
_database_2.database_code 
_database_2.pdbx_database_accession 
_database_2.pdbx_DOI 
PDB   7WI9         pdb_00007wi9 10.2210/pdb7wi9/pdb 
WWPDB D_1300026765 ?            ?                   
# 
loop_
_pdbx_audit_revision_history.ordinal 
_pdbx_audit_revision_history.data_content_type 
_pdbx_audit_revision_history.major_revision 
_pdbx_audit_revision_history.minor_revision 
_pdbx_audit_revision_history.revision_date 
1 'Structure model' 1 0 2023-01-18 
2 'Structure model' 1 1 2023-02-08 
3 'Structure model' 1 2 2024-05-29 
# 
_pdbx_audit_revision_details.ordinal             1 
_pdbx_audit_revision_details.revision_ordinal    1 
_pdbx_audit_revision_details.data_content_type   'Structure model' 
_pdbx_audit_revision_details.provider            repository 
_pdbx_audit_revision_details.type                'Initial release' 
_pdbx_audit_revision_details.description         ? 
_pdbx_audit_revision_details.details             ? 
# 
loop_
_pdbx_audit_revision_group.ordinal 
_pdbx_audit_revision_group.revision_ordinal 
_pdbx_audit_revision_group.data_content_type 
_pdbx_audit_revision_group.group 
1 2 'Structure model' 'Database references' 
2 3 'Structure model' 'Data collection'     
# 
loop_
_pdbx_audit_revision_category.ordinal 
_pdbx_audit_revision_category.revision_ordinal 
_pdbx_audit_revision_category.data_content_type 
_pdbx_audit_revision_category.category 
1 2 'Structure model' citation        
2 2 'Structure model' citation_author 
3 3 'Structure model' chem_comp_atom  
4 3 'Structure model' chem_comp_bond  
# 
loop_
_pdbx_audit_revision_item.ordinal 
_pdbx_audit_revision_item.revision_ordinal 
_pdbx_audit_revision_item.data_content_type 
_pdbx_audit_revision_item.item 
1 2 'Structure model' '_citation.journal_volume'          
2 2 'Structure model' '_citation.page_first'              
3 2 'Structure model' '_citation.page_last'               
4 2 'Structure model' '_citation_author.identifier_ORCID' 
# 
_pdbx_database_status.status_code                     REL 
_pdbx_database_status.status_code_sf                  REL 
_pdbx_database_status.status_code_mr                  ? 
_pdbx_database_status.entry_id                        7WI9 
_pdbx_database_status.recvd_initial_deposition_date   2022-01-03 
_pdbx_database_status.SG_entry                        N 
_pdbx_database_status.deposit_site                    PDBJ 
_pdbx_database_status.process_site                    PDBJ 
_pdbx_database_status.status_code_cs                  ? 
_pdbx_database_status.status_code_nmr_data            ? 
_pdbx_database_status.methods_development_category    ? 
_pdbx_database_status.pdb_format_compatible           Y 
# 
_pdbx_contact_author.id                 2 
_pdbx_contact_author.email              fangxy@mail.tsinghua.edu.cn 
_pdbx_contact_author.name_first         Xianyang 
_pdbx_contact_author.name_last          Fang 
_pdbx_contact_author.name_mi            ? 
_pdbx_contact_author.role               'principal investigator/group leader' 
_pdbx_contact_author.identifier_ORCID   0000-0003-1584-2772 
# 
loop_
_audit_author.name 
_audit_author.pdbx_ordinal 
_audit_author.identifier_ORCID 
'Xu, L.'   1 0000-0003-1584-2772 
'Fang, X.' 2 0000-0001-9432-9736 
'Xiao, Y.' 3 0000-0003-2518-9594 
# 
_citation.abstract                  ? 
_citation.abstract_id_CAS           ? 
_citation.book_id_ISBN              ? 
_citation.book_publisher            ? 
_citation.book_publisher_city       ? 
_citation.book_title                ? 
_citation.coordinate_linkage        ? 
_citation.country                   UK 
_citation.database_id_Medline       ? 
_citation.details                   ? 
_citation.id                        primary 
_citation.journal_abbrev            'Nucleic Acids Res.' 
_citation.journal_id_ASTM           NARHAD 
_citation.journal_id_CSD            0389 
_citation.journal_id_ISSN           1362-4962 
_citation.journal_full              ? 
_citation.journal_issue             ? 
_citation.journal_volume            51 
_citation.language                  ? 
_citation.page_first                952 
_citation.page_last                 965 
_citation.title                     'Structural insights into translation regulation by the THF-II riboswitch.' 
_citation.year                      2023 
_citation.database_id_CSD           ? 
_citation.pdbx_database_id_DOI      10.1093/nar/gkac1257 
_citation.pdbx_database_id_PubMed   36620887 
_citation.pdbx_database_id_patent   ? 
_citation.unpublished_flag          ? 
# 
loop_
_citation_author.citation_id 
_citation_author.name 
_citation_author.ordinal 
_citation_author.identifier_ORCID 
primary 'Xu, L.'    1 ? 
primary 'Xiao, Y.'  2 ? 
primary 'Zhang, J.' 3 ? 
primary 'Fang, X.'  4 ? 
# 
loop_
_entity.id 
_entity.type 
_entity.src_method 
_entity.pdbx_description 
_entity.formula_weight 
_entity.pdbx_number_of_molecules 
_entity.pdbx_ec 
_entity.pdbx_mutation 
_entity.pdbx_fragment 
_entity.details 
1 polymer     man 'RNA (50-MER)'                  16287.591 1 ? ? ? ? 
2 non-polymer syn '(6S)-5,6,7,8-TETRAHYDROFOLATE' 445.429   1 ? ? ? ? 
3 non-polymer syn selenourea                      123.016   4 ? ? ? ? 
# 
_entity_poly.entity_id                      1 
_entity_poly.type                           polyribonucleotide 
_entity_poly.nstd_linkage                   no 
_entity_poly.nstd_monomer                   yes 
_entity_poly.pdbx_seq_one_letter_code       '(GTP)GCGUGGUCCGUUCAACUCGUUCCUCGAAAGAGGAACUACGGGAGACGCC' 
_entity_poly.pdbx_seq_one_letter_code_can   GGCGUGGUCCGUUCAACUCGUUCCUCGAAAGAGGAACUACGGGAGACGCC 
_entity_poly.pdbx_strand_id                 V 
_entity_poly.pdbx_target_identifier         ? 
# 
loop_
_pdbx_entity_nonpoly.entity_id 
_pdbx_entity_nonpoly.name 
_pdbx_entity_nonpoly.comp_id 
2 '(6S)-5,6,7,8-TETRAHYDROFOLATE' THG 
3 selenourea                      SEY 
# 
loop_
_entity_poly_seq.entity_id 
_entity_poly_seq.num 
_entity_poly_seq.mon_id 
_entity_poly_seq.hetero 
1 1  GTP n 
1 2  G   n 
1 3  C   n 
1 4  G   n 
1 5  U   n 
1 6  G   n 
1 7  G   n 
1 8  U   n 
1 9  C   n 
1 10 C   n 
1 11 G   n 
1 12 U   n 
1 13 U   n 
1 14 C   n 
1 15 A   n 
1 16 A   n 
1 17 C   n 
1 18 U   n 
1 19 C   n 
1 20 G   n 
1 21 U   n 
1 22 U   n 
1 23 C   n 
1 24 C   n 
1 25 U   n 
1 26 C   n 
1 27 G   n 
1 28 A   n 
1 29 A   n 
1 30 A   n 
1 31 G   n 
1 32 A   n 
1 33 G   n 
1 34 G   n 
1 35 A   n 
1 36 A   n 
1 37 C   n 
1 38 U   n 
1 39 A   n 
1 40 C   n 
1 41 G   n 
1 42 G   n 
1 43 G   n 
1 44 A   n 
1 45 G   n 
1 46 A   n 
1 47 C   n 
1 48 G   n 
1 49 C   n 
1 50 C   n 
# 
_entity_src_gen.entity_id                          1 
_entity_src_gen.pdbx_src_id                        1 
_entity_src_gen.pdbx_alt_source_flag               sample 
_entity_src_gen.pdbx_seq_type                      'Biological sequence' 
_entity_src_gen.pdbx_beg_seq_num                   1 
_entity_src_gen.pdbx_end_seq_num                   50 
_entity_src_gen.gene_src_common_name               ? 
_entity_src_gen.gene_src_genus                     ? 
_entity_src_gen.pdbx_gene_src_gene                 ? 
_entity_src_gen.gene_src_species                   ? 
_entity_src_gen.gene_src_strain                    ? 
_entity_src_gen.gene_src_tissue                    ? 
_entity_src_gen.gene_src_tissue_fraction           ? 
_entity_src_gen.gene_src_details                   ? 
_entity_src_gen.pdbx_gene_src_fragment             ? 
_entity_src_gen.pdbx_gene_src_scientific_name      'Mesorhizobium loti' 
_entity_src_gen.pdbx_gene_src_ncbi_taxonomy_id     381 
_entity_src_gen.pdbx_gene_src_variant              ? 
_entity_src_gen.pdbx_gene_src_cell_line            ? 
_entity_src_gen.pdbx_gene_src_atcc                 ? 
_entity_src_gen.pdbx_gene_src_organ                ? 
_entity_src_gen.pdbx_gene_src_organelle            ? 
_entity_src_gen.pdbx_gene_src_cell                 ? 
_entity_src_gen.pdbx_gene_src_cellular_location    ? 
_entity_src_gen.host_org_common_name               ? 
_entity_src_gen.pdbx_host_org_scientific_name      'in vitro transcription vector pT7-TP(deltai)' 
_entity_src_gen.pdbx_host_org_ncbi_taxonomy_id     905931 
_entity_src_gen.host_org_genus                     ? 
_entity_src_gen.pdbx_host_org_gene                 ? 
_entity_src_gen.pdbx_host_org_organ                ? 
_entity_src_gen.host_org_species                   ? 
_entity_src_gen.pdbx_host_org_tissue               ? 
_entity_src_gen.pdbx_host_org_tissue_fraction      ? 
_entity_src_gen.pdbx_host_org_strain               ? 
_entity_src_gen.pdbx_host_org_variant              ? 
_entity_src_gen.pdbx_host_org_cell_line            ? 
_entity_src_gen.pdbx_host_org_atcc                 ? 
_entity_src_gen.pdbx_host_org_culture_collection   ? 
_entity_src_gen.pdbx_host_org_cell                 ? 
_entity_src_gen.pdbx_host_org_organelle            ? 
_entity_src_gen.pdbx_host_org_cellular_location    ? 
_entity_src_gen.pdbx_host_org_vector_type          ? 
_entity_src_gen.pdbx_host_org_vector               ? 
_entity_src_gen.host_org_details                   ? 
_entity_src_gen.expression_system_id               ? 
_entity_src_gen.plasmid_name                       ? 
_entity_src_gen.plasmid_details                    ? 
_entity_src_gen.pdbx_description                   ? 
# 
loop_
_chem_comp.id 
_chem_comp.type 
_chem_comp.mon_nstd_flag 
_chem_comp.name 
_chem_comp.pdbx_synonyms 
_chem_comp.formula 
_chem_comp.formula_weight 
A   'RNA linking' y "ADENOSINE-5'-MONOPHOSPHATE"    ? 'C10 H14 N5 O7 P'   347.221 
C   'RNA linking' y "CYTIDINE-5'-MONOPHOSPHATE"     ? 'C9 H14 N3 O8 P'    323.197 
G   'RNA linking' y "GUANOSINE-5'-MONOPHOSPHATE"    ? 'C10 H14 N5 O8 P'   363.221 
GTP non-polymer   n "GUANOSINE-5'-TRIPHOSPHATE"     ? 'C10 H16 N5 O14 P3' 523.180 
SEY non-polymer   . selenourea                      ? 'C H4 N2 Se'        123.016 
THG non-polymer   . '(6S)-5,6,7,8-TETRAHYDROFOLATE' ? 'C19 H23 N7 O6'     445.429 
U   'RNA linking' y "URIDINE-5'-MONOPHOSPHATE"      ? 'C9 H13 N2 O9 P'    324.181 
# 
loop_
_pdbx_poly_seq_scheme.asym_id 
_pdbx_poly_seq_scheme.entity_id 
_pdbx_poly_seq_scheme.seq_id 
_pdbx_poly_seq_scheme.mon_id 
_pdbx_poly_seq_scheme.ndb_seq_num 
_pdbx_poly_seq_scheme.pdb_seq_num 
_pdbx_poly_seq_scheme.auth_seq_num 
_pdbx_poly_seq_scheme.pdb_mon_id 
_pdbx_poly_seq_scheme.auth_mon_id 
_pdbx_poly_seq_scheme.pdb_strand_id 
_pdbx_poly_seq_scheme.pdb_ins_code 
_pdbx_poly_seq_scheme.hetero 
A 1 1  GTP 1  6  6  GTP GTP V . n 
A 1 2  G   2  7  7  G   G   V . n 
A 1 3  C   3  8  8  C   C   V . n 
A 1 4  G   4  9  9  G   G   V . n 
A 1 5  U   5  10 10 U   U   V . n 
A 1 6  G   6  11 11 G   G   V . n 
A 1 7  G   7  12 12 G   G   V . n 
A 1 8  U   8  13 13 U   U   V . n 
A 1 9  C   9  14 14 C   C   V . n 
A 1 10 C   10 15 15 C   C   V . n 
A 1 11 G   11 16 16 G   G   V . n 
A 1 12 U   12 17 17 U   U   V . n 
A 1 13 U   13 18 18 U   U   V . n 
A 1 14 C   14 19 19 C   C   V . n 
A 1 15 A   15 20 20 A   A   V . n 
A 1 16 A   16 21 21 A   A   V . n 
A 1 17 C   17 22 22 C   C   V . n 
A 1 18 U   18 23 23 U   U   V . n 
A 1 19 C   19 24 24 C   C   V . n 
A 1 20 G   20 25 25 G   G   V . n 
A 1 21 U   21 26 26 U   U   V . n 
A 1 22 U   22 27 27 U   U   V . n 
A 1 23 C   23 28 28 C   C   V . n 
A 1 24 C   24 29 29 C   C   V . n 
A 1 25 U   25 30 30 U   U   V . n 
A 1 26 C   26 31 31 C   C   V . n 
A 1 27 G   27 32 32 G   G   V . n 
A 1 28 A   28 33 33 A   A   V . n 
A 1 29 A   29 34 34 A   A   V . n 
A 1 30 A   30 35 35 A   A   V . n 
A 1 31 G   31 37 37 G   G   V . n 
A 1 32 A   32 38 38 A   A   V . n 
A 1 33 G   33 39 39 G   G   V . n 
A 1 34 G   34 40 40 G   G   V . n 
A 1 35 A   35 41 41 A   A   V . n 
A 1 36 A   36 42 42 A   A   V . n 
A 1 37 C   37 43 43 C   C   V . n 
A 1 38 U   38 44 44 U   U   V . n 
A 1 39 A   39 45 45 A   A   V . n 
A 1 40 C   40 46 46 C   C   V . n 
A 1 41 G   41 47 47 G   G   V . n 
A 1 42 G   42 48 48 G   G   V . n 
A 1 43 G   43 49 49 G   G   V . n 
A 1 44 A   44 50 50 A   A   V . n 
A 1 45 G   45 51 51 G   G   V . n 
A 1 46 A   46 52 52 A   A   V . n 
A 1 47 C   47 53 53 C   C   V . n 
A 1 48 G   48 54 54 G   G   V . n 
A 1 49 C   49 55 55 C   C   V . n 
A 1 50 C   50 56 56 C   C   V . n 
# 
loop_
_pdbx_nonpoly_scheme.asym_id 
_pdbx_nonpoly_scheme.entity_id 
_pdbx_nonpoly_scheme.mon_id 
_pdbx_nonpoly_scheme.ndb_seq_num 
_pdbx_nonpoly_scheme.pdb_seq_num 
_pdbx_nonpoly_scheme.auth_seq_num 
_pdbx_nonpoly_scheme.pdb_mon_id 
_pdbx_nonpoly_scheme.auth_mon_id 
_pdbx_nonpoly_scheme.pdb_strand_id 
_pdbx_nonpoly_scheme.pdb_ins_code 
B 2 THG 1 101 101 THG THG V . 
C 3 SEY 1 102 201 SEY SEY V . 
D 3 SEY 1 103 301 SEY SEY V . 
E 3 SEY 1 104 401 SEY SEY V . 
F 3 SEY 1 105 501 SEY SEY V . 
# 
loop_
_pdbx_unobs_or_zero_occ_atoms.id 
_pdbx_unobs_or_zero_occ_atoms.PDB_model_num 
_pdbx_unobs_or_zero_occ_atoms.polymer_flag 
_pdbx_unobs_or_zero_occ_atoms.occupancy_flag 
_pdbx_unobs_or_zero_occ_atoms.auth_asym_id 
_pdbx_unobs_or_zero_occ_atoms.auth_comp_id 
_pdbx_unobs_or_zero_occ_atoms.auth_seq_id 
_pdbx_unobs_or_zero_occ_atoms.PDB_ins_code 
_pdbx_unobs_or_zero_occ_atoms.auth_atom_id 
_pdbx_unobs_or_zero_occ_atoms.label_alt_id 
_pdbx_unobs_or_zero_occ_atoms.label_asym_id 
_pdbx_unobs_or_zero_occ_atoms.label_comp_id 
_pdbx_unobs_or_zero_occ_atoms.label_seq_id 
_pdbx_unobs_or_zero_occ_atoms.label_atom_id 
1  1 Y 1 V GTP 6   ? PG    ? A GTP 1 PG    
2  1 Y 1 V GTP 6   ? O1G   ? A GTP 1 O1G   
3  1 Y 1 V GTP 6   ? O2G   ? A GTP 1 O2G   
4  1 Y 1 V GTP 6   ? O3G   ? A GTP 1 O3G   
5  1 N 1 V THG 101 ? N10   ? B THG 1 N10   
6  1 N 1 V THG 101 ? "C4'" ? B THG 1 "C4'" 
7  1 N 1 V THG 101 ? "C3'" ? B THG 1 "C3'" 
8  1 N 1 V THG 101 ? "C2'" ? B THG 1 "C2'" 
9  1 N 1 V THG 101 ? "C1'" ? B THG 1 "C1'" 
10 1 N 1 V THG 101 ? "C6'" ? B THG 1 "C6'" 
11 1 N 1 V THG 101 ? "C5'" ? B THG 1 "C5'" 
12 1 N 1 V THG 101 ? C11   ? B THG 1 C11   
13 1 N 1 V THG 101 ? N     ? B THG 1 N     
14 1 N 1 V THG 101 ? CA    ? B THG 1 CA    
15 1 N 1 V THG 101 ? C     ? B THG 1 C     
16 1 N 1 V THG 101 ? OX2   ? B THG 1 OX2   
17 1 N 1 V THG 101 ? OX1   ? B THG 1 OX1   
18 1 N 1 V THG 101 ? CB    ? B THG 1 CB    
19 1 N 1 V THG 101 ? CG    ? B THG 1 CG    
20 1 N 1 V THG 101 ? CD    ? B THG 1 CD    
21 1 N 1 V THG 101 ? OE1   ? B THG 1 OE1   
22 1 N 1 V THG 101 ? OE2   ? B THG 1 OE2   
23 1 N 1 V THG 101 ? O11   ? B THG 1 O11   
# 
loop_
_software.citation_id 
_software.classification 
_software.compiler_name 
_software.compiler_version 
_software.contact_author 
_software.contact_author_email 
_software.date 
_software.description 
_software.dependencies 
_software.hardware 
_software.language 
_software.location 
_software.mods 
_software.name 
_software.os 
_software.os_version 
_software.type 
_software.version 
_software.pdbx_ordinal 
? refinement        ? ? ? ? ? ? ? ? ? ? ? PHENIX      ? ? ? 1.17.1_3660 1 
? 'data scaling'    ? ? ? ? ? ? ? ? ? ? ? XSCALE      ? ? ? .           2 
? 'data extraction' ? ? ? ? ? ? ? ? ? ? ? PDB_EXTRACT ? ? ? 3.27        3 
? 'data reduction'  ? ? ? ? ? ? ? ? ? ? ? XDS         ? ? ? .           4 
? phasing           ? ? ? ? ? ? ? ? ? ? ? AutoSol     ? ? ? .           5 
# 
_cell.angle_alpha                  90.000 
_cell.angle_alpha_esd              ? 
_cell.angle_beta                   90.000 
_cell.angle_beta_esd               ? 
_cell.angle_gamma                  120.000 
_cell.angle_gamma_esd              ? 
_cell.entry_id                     7WI9 
_cell.details                      ? 
_cell.formula_units_Z              ? 
_cell.length_a                     66.647 
_cell.length_a_esd                 ? 
_cell.length_b                     66.647 
_cell.length_b_esd                 ? 
_cell.length_c                     92.480 
_cell.length_c_esd                 ? 
_cell.volume                       355745.703 
_cell.volume_esd                   ? 
_cell.Z_PDB                        6 
_cell.reciprocal_angle_alpha       ? 
_cell.reciprocal_angle_beta        ? 
_cell.reciprocal_angle_gamma       ? 
_cell.reciprocal_angle_alpha_esd   ? 
_cell.reciprocal_angle_beta_esd    ? 
_cell.reciprocal_angle_gamma_esd   ? 
_cell.reciprocal_length_a          ? 
_cell.reciprocal_length_b          ? 
_cell.reciprocal_length_c          ? 
_cell.reciprocal_length_a_esd      ? 
_cell.reciprocal_length_b_esd      ? 
_cell.reciprocal_length_c_esd      ? 
_cell.pdbx_unique_axis             ? 
_cell.pdbx_esd_method              ? 
# 
_symmetry.entry_id                         7WI9 
_symmetry.cell_setting                     ? 
_symmetry.Int_Tables_number                152 
_symmetry.space_group_name_Hall            
;P 31 2"
;
_symmetry.space_group_name_H-M             'P 31 2 1' 
_symmetry.pdbx_full_space_group_name_H-M   ? 
# 
_exptl.absorpt_coefficient_mu     ? 
_exptl.absorpt_correction_T_max   ? 
_exptl.absorpt_correction_T_min   ? 
_exptl.absorpt_correction_type    ? 
_exptl.absorpt_process_details    ? 
_exptl.entry_id                   7WI9 
_exptl.crystals_number            1 
_exptl.details                    ? 
_exptl.method                     'X-RAY DIFFRACTION' 
_exptl.method_details             ? 
# 
_exptl_crystal.colour                       ? 
_exptl_crystal.density_diffrn               ? 
_exptl_crystal.density_Matthews             3.66 
_exptl_crystal.density_method               ? 
_exptl_crystal.density_percent_sol          66.38 
_exptl_crystal.description                  ? 
_exptl_crystal.F_000                        ? 
_exptl_crystal.id                           1 
_exptl_crystal.preparation                  ? 
_exptl_crystal.size_max                     ? 
_exptl_crystal.size_mid                     ? 
_exptl_crystal.size_min                     ? 
_exptl_crystal.size_rad                     ? 
_exptl_crystal.colour_lustre                ? 
_exptl_crystal.colour_modifier              ? 
_exptl_crystal.colour_primary               ? 
_exptl_crystal.density_meas                 ? 
_exptl_crystal.density_meas_esd             ? 
_exptl_crystal.density_meas_gt              ? 
_exptl_crystal.density_meas_lt              ? 
_exptl_crystal.density_meas_temp            ? 
_exptl_crystal.density_meas_temp_esd        ? 
_exptl_crystal.density_meas_temp_gt         ? 
_exptl_crystal.density_meas_temp_lt         ? 
_exptl_crystal.pdbx_crystal_image_url       ? 
_exptl_crystal.pdbx_crystal_image_format    ? 
_exptl_crystal.pdbx_mosaicity               ? 
_exptl_crystal.pdbx_mosaicity_esd           ? 
_exptl_crystal.pdbx_mosaic_method           ? 
_exptl_crystal.pdbx_mosaic_block_size       ? 
_exptl_crystal.pdbx_mosaic_block_size_esd   ? 
# 
_exptl_crystal_grow.apparatus       ? 
_exptl_crystal_grow.atmosphere      ? 
_exptl_crystal_grow.crystal_id      1 
_exptl_crystal_grow.details         ? 
_exptl_crystal_grow.method          'VAPOR DIFFUSION, HANGING DROP' 
_exptl_crystal_grow.method_ref      ? 
_exptl_crystal_grow.pH              ? 
_exptl_crystal_grow.pressure        ? 
_exptl_crystal_grow.pressure_esd    ? 
_exptl_crystal_grow.seeding         ? 
_exptl_crystal_grow.seeding_ref     ? 
_exptl_crystal_grow.temp_details    ? 
_exptl_crystal_grow.temp_esd        ? 
_exptl_crystal_grow.time            ? 
_exptl_crystal_grow.pdbx_details    '100mM sodium citrate, pH6.5, 1.5-2.5M Ammonium Sulfate' 
_exptl_crystal_grow.pdbx_pH_range   ? 
_exptl_crystal_grow.temp            291 
# 
_diffrn.ambient_environment              ? 
_diffrn.ambient_temp                     100 
_diffrn.ambient_temp_details             ? 
_diffrn.ambient_temp_esd                 ? 
_diffrn.crystal_id                       1 
_diffrn.crystal_support                  ? 
_diffrn.crystal_treatment                ? 
_diffrn.details                          ? 
_diffrn.id                               1 
_diffrn.ambient_pressure                 ? 
_diffrn.ambient_pressure_esd             ? 
_diffrn.ambient_pressure_gt              ? 
_diffrn.ambient_pressure_lt              ? 
_diffrn.ambient_temp_gt                  ? 
_diffrn.ambient_temp_lt                  ? 
_diffrn.pdbx_serial_crystal_experiment   N 
# 
_diffrn_detector.details                      ? 
_diffrn_detector.detector                     PIXEL 
_diffrn_detector.diffrn_id                    1 
_diffrn_detector.type                         'DECTRIS PILATUS 6M' 
_diffrn_detector.area_resol_mean              ? 
_diffrn_detector.dtime                        ? 
_diffrn_detector.pdbx_frames_total            ? 
_diffrn_detector.pdbx_collection_time_total   ? 
_diffrn_detector.pdbx_collection_date         2021-06-05 
_diffrn_detector.pdbx_frequency               ? 
# 
_diffrn_radiation.collimation                      ? 
_diffrn_radiation.diffrn_id                        1 
_diffrn_radiation.filter_edge                      ? 
_diffrn_radiation.inhomogeneity                    ? 
_diffrn_radiation.monochromator                    ? 
_diffrn_radiation.polarisn_norm                    ? 
_diffrn_radiation.polarisn_ratio                   ? 
_diffrn_radiation.probe                            ? 
_diffrn_radiation.type                             ? 
_diffrn_radiation.xray_symbol                      ? 
_diffrn_radiation.wavelength_id                    1 
_diffrn_radiation.pdbx_monochromatic_or_laue_m_l   M 
_diffrn_radiation.pdbx_wavelength_list             ? 
_diffrn_radiation.pdbx_wavelength                  ? 
_diffrn_radiation.pdbx_diffrn_protocol             'SINGLE WAVELENGTH' 
_diffrn_radiation.pdbx_analyzer                    ? 
_diffrn_radiation.pdbx_scattering_type             x-ray 
# 
_diffrn_radiation_wavelength.id           1 
_diffrn_radiation_wavelength.wavelength   0.979 
_diffrn_radiation_wavelength.wt           1.0 
# 
_diffrn_source.current                     ? 
_diffrn_source.details                     ? 
_diffrn_source.diffrn_id                   1 
_diffrn_source.power                       ? 
_diffrn_source.size                        ? 
_diffrn_source.source                      SYNCHROTRON 
_diffrn_source.target                      ? 
_diffrn_source.type                        'SSRF BEAMLINE BL18U1' 
_diffrn_source.voltage                     ? 
_diffrn_source.take-off_angle              ? 
_diffrn_source.pdbx_wavelength_list        0.979 
_diffrn_source.pdbx_wavelength             ? 
_diffrn_source.pdbx_synchrotron_beamline   BL18U1 
_diffrn_source.pdbx_synchrotron_site       SSRF 
# 
_reflns.B_iso_Wilson_estimate                          83.86 
_reflns.entry_id                                       7WI9 
_reflns.data_reduction_details                         ? 
_reflns.data_reduction_method                          ? 
_reflns.d_resolution_high                              2.98 
_reflns.d_resolution_low                               50 
_reflns.details                                        ? 
_reflns.limit_h_max                                    ? 
_reflns.limit_h_min                                    ? 
_reflns.limit_k_max                                    ? 
_reflns.limit_k_min                                    ? 
_reflns.limit_l_max                                    ? 
_reflns.limit_l_min                                    ? 
_reflns.number_all                                     ? 
_reflns.number_obs                                     9359 
_reflns.observed_criterion                             ? 
_reflns.observed_criterion_F_max                       ? 
_reflns.observed_criterion_F_min                       ? 
_reflns.observed_criterion_I_max                       ? 
_reflns.observed_criterion_I_min                       ? 
_reflns.observed_criterion_sigma_F                     ? 
_reflns.observed_criterion_sigma_I                     ? 
_reflns.percent_possible_obs                           99.9 
_reflns.R_free_details                                 ? 
_reflns.Rmerge_F_all                                   ? 
_reflns.Rmerge_F_obs                                   ? 
_reflns.Friedel_coverage                               ? 
_reflns.number_gt                                      ? 
_reflns.threshold_expression                           ? 
_reflns.pdbx_redundancy                                18.9 
_reflns.pdbx_netI_over_av_sigmaI                       ? 
_reflns.pdbx_netI_over_sigmaI                          13.64 
_reflns.pdbx_res_netI_over_av_sigmaI_2                 ? 
_reflns.pdbx_res_netI_over_sigmaI_2                    ? 
_reflns.pdbx_chi_squared                               ? 
_reflns.pdbx_scaling_rejects                           ? 
_reflns.pdbx_d_res_high_opt                            ? 
_reflns.pdbx_d_res_low_opt                             ? 
_reflns.pdbx_d_res_opt_method                          ? 
_reflns.phase_calculation_details                      ? 
_reflns.pdbx_Rrim_I_all                                0.111 
_reflns.pdbx_Rpim_I_all                                ? 
_reflns.pdbx_d_opt                                     ? 
_reflns.pdbx_number_measured_all                       ? 
_reflns.pdbx_diffrn_id                                 1 
_reflns.pdbx_ordinal                                   1 
_reflns.pdbx_CC_half                                   0.9990000000000001 
_reflns.pdbx_CC_star                                   ? 
_reflns.pdbx_R_split                                   ? 
_reflns.pdbx_Rmerge_I_obs                              0.105 
_reflns.pdbx_Rmerge_I_all                              ? 
_reflns.pdbx_Rsym_value                                ? 
_reflns.pdbx_CC_split_method                           ? 
_reflns.pdbx_aniso_diffraction_limit_axis_1_ortho[1]   ? 
_reflns.pdbx_aniso_diffraction_limit_axis_1_ortho[2]   ? 
_reflns.pdbx_aniso_diffraction_limit_axis_1_ortho[3]   ? 
_reflns.pdbx_aniso_diffraction_limit_axis_2_ortho[1]   ? 
_reflns.pdbx_aniso_diffraction_limit_axis_2_ortho[2]   ? 
_reflns.pdbx_aniso_diffraction_limit_axis_2_ortho[3]   ? 
_reflns.pdbx_aniso_diffraction_limit_axis_3_ortho[1]   ? 
_reflns.pdbx_aniso_diffraction_limit_axis_3_ortho[2]   ? 
_reflns.pdbx_aniso_diffraction_limit_axis_3_ortho[3]   ? 
_reflns.pdbx_aniso_diffraction_limit_1                 ? 
_reflns.pdbx_aniso_diffraction_limit_2                 ? 
_reflns.pdbx_aniso_diffraction_limit_3                 ? 
_reflns.pdbx_aniso_B_tensor_eigenvector_1_ortho[1]     ? 
_reflns.pdbx_aniso_B_tensor_eigenvector_1_ortho[2]     ? 
_reflns.pdbx_aniso_B_tensor_eigenvector_1_ortho[3]     ? 
_reflns.pdbx_aniso_B_tensor_eigenvector_2_ortho[1]     ? 
_reflns.pdbx_aniso_B_tensor_eigenvector_2_ortho[2]     ? 
_reflns.pdbx_aniso_B_tensor_eigenvector_2_ortho[3]     ? 
_reflns.pdbx_aniso_B_tensor_eigenvector_3_ortho[1]     ? 
_reflns.pdbx_aniso_B_tensor_eigenvector_3_ortho[2]     ? 
_reflns.pdbx_aniso_B_tensor_eigenvector_3_ortho[3]     ? 
_reflns.pdbx_aniso_B_tensor_eigenvalue_1               ? 
_reflns.pdbx_aniso_B_tensor_eigenvalue_2               ? 
_reflns.pdbx_aniso_B_tensor_eigenvalue_3               ? 
_reflns.pdbx_orthogonalization_convention              ? 
_reflns.pdbx_percent_possible_ellipsoidal              ? 
_reflns.pdbx_percent_possible_spherical                ? 
_reflns.pdbx_percent_possible_ellipsoidal_anomalous    ? 
_reflns.pdbx_percent_possible_spherical_anomalous      ? 
_reflns.pdbx_redundancy_anomalous                      ? 
_reflns.pdbx_CC_half_anomalous                         ? 
_reflns.pdbx_absDiff_over_sigma_anomalous              ? 
_reflns.pdbx_percent_possible_anomalous                ? 
_reflns.pdbx_observed_signal_threshold                 ? 
_reflns.pdbx_signal_type                               ? 
_reflns.pdbx_signal_details                            ? 
_reflns.pdbx_signal_software_id                        ? 
# 
loop_
_reflns_shell.d_res_high 
_reflns_shell.d_res_low 
_reflns_shell.meanI_over_sigI_all 
_reflns_shell.meanI_over_sigI_obs 
_reflns_shell.number_measured_all 
_reflns_shell.number_measured_obs 
_reflns_shell.number_possible 
_reflns_shell.number_unique_all 
_reflns_shell.number_unique_obs 
_reflns_shell.percent_possible_obs 
_reflns_shell.Rmerge_F_all 
_reflns_shell.Rmerge_F_obs 
_reflns_shell.meanI_over_sigI_gt 
_reflns_shell.meanI_over_uI_all 
_reflns_shell.meanI_over_uI_gt 
_reflns_shell.number_measured_gt 
_reflns_shell.number_unique_gt 
_reflns_shell.percent_possible_gt 
_reflns_shell.Rmerge_F_gt 
_reflns_shell.Rmerge_I_gt 
_reflns_shell.pdbx_redundancy 
_reflns_shell.pdbx_chi_squared 
_reflns_shell.pdbx_netI_over_sigmaI_all 
_reflns_shell.pdbx_netI_over_sigmaI_obs 
_reflns_shell.pdbx_Rrim_I_all 
_reflns_shell.pdbx_Rpim_I_all 
_reflns_shell.pdbx_rejects 
_reflns_shell.pdbx_ordinal 
_reflns_shell.pdbx_diffrn_id 
_reflns_shell.pdbx_CC_half 
_reflns_shell.pdbx_CC_star 
_reflns_shell.pdbx_R_split 
_reflns_shell.percent_possible_all 
_reflns_shell.Rmerge_I_all 
_reflns_shell.Rmerge_I_obs 
_reflns_shell.pdbx_Rsym_value 
_reflns_shell.pdbx_percent_possible_ellipsoidal 
_reflns_shell.pdbx_percent_possible_spherical 
_reflns_shell.pdbx_percent_possible_ellipsoidal_anomalous 
_reflns_shell.pdbx_percent_possible_spherical_anomalous 
_reflns_shell.pdbx_redundancy_anomalous 
_reflns_shell.pdbx_CC_half_anomalous 
_reflns_shell.pdbx_absDiff_over_sigma_anomalous 
_reflns_shell.pdbx_percent_possible_anomalous 
2.98 3.16 ? ? ? ? ? ? 1534 ? ? ? ? ? ? ? ? ? ? ? ? ? ? ? 1.099                ? ? 1 1 0.899              ? ? ? ? 1.044 ? ? ? ? ? ? 
? ? ? 
3.16 3.38 ? ? ? ? ? ? 1395 ? ? ? ? ? ? ? ? ? ? ? ? ? ? ? 0.452                ? ? 2 1 0.982              ? ? ? ? 0.43 ? ? ? ? ? ? 
? ? ? 
3.38 3.65 ? ? ? ? ? ? 1315 ? ? ? ? ? ? ? ? ? ? ? ? ? ? ? 0.32899999999999996  ? ? 3 1 0.99               ? ? ? ? 0.312 ? ? ? ? ? ? 
? ? ? 
3.65 4.0  ? ? ? ? ? ? 1224 ? ? ? ? ? ? ? ? ? ? ? ? ? ? ? 0.19699999999999998  ? ? 4 1 0.995              ? ? ? ? 0.187 ? ? ? ? ? ? 
? ? ? 
4.00 4.46 ? ? ? ? ? ? 1098 ? ? ? ? ? ? ? ? ? ? ? ? ? ? ? 0.13                 ? ? 5 1 0.997              ? ? ? ? 0.124 ? ? ? ? ? ? 
? ? ? 
4.46 5.15 ? ? ? ? ? ? 974  ? ? ? ? ? ? ? ? ? ? ? ? ? ? ? 0.111                ? ? 6 1 0.996              ? ? ? ? 0.105 ? ? ? ? ? ? 
? ? ? 
5.15 6.29 ? ? ? ? ? ? 817  ? ? ? ? ? ? ? ? ? ? ? ? ? ? ? 0.081                ? ? 7 1 0.997              ? ? ? ? 0.077 ? ? ? ? ? ? 
? ? ? 
6.29 8.82 ? ? ? ? ? ? 644  ? ? ? ? ? ? ? ? ? ? ? ? ? ? ? 0.057999999999999996 ? ? 8 1 0.9990000000000001 ? ? ? ? 
0.055999999999999994 ? ? ? ? ? ? ? ? ? 
8.82 50   ? ? ? ? ? ? 358  ? ? ? ? ? ? ? ? ? ? ? ? ? ? ? 0.049                ? ? 9 1 0.9990000000000001 ? ? ? ? 0.046 ? ? ? ? ? ? 
? ? ? 
# 
_refine.aniso_B[1][1]                            ? 
_refine.aniso_B[1][2]                            ? 
_refine.aniso_B[1][3]                            ? 
_refine.aniso_B[2][2]                            ? 
_refine.aniso_B[2][3]                            ? 
_refine.aniso_B[3][3]                            ? 
_refine.B_iso_max                                ? 
_refine.B_iso_mean                               101.26 
_refine.B_iso_min                                ? 
_refine.correlation_coeff_Fo_to_Fc               ? 
_refine.correlation_coeff_Fo_to_Fc_free          ? 
_refine.details                                  ? 
_refine.diff_density_max                         ? 
_refine.diff_density_max_esd                     ? 
_refine.diff_density_min                         ? 
_refine.diff_density_min_esd                     ? 
_refine.diff_density_rms                         ? 
_refine.diff_density_rms_esd                     ? 
_refine.entry_id                                 7WI9 
_refine.pdbx_refine_id                           'X-RAY DIFFRACTION' 
_refine.ls_abs_structure_details                 ? 
_refine.ls_abs_structure_Flack                   ? 
_refine.ls_abs_structure_Flack_esd               ? 
_refine.ls_abs_structure_Rogers                  ? 
_refine.ls_abs_structure_Rogers_esd              ? 
_refine.ls_d_res_high                            2.98 
_refine.ls_d_res_low                             48.96 
_refine.ls_extinction_coef                       ? 
_refine.ls_extinction_coef_esd                   ? 
_refine.ls_extinction_expression                 ? 
_refine.ls_extinction_method                     ? 
_refine.ls_goodness_of_fit_all                   ? 
_refine.ls_goodness_of_fit_all_esd               ? 
_refine.ls_goodness_of_fit_obs                   ? 
_refine.ls_goodness_of_fit_obs_esd               ? 
_refine.ls_hydrogen_treatment                    ? 
_refine.ls_matrix_type                           ? 
_refine.ls_number_constraints                    ? 
_refine.ls_number_parameters                     ? 
_refine.ls_number_reflns_all                     ? 
_refine.ls_number_reflns_obs                     9345 
_refine.ls_number_reflns_R_free                  466 
_refine.ls_number_reflns_R_work                  8879 
_refine.ls_number_restraints                     ? 
_refine.ls_percent_reflns_obs                    99.77 
_refine.ls_percent_reflns_R_free                 4.99 
_refine.ls_R_factor_all                          ? 
_refine.ls_R_factor_obs                          0.2124 
_refine.ls_R_factor_R_free                       0.2300 
_refine.ls_R_factor_R_free_error                 ? 
_refine.ls_R_factor_R_free_error_details         ? 
_refine.ls_R_factor_R_work                       0.2113 
_refine.ls_R_Fsqd_factor_obs                     ? 
_refine.ls_R_I_factor_obs                        ? 
_refine.ls_redundancy_reflns_all                 ? 
_refine.ls_redundancy_reflns_obs                 ? 
_refine.ls_restrained_S_all                      ? 
_refine.ls_restrained_S_obs                      ? 
_refine.ls_shift_over_esd_max                    ? 
_refine.ls_shift_over_esd_mean                   ? 
_refine.ls_structure_factor_coef                 ? 
_refine.ls_weighting_details                     ? 
_refine.ls_weighting_scheme                      ? 
_refine.ls_wR_factor_all                         ? 
_refine.ls_wR_factor_obs                         ? 
_refine.ls_wR_factor_R_free                      ? 
_refine.ls_wR_factor_R_work                      ? 
_refine.occupancy_max                            ? 
_refine.occupancy_min                            ? 
_refine.solvent_model_details                    'FLAT BULK SOLVENT MODEL' 
_refine.solvent_model_param_bsol                 ? 
_refine.solvent_model_param_ksol                 ? 
_refine.pdbx_R_complete                          ? 
_refine.ls_R_factor_gt                           ? 
_refine.ls_goodness_of_fit_gt                    ? 
_refine.ls_goodness_of_fit_ref                   ? 
_refine.ls_shift_over_su_max                     ? 
_refine.ls_shift_over_su_max_lt                  ? 
_refine.ls_shift_over_su_mean                    ? 
_refine.ls_shift_over_su_mean_lt                 ? 
_refine.pdbx_ls_sigma_I                          ? 
_refine.pdbx_ls_sigma_F                          1.33 
_refine.pdbx_ls_sigma_Fsqd                       ? 
_refine.pdbx_data_cutoff_high_absF               ? 
_refine.pdbx_data_cutoff_high_rms_absF           ? 
_refine.pdbx_data_cutoff_low_absF                ? 
_refine.pdbx_isotropic_thermal_model             ? 
_refine.pdbx_ls_cross_valid_method               'FREE R-VALUE' 
_refine.pdbx_method_to_determine_struct          SAD 
_refine.pdbx_starting_model                      ? 
_refine.pdbx_stereochemistry_target_values       'GeoStd + Monomer Library + CDL v1.2' 
_refine.pdbx_R_Free_selection_details            ? 
_refine.pdbx_stereochem_target_val_spec_case     ? 
_refine.pdbx_overall_ESU_R                       ? 
_refine.pdbx_overall_ESU_R_Free                  ? 
_refine.pdbx_solvent_vdw_probe_radii             1.1000 
_refine.pdbx_solvent_ion_probe_radii             ? 
_refine.pdbx_solvent_shrinkage_radii             0.9000 
_refine.pdbx_real_space_R                        ? 
_refine.pdbx_density_correlation                 ? 
_refine.pdbx_pd_number_of_powder_patterns        ? 
_refine.pdbx_pd_number_of_points                 ? 
_refine.pdbx_pd_meas_number_of_points            ? 
_refine.pdbx_pd_proc_ls_prof_R_factor            ? 
_refine.pdbx_pd_proc_ls_prof_wR_factor           ? 
_refine.pdbx_pd_Marquardt_correlation_coeff      ? 
_refine.pdbx_pd_Fsqrd_R_factor                   ? 
_refine.pdbx_pd_ls_matrix_band_width             ? 
_refine.pdbx_overall_phase_error                 33.0199 
_refine.pdbx_overall_SU_R_free_Cruickshank_DPI   ? 
_refine.pdbx_overall_SU_R_free_Blow_DPI          ? 
_refine.pdbx_overall_SU_R_Blow_DPI               ? 
_refine.pdbx_TLS_residual_ADP_flag               ? 
_refine.pdbx_diffrn_id                           1 
_refine.overall_SU_B                             ? 
_refine.overall_SU_ML                            0.1906 
_refine.overall_SU_R_Cruickshank_DPI             ? 
_refine.overall_SU_R_free                        ? 
_refine.overall_FOM_free_R_set                   ? 
_refine.overall_FOM_work_R_set                   ? 
_refine.pdbx_average_fsc_overall                 ? 
_refine.pdbx_average_fsc_work                    ? 
_refine.pdbx_average_fsc_free                    ? 
# 
_refine_hist.pdbx_refine_id                   'X-RAY DIFFRACTION' 
_refine_hist.cycle_id                         LAST 
_refine_hist.details                          ? 
_refine_hist.d_res_high                       2.98 
_refine_hist.d_res_low                        48.96 
_refine_hist.number_atoms_solvent             0 
_refine_hist.number_atoms_total               1104 
_refine_hist.number_reflns_all                ? 
_refine_hist.number_reflns_obs                ? 
_refine_hist.number_reflns_R_free             ? 
_refine_hist.number_reflns_R_work             ? 
_refine_hist.R_factor_all                     ? 
_refine_hist.R_factor_obs                     ? 
_refine_hist.R_factor_R_free                  ? 
_refine_hist.R_factor_R_work                  ? 
_refine_hist.pdbx_number_residues_total       ? 
_refine_hist.pdbx_B_iso_mean_ligand           ? 
_refine_hist.pdbx_B_iso_mean_solvent          ? 
_refine_hist.pdbx_number_atoms_protein        0 
_refine_hist.pdbx_number_atoms_nucleic_acid   1075 
_refine_hist.pdbx_number_atoms_ligand         29 
_refine_hist.pdbx_number_atoms_lipid          ? 
_refine_hist.pdbx_number_atoms_carb           ? 
_refine_hist.pdbx_pseudo_atom_details         ? 
# 
loop_
_refine_ls_restr.pdbx_refine_id 
_refine_ls_restr.criterion 
_refine_ls_restr.dev_ideal 
_refine_ls_restr.dev_ideal_target 
_refine_ls_restr.number 
_refine_ls_restr.rejects 
_refine_ls_restr.type 
_refine_ls_restr.weight 
_refine_ls_restr.pdbx_restraint_function 
'X-RAY DIFFRACTION' ? 0.0017  ? 1227 ? f_bond_d           ? ? 
'X-RAY DIFFRACTION' ? 0.5109  ? 1905 ? f_angle_d          ? ? 
'X-RAY DIFFRACTION' ? 0.0218  ? 252  ? f_chiral_restr     ? ? 
'X-RAY DIFFRACTION' ? 0.0018  ? 55   ? f_plane_restr      ? ? 
'X-RAY DIFFRACTION' ? 11.3309 ? 612  ? f_dihedral_angle_d ? ? 
# 
loop_
_refine_ls_shell.pdbx_refine_id 
_refine_ls_shell.d_res_high 
_refine_ls_shell.d_res_low 
_refine_ls_shell.number_reflns_all 
_refine_ls_shell.number_reflns_obs 
_refine_ls_shell.number_reflns_R_free 
_refine_ls_shell.number_reflns_R_work 
_refine_ls_shell.percent_reflns_obs 
_refine_ls_shell.percent_reflns_R_free 
_refine_ls_shell.R_factor_all 
_refine_ls_shell.R_factor_obs 
_refine_ls_shell.R_factor_R_free_error 
_refine_ls_shell.R_factor_R_work 
_refine_ls_shell.redundancy_reflns_all 
_refine_ls_shell.redundancy_reflns_obs 
_refine_ls_shell.wR_factor_all 
_refine_ls_shell.wR_factor_obs 
_refine_ls_shell.wR_factor_R_free 
_refine_ls_shell.wR_factor_R_work 
_refine_ls_shell.pdbx_R_complete 
_refine_ls_shell.pdbx_total_number_of_bins_used 
_refine_ls_shell.pdbx_phase_error 
_refine_ls_shell.pdbx_fsc_work 
_refine_ls_shell.pdbx_fsc_free 
_refine_ls_shell.R_factor_R_free 
'X-RAY DIFFRACTION' 2.98 3.41  . . 152 2937 99.58 . . . . 0.2811 . . . . . . . . . . . 0.3063 
'X-RAY DIFFRACTION' 3.42 4.30  . . 153 2976 99.87 . . . . 0.2344 . . . . . . . . . . . 0.2867 
'X-RAY DIFFRACTION' 4.31 48.96 . . 161 2966 99.84 . . . . 0.1852 . . . . . . . . . . . 0.1927 
# 
_struct.entry_id                     7WI9 
_struct.title                        'The THF-II riboswitch bound to THF and soaking with SeUrea' 
_struct.pdbx_model_details           ? 
_struct.pdbx_formula_weight          ? 
_struct.pdbx_formula_weight_method   ? 
_struct.pdbx_model_type_details      ? 
_struct.pdbx_CASP_flag               N 
# 
_struct_keywords.entry_id        7WI9 
_struct_keywords.text            'Holo form, RNA' 
_struct_keywords.pdbx_keywords   RNA 
# 
loop_
_struct_asym.id 
_struct_asym.pdbx_blank_PDB_chainid_flag 
_struct_asym.pdbx_modified 
_struct_asym.entity_id 
_struct_asym.details 
A N N 1 ? 
B N N 2 ? 
C N N 3 ? 
D N N 3 ? 
E N N 3 ? 
F N N 3 ? 
# 
_struct_ref.id                         1 
_struct_ref.db_name                    PDB 
_struct_ref.db_code                    7WI9 
_struct_ref.pdbx_db_accession          7WI9 
_struct_ref.pdbx_db_isoform            ? 
_struct_ref.entity_id                  1 
_struct_ref.pdbx_seq_one_letter_code   ? 
_struct_ref.pdbx_align_begin           1 
# 
_struct_ref_seq.align_id                      1 
_struct_ref_seq.ref_id                        1 
_struct_ref_seq.pdbx_PDB_id_code              7WI9 
_struct_ref_seq.pdbx_strand_id                V 
_struct_ref_seq.seq_align_beg                 1 
_struct_ref_seq.pdbx_seq_align_beg_ins_code   ? 
_struct_ref_seq.seq_align_end                 50 
_struct_ref_seq.pdbx_seq_align_end_ins_code   ? 
_struct_ref_seq.pdbx_db_accession             7WI9 
_struct_ref_seq.db_align_beg                  6 
_struct_ref_seq.pdbx_db_align_beg_ins_code    ? 
_struct_ref_seq.db_align_end                  56 
_struct_ref_seq.pdbx_db_align_end_ins_code    ? 
_struct_ref_seq.pdbx_auth_seq_align_beg       6 
_struct_ref_seq.pdbx_auth_seq_align_end       56 
# 
_pdbx_struct_assembly.id                   1 
_pdbx_struct_assembly.details              author_defined_assembly 
_pdbx_struct_assembly.method_details       ? 
_pdbx_struct_assembly.oligomeric_details   monomeric 
_pdbx_struct_assembly.oligomeric_count     1 
# 
_pdbx_struct_assembly_gen.assembly_id       1 
_pdbx_struct_assembly_gen.oper_expression   1 
_pdbx_struct_assembly_gen.asym_id_list      A,B,C,D,E,F 
# 
_pdbx_struct_assembly_auth_evidence.id                     1 
_pdbx_struct_assembly_auth_evidence.assembly_id            1 
_pdbx_struct_assembly_auth_evidence.experimental_support   none 
_pdbx_struct_assembly_auth_evidence.details                ? 
# 
_pdbx_struct_oper_list.id                   1 
_pdbx_struct_oper_list.type                 'identity operation' 
_pdbx_struct_oper_list.name                 1_555 
_pdbx_struct_oper_list.symmetry_operation   x,y,z 
_pdbx_struct_oper_list.matrix[1][1]         1.0000000000 
_pdbx_struct_oper_list.matrix[1][2]         0.0000000000 
_pdbx_struct_oper_list.matrix[1][3]         0.0000000000 
_pdbx_struct_oper_list.vector[1]            0.0000000000 
_pdbx_struct_oper_list.matrix[2][1]         0.0000000000 
_pdbx_struct_oper_list.matrix[2][2]         1.0000000000 
_pdbx_struct_oper_list.matrix[2][3]         0.0000000000 
_pdbx_struct_oper_list.vector[2]            0.0000000000 
_pdbx_struct_oper_list.matrix[3][1]         0.0000000000 
_pdbx_struct_oper_list.matrix[3][2]         0.0000000000 
_pdbx_struct_oper_list.matrix[3][3]         1.0000000000 
_pdbx_struct_oper_list.vector[3]            0.0000000000 
# 
loop_
_struct_conn.id 
_struct_conn.conn_type_id 
_struct_conn.pdbx_leaving_atom_flag 
_struct_conn.pdbx_PDB_id 
_struct_conn.ptnr1_label_asym_id 
_struct_conn.ptnr1_label_comp_id 
_struct_conn.ptnr1_label_seq_id 
_struct_conn.ptnr1_label_atom_id 
_struct_conn.pdbx_ptnr1_label_alt_id 
_struct_conn.pdbx_ptnr1_PDB_ins_code 
_struct_conn.pdbx_ptnr1_standard_comp_id 
_struct_conn.ptnr1_symmetry 
_struct_conn.ptnr2_label_asym_id 
_struct_conn.ptnr2_label_comp_id 
_struct_conn.ptnr2_label_seq_id 
_struct_conn.ptnr2_label_atom_id 
_struct_conn.pdbx_ptnr2_label_alt_id 
_struct_conn.pdbx_ptnr2_PDB_ins_code 
_struct_conn.ptnr1_auth_asym_id 
_struct_conn.ptnr1_auth_comp_id 
_struct_conn.ptnr1_auth_seq_id 
_struct_conn.ptnr2_auth_asym_id 
_struct_conn.ptnr2_auth_comp_id 
_struct_conn.ptnr2_auth_seq_id 
_struct_conn.ptnr2_symmetry 
_struct_conn.pdbx_ptnr3_label_atom_id 
_struct_conn.pdbx_ptnr3_label_seq_id 
_struct_conn.pdbx_ptnr3_label_comp_id 
_struct_conn.pdbx_ptnr3_label_asym_id 
_struct_conn.pdbx_ptnr3_label_alt_id 
_struct_conn.pdbx_ptnr3_PDB_ins_code 
_struct_conn.details 
_struct_conn.pdbx_dist_value 
_struct_conn.pdbx_value_order 
_struct_conn.pdbx_role 
covale1  covale both ? A GTP 1  "O3'" ? ? ? 1_555 A G 2  P  ? ? V GTP 6  V G 7  1_555 ? ? ? ? ? ? ?             1.602 ? ? 
hydrog1  hydrog ?    ? A GTP 1  N1    ? ? ? 1_555 A C 50 N3 ? ? V GTP 6  V C 56 1_555 ? ? ? ? ? ? WATSON-CRICK  ?     ? ? 
hydrog2  hydrog ?    ? A GTP 1  N2    ? ? ? 1_555 A C 50 O2 ? ? V GTP 6  V C 56 1_555 ? ? ? ? ? ? WATSON-CRICK  ?     ? ? 
hydrog3  hydrog ?    ? A GTP 1  O6    ? ? ? 1_555 A C 50 N4 ? ? V GTP 6  V C 56 1_555 ? ? ? ? ? ? WATSON-CRICK  ?     ? ? 
hydrog4  hydrog ?    ? A G   2  N1    ? ? ? 1_555 A C 49 N3 ? ? V G   7  V C 55 1_555 ? ? ? ? ? ? WATSON-CRICK  ?     ? ? 
hydrog5  hydrog ?    ? A G   2  N2    ? ? ? 1_555 A C 49 O2 ? ? V G   7  V C 55 1_555 ? ? ? ? ? ? WATSON-CRICK  ?     ? ? 
hydrog6  hydrog ?    ? A G   2  O6    ? ? ? 1_555 A C 49 N4 ? ? V G   7  V C 55 1_555 ? ? ? ? ? ? WATSON-CRICK  ?     ? ? 
hydrog7  hydrog ?    ? A C   3  N3    ? ? ? 1_555 A G 48 N1 ? ? V C   8  V G 54 1_555 ? ? ? ? ? ? WATSON-CRICK  ?     ? ? 
hydrog8  hydrog ?    ? A C   3  N4    ? ? ? 1_555 A G 48 O6 ? ? V C   8  V G 54 1_555 ? ? ? ? ? ? WATSON-CRICK  ?     ? ? 
hydrog9  hydrog ?    ? A C   3  O2    ? ? ? 1_555 A G 48 N2 ? ? V C   8  V G 54 1_555 ? ? ? ? ? ? WATSON-CRICK  ?     ? ? 
hydrog10 hydrog ?    ? A G   4  N1    ? ? ? 1_555 A C 47 N3 ? ? V G   9  V C 53 1_555 ? ? ? ? ? ? WATSON-CRICK  ?     ? ? 
hydrog11 hydrog ?    ? A G   4  N2    ? ? ? 1_555 A C 47 O2 ? ? V G   9  V C 53 1_555 ? ? ? ? ? ? WATSON-CRICK  ?     ? ? 
hydrog12 hydrog ?    ? A G   4  O6    ? ? ? 1_555 A C 47 N4 ? ? V G   9  V C 53 1_555 ? ? ? ? ? ? WATSON-CRICK  ?     ? ? 
hydrog13 hydrog ?    ? A U   5  N3    ? ? ? 1_555 A A 46 N1 ? ? V U   10 V A 52 1_555 ? ? ? ? ? ? WATSON-CRICK  ?     ? ? 
hydrog14 hydrog ?    ? A U   5  O4    ? ? ? 1_555 A A 46 N6 ? ? V U   10 V A 52 1_555 ? ? ? ? ? ? WATSON-CRICK  ?     ? ? 
hydrog15 hydrog ?    ? A G   6  N7    ? ? ? 1_555 A G 45 N2 ? ? V G   11 V G 51 1_555 ? ? ? ? ? ? TYPE_6_PAIR   ?     ? ? 
hydrog16 hydrog ?    ? A G   6  O6    ? ? ? 1_555 A G 45 N1 ? ? V G   11 V G 51 1_555 ? ? ? ? ? ? TYPE_6_PAIR   ?     ? ? 
hydrog17 hydrog ?    ? A G   7  N1    ? ? ? 1_555 A A 44 N1 ? ? V G   12 V A 50 1_555 ? ? ? ? ? ? TYPE_8_PAIR   ?     ? ? 
hydrog18 hydrog ?    ? A G   7  O6    ? ? ? 1_555 A A 44 N6 ? ? V G   12 V A 50 1_555 ? ? ? ? ? ? TYPE_8_PAIR   ?     ? ? 
hydrog19 hydrog ?    ? A U   8  N3    ? ? ? 1_555 A G 43 O6 ? ? V U   13 V G 49 1_555 ? ? ? ? ? ? TYPE_28_PAIR  ?     ? ? 
hydrog20 hydrog ?    ? A U   8  O2    ? ? ? 1_555 A G 43 N1 ? ? V U   13 V G 49 1_555 ? ? ? ? ? ? TYPE_28_PAIR  ?     ? ? 
hydrog21 hydrog ?    ? A C   9  N3    ? ? ? 1_555 A G 42 N1 ? ? V C   14 V G 48 1_555 ? ? ? ? ? ? WATSON-CRICK  ?     ? ? 
hydrog22 hydrog ?    ? A C   9  N4    ? ? ? 1_555 A G 42 O6 ? ? V C   14 V G 48 1_555 ? ? ? ? ? ? WATSON-CRICK  ?     ? ? 
hydrog23 hydrog ?    ? A C   9  O2    ? ? ? 1_555 A G 42 N2 ? ? V C   14 V G 48 1_555 ? ? ? ? ? ? WATSON-CRICK  ?     ? ? 
hydrog24 hydrog ?    ? A C   10 N3    ? ? ? 1_555 A G 41 N1 ? ? V C   15 V G 47 1_555 ? ? ? ? ? ? WATSON-CRICK  ?     ? ? 
hydrog25 hydrog ?    ? A C   10 N4    ? ? ? 1_555 A G 41 O6 ? ? V C   15 V G 47 1_555 ? ? ? ? ? ? WATSON-CRICK  ?     ? ? 
hydrog26 hydrog ?    ? A C   10 O2    ? ? ? 1_555 A G 41 N2 ? ? V C   15 V G 47 1_555 ? ? ? ? ? ? WATSON-CRICK  ?     ? ? 
hydrog27 hydrog ?    ? A G   11 N1    ? ? ? 1_555 A C 40 N3 ? ? V G   16 V C 46 1_555 ? ? ? ? ? ? WATSON-CRICK  ?     ? ? 
hydrog28 hydrog ?    ? A G   11 N2    ? ? ? 1_555 A C 40 O2 ? ? V G   16 V C 46 1_555 ? ? ? ? ? ? WATSON-CRICK  ?     ? ? 
hydrog29 hydrog ?    ? A G   11 O6    ? ? ? 1_555 A C 40 N4 ? ? V G   16 V C 46 1_555 ? ? ? ? ? ? WATSON-CRICK  ?     ? ? 
hydrog30 hydrog ?    ? A U   12 O2    ? ? ? 1_555 A A 15 N6 ? ? V U   17 V A 20 1_555 ? ? ? ? ? ? 'U-A PAIR'    ?     ? ? 
hydrog31 hydrog ?    ? A U   12 N3    ? ? ? 1_555 A A 39 N1 ? ? V U   17 V A 45 1_555 ? ? ? ? ? ? WATSON-CRICK  ?     ? ? 
hydrog32 hydrog ?    ? A U   12 O4    ? ? ? 1_555 A A 39 N6 ? ? V U   17 V A 45 1_555 ? ? ? ? ? ? WATSON-CRICK  ?     ? ? 
hydrog33 hydrog ?    ? A A   15 N6    ? ? ? 1_555 A C 40 O2 ? ? V A   20 V C 46 1_555 ? ? ? ? ? ? 'A-C MISPAIR' ?     ? ? 
hydrog34 hydrog ?    ? A A   16 N6    ? ? ? 1_555 A A 39 N3 ? ? V A   21 V A 45 1_555 ? ? ? ? ? ? 'A-A MISPAIR' ?     ? ? 
hydrog35 hydrog ?    ? A G   20 N1    ? ? ? 1_555 A C 37 N3 ? ? V G   25 V C 43 1_555 ? ? ? ? ? ? WATSON-CRICK  ?     ? ? 
hydrog36 hydrog ?    ? A G   20 N2    ? ? ? 1_555 A C 37 O2 ? ? V G   25 V C 43 1_555 ? ? ? ? ? ? WATSON-CRICK  ?     ? ? 
hydrog37 hydrog ?    ? A G   20 O6    ? ? ? 1_555 A C 37 N4 ? ? V G   25 V C 43 1_555 ? ? ? ? ? ? WATSON-CRICK  ?     ? ? 
hydrog38 hydrog ?    ? A U   21 N3    ? ? ? 1_555 A A 36 N1 ? ? V U   26 V A 42 1_555 ? ? ? ? ? ? WATSON-CRICK  ?     ? ? 
hydrog39 hydrog ?    ? A U   21 O4    ? ? ? 1_555 A A 36 N6 ? ? V U   26 V A 42 1_555 ? ? ? ? ? ? WATSON-CRICK  ?     ? ? 
hydrog40 hydrog ?    ? A U   22 N3    ? ? ? 1_555 A A 35 N1 ? ? V U   27 V A 41 1_555 ? ? ? ? ? ? WATSON-CRICK  ?     ? ? 
hydrog41 hydrog ?    ? A U   22 O4    ? ? ? 1_555 A A 35 N6 ? ? V U   27 V A 41 1_555 ? ? ? ? ? ? WATSON-CRICK  ?     ? ? 
hydrog42 hydrog ?    ? A C   23 N3    ? ? ? 1_555 A G 34 N1 ? ? V C   28 V G 40 1_555 ? ? ? ? ? ? WATSON-CRICK  ?     ? ? 
hydrog43 hydrog ?    ? A C   23 N4    ? ? ? 1_555 A G 34 O6 ? ? V C   28 V G 40 1_555 ? ? ? ? ? ? WATSON-CRICK  ?     ? ? 
hydrog44 hydrog ?    ? A C   23 O2    ? ? ? 1_555 A G 34 N2 ? ? V C   28 V G 40 1_555 ? ? ? ? ? ? WATSON-CRICK  ?     ? ? 
hydrog45 hydrog ?    ? A C   24 N3    ? ? ? 1_555 A G 33 N1 ? ? V C   29 V G 39 1_555 ? ? ? ? ? ? WATSON-CRICK  ?     ? ? 
hydrog46 hydrog ?    ? A C   24 N4    ? ? ? 1_555 A G 33 O6 ? ? V C   29 V G 39 1_555 ? ? ? ? ? ? WATSON-CRICK  ?     ? ? 
hydrog47 hydrog ?    ? A C   24 O2    ? ? ? 1_555 A G 33 N2 ? ? V C   29 V G 39 1_555 ? ? ? ? ? ? WATSON-CRICK  ?     ? ? 
hydrog48 hydrog ?    ? A U   25 N3    ? ? ? 1_555 A A 32 N1 ? ? V U   30 V A 38 1_555 ? ? ? ? ? ? WATSON-CRICK  ?     ? ? 
hydrog49 hydrog ?    ? A U   25 O4    ? ? ? 1_555 A A 32 N6 ? ? V U   30 V A 38 1_555 ? ? ? ? ? ? WATSON-CRICK  ?     ? ? 
hydrog50 hydrog ?    ? A C   26 N3    ? ? ? 1_555 A G 31 N1 ? ? V C   31 V G 37 1_555 ? ? ? ? ? ? WATSON-CRICK  ?     ? ? 
hydrog51 hydrog ?    ? A C   26 N4    ? ? ? 1_555 A G 31 O6 ? ? V C   31 V G 37 1_555 ? ? ? ? ? ? WATSON-CRICK  ?     ? ? 
hydrog52 hydrog ?    ? A C   26 O2    ? ? ? 1_555 A G 31 N2 ? ? V C   31 V G 37 1_555 ? ? ? ? ? ? WATSON-CRICK  ?     ? ? 
hydrog53 hydrog ?    ? A G   27 N2    ? ? ? 1_555 A A 30 N7 ? ? V G   32 V A 35 1_555 ? ? ? ? ? ? 'G-A MISPAIR' ?     ? ? 
# 
loop_
_struct_conn_type.id 
_struct_conn_type.criteria 
_struct_conn_type.reference 
covale ? ? 
hydrog ? ? 
# 
_pdbx_entry_details.entry_id                 7WI9 
_pdbx_entry_details.nonpolymer_details       ? 
_pdbx_entry_details.sequence_details         ? 
_pdbx_entry_details.compound_details         ? 
_pdbx_entry_details.source_details           ? 
_pdbx_entry_details.has_ligand_of_interest   Y 
# 
loop_
_chem_comp_atom.comp_id 
_chem_comp_atom.atom_id 
_chem_comp_atom.type_symbol 
_chem_comp_atom.pdbx_aromatic_flag 
_chem_comp_atom.pdbx_stereo_config 
_chem_comp_atom.pdbx_ordinal 
A   OP3    O  N N 1   
A   P      P  N N 2   
A   OP1    O  N N 3   
A   OP2    O  N N 4   
A   "O5'"  O  N N 5   
A   "C5'"  C  N N 6   
A   "C4'"  C  N R 7   
A   "O4'"  O  N N 8   
A   "C3'"  C  N S 9   
A   "O3'"  O  N N 10  
A   "C2'"  C  N R 11  
A   "O2'"  O  N N 12  
A   "C1'"  C  N R 13  
A   N9     N  Y N 14  
A   C8     C  Y N 15  
A   N7     N  Y N 16  
A   C5     C  Y N 17  
A   C6     C  Y N 18  
A   N6     N  N N 19  
A   N1     N  Y N 20  
A   C2     C  Y N 21  
A   N3     N  Y N 22  
A   C4     C  Y N 23  
A   HOP3   H  N N 24  
A   HOP2   H  N N 25  
A   "H5'"  H  N N 26  
A   "H5''" H  N N 27  
A   "H4'"  H  N N 28  
A   "H3'"  H  N N 29  
A   "HO3'" H  N N 30  
A   "H2'"  H  N N 31  
A   "HO2'" H  N N 32  
A   "H1'"  H  N N 33  
A   H8     H  N N 34  
A   H61    H  N N 35  
A   H62    H  N N 36  
A   H2     H  N N 37  
C   OP3    O  N N 38  
C   P      P  N N 39  
C   OP1    O  N N 40  
C   OP2    O  N N 41  
C   "O5'"  O  N N 42  
C   "C5'"  C  N N 43  
C   "C4'"  C  N R 44  
C   "O4'"  O  N N 45  
C   "C3'"  C  N S 46  
C   "O3'"  O  N N 47  
C   "C2'"  C  N R 48  
C   "O2'"  O  N N 49  
C   "C1'"  C  N R 50  
C   N1     N  N N 51  
C   C2     C  N N 52  
C   O2     O  N N 53  
C   N3     N  N N 54  
C   C4     C  N N 55  
C   N4     N  N N 56  
C   C5     C  N N 57  
C   C6     C  N N 58  
C   HOP3   H  N N 59  
C   HOP2   H  N N 60  
C   "H5'"  H  N N 61  
C   "H5''" H  N N 62  
C   "H4'"  H  N N 63  
C   "H3'"  H  N N 64  
C   "HO3'" H  N N 65  
C   "H2'"  H  N N 66  
C   "HO2'" H  N N 67  
C   "H1'"  H  N N 68  
C   H41    H  N N 69  
C   H42    H  N N 70  
C   H5     H  N N 71  
C   H6     H  N N 72  
G   OP3    O  N N 73  
G   P      P  N N 74  
G   OP1    O  N N 75  
G   OP2    O  N N 76  
G   "O5'"  O  N N 77  
G   "C5'"  C  N N 78  
G   "C4'"  C  N R 79  
G   "O4'"  O  N N 80  
G   "C3'"  C  N S 81  
G   "O3'"  O  N N 82  
G   "C2'"  C  N R 83  
G   "O2'"  O  N N 84  
G   "C1'"  C  N R 85  
G   N9     N  Y N 86  
G   C8     C  Y N 87  
G   N7     N  Y N 88  
G   C5     C  Y N 89  
G   C6     C  N N 90  
G   O6     O  N N 91  
G   N1     N  N N 92  
G   C2     C  N N 93  
G   N2     N  N N 94  
G   N3     N  N N 95  
G   C4     C  Y N 96  
G   HOP3   H  N N 97  
G   HOP2   H  N N 98  
G   "H5'"  H  N N 99  
G   "H5''" H  N N 100 
G   "H4'"  H  N N 101 
G   "H3'"  H  N N 102 
G   "HO3'" H  N N 103 
G   "H2'"  H  N N 104 
G   "HO2'" H  N N 105 
G   "H1'"  H  N N 106 
G   H8     H  N N 107 
G   H1     H  N N 108 
G   H21    H  N N 109 
G   H22    H  N N 110 
GTP PG     P  N N 111 
GTP O1G    O  N N 112 
GTP O2G    O  N N 113 
GTP O3G    O  N N 114 
GTP O3B    O  N N 115 
GTP PB     P  N N 116 
GTP O1B    O  N N 117 
GTP O2B    O  N N 118 
GTP O3A    O  N N 119 
GTP PA     P  N N 120 
GTP O1A    O  N N 121 
GTP O2A    O  N N 122 
GTP "O5'"  O  N N 123 
GTP "C5'"  C  N N 124 
GTP "C4'"  C  N R 125 
GTP "O4'"  O  N N 126 
GTP "C3'"  C  N S 127 
GTP "O3'"  O  N N 128 
GTP "C2'"  C  N R 129 
GTP "O2'"  O  N N 130 
GTP "C1'"  C  N R 131 
GTP N9     N  Y N 132 
GTP C8     C  Y N 133 
GTP N7     N  Y N 134 
GTP C5     C  Y N 135 
GTP C6     C  N N 136 
GTP O6     O  N N 137 
GTP N1     N  N N 138 
GTP C2     C  N N 139 
GTP N2     N  N N 140 
GTP N3     N  N N 141 
GTP C4     C  Y N 142 
GTP HOG2   H  N N 143 
GTP HOG3   H  N N 144 
GTP HOB2   H  N N 145 
GTP HOA2   H  N N 146 
GTP "H5'"  H  N N 147 
GTP "H5''" H  N N 148 
GTP "H4'"  H  N N 149 
GTP "H3'"  H  N N 150 
GTP "HO3'" H  N N 151 
GTP "H2'"  H  N N 152 
GTP "HO2'" H  N N 153 
GTP "H1'"  H  N N 154 
GTP H8     H  N N 155 
GTP HN1    H  N N 156 
GTP HN21   H  N N 157 
GTP HN22   H  N N 158 
SEY SE     SE N N 159 
SEY C      C  N N 160 
SEY N2     N  N N 161 
SEY N1     N  N N 162 
SEY H2     H  N N 163 
SEY H3     H  N N 164 
SEY H4     H  N N 165 
SEY H1     H  N N 166 
THG N3     N  Y N 167 
THG C2     C  Y N 168 
THG N1     N  Y N 169 
THG C8A    C  Y N 170 
THG C4A    C  Y N 171 
THG C4     C  Y N 172 
THG N8     N  N N 173 
THG C7     C  N N 174 
THG C6     C  N S 175 
THG N5     N  N N 176 
THG C9     C  N N 177 
THG N10    N  N N 178 
THG "C4'"  C  Y N 179 
THG "C3'"  C  Y N 180 
THG "C2'"  C  Y N 181 
THG "C1'"  C  Y N 182 
THG "C6'"  C  Y N 183 
THG "C5'"  C  Y N 184 
THG C11    C  N N 185 
THG N      N  N N 186 
THG CA     C  N S 187 
THG C      C  N N 188 
THG OX2    O  N N 189 
THG OX1    O  N N 190 
THG CB     C  N N 191 
THG CG     C  N N 192 
THG CD     C  N N 193 
THG OE1    O  N N 194 
THG OE2    O  N N 195 
THG O11    O  N N 196 
THG O4     O  N N 197 
THG N2     N  N N 198 
THG HN3    H  N N 199 
THG HN8    H  N N 200 
THG HC71   H  N N 201 
THG HC72   H  N N 202 
THG HC6    H  N N 203 
THG HN5    H  N N 204 
THG HC91   H  N N 205 
THG HC92   H  N N 206 
THG H10    H  N N 207 
THG HC3    H  N N 208 
THG HC2    H  N N 209 
THG HC61   H  N N 210 
THG HC5    H  N N 211 
THG HN     H  N N 212 
THG HCA    H  N N 213 
THG HX2    H  N N 214 
THG HCB1   H  N N 215 
THG HCB2   H  N N 216 
THG HCG1   H  N N 217 
THG HCG2   H  N N 218 
THG HE2    H  N N 219 
THG HN21   H  N N 220 
THG HN22   H  N N 221 
U   OP3    O  N N 222 
U   P      P  N N 223 
U   OP1    O  N N 224 
U   OP2    O  N N 225 
U   "O5'"  O  N N 226 
U   "C5'"  C  N N 227 
U   "C4'"  C  N R 228 
U   "O4'"  O  N N 229 
U   "C3'"  C  N S 230 
U   "O3'"  O  N N 231 
U   "C2'"  C  N R 232 
U   "O2'"  O  N N 233 
U   "C1'"  C  N R 234 
U   N1     N  N N 235 
U   C2     C  N N 236 
U   O2     O  N N 237 
U   N3     N  N N 238 
U   C4     C  N N 239 
U   O4     O  N N 240 
U   C5     C  N N 241 
U   C6     C  N N 242 
U   HOP3   H  N N 243 
U   HOP2   H  N N 244 
U   "H5'"  H  N N 245 
U   "H5''" H  N N 246 
U   "H4'"  H  N N 247 
U   "H3'"  H  N N 248 
U   "HO3'" H  N N 249 
U   "H2'"  H  N N 250 
U   "HO2'" H  N N 251 
U   "H1'"  H  N N 252 
U   H3     H  N N 253 
U   H5     H  N N 254 
U   H6     H  N N 255 
# 
loop_
_chem_comp_bond.comp_id 
_chem_comp_bond.atom_id_1 
_chem_comp_bond.atom_id_2 
_chem_comp_bond.value_order 
_chem_comp_bond.pdbx_aromatic_flag 
_chem_comp_bond.pdbx_stereo_config 
_chem_comp_bond.pdbx_ordinal 
A   OP3   P      sing N N 1   
A   OP3   HOP3   sing N N 2   
A   P     OP1    doub N N 3   
A   P     OP2    sing N N 4   
A   P     "O5'"  sing N N 5   
A   OP2   HOP2   sing N N 6   
A   "O5'" "C5'"  sing N N 7   
A   "C5'" "C4'"  sing N N 8   
A   "C5'" "H5'"  sing N N 9   
A   "C5'" "H5''" sing N N 10  
A   "C4'" "O4'"  sing N N 11  
A   "C4'" "C3'"  sing N N 12  
A   "C4'" "H4'"  sing N N 13  
A   "O4'" "C1'"  sing N N 14  
A   "C3'" "O3'"  sing N N 15  
A   "C3'" "C2'"  sing N N 16  
A   "C3'" "H3'"  sing N N 17  
A   "O3'" "HO3'" sing N N 18  
A   "C2'" "O2'"  sing N N 19  
A   "C2'" "C1'"  sing N N 20  
A   "C2'" "H2'"  sing N N 21  
A   "O2'" "HO2'" sing N N 22  
A   "C1'" N9     sing N N 23  
A   "C1'" "H1'"  sing N N 24  
A   N9    C8     sing Y N 25  
A   N9    C4     sing Y N 26  
A   C8    N7     doub Y N 27  
A   C8    H8     sing N N 28  
A   N7    C5     sing Y N 29  
A   C5    C6     sing Y N 30  
A   C5    C4     doub Y N 31  
A   C6    N6     sing N N 32  
A   C6    N1     doub Y N 33  
A   N6    H61    sing N N 34  
A   N6    H62    sing N N 35  
A   N1    C2     sing Y N 36  
A   C2    N3     doub Y N 37  
A   C2    H2     sing N N 38  
A   N3    C4     sing Y N 39  
C   OP3   P      sing N N 40  
C   OP3   HOP3   sing N N 41  
C   P     OP1    doub N N 42  
C   P     OP2    sing N N 43  
C   P     "O5'"  sing N N 44  
C   OP2   HOP2   sing N N 45  
C   "O5'" "C5'"  sing N N 46  
C   "C5'" "C4'"  sing N N 47  
C   "C5'" "H5'"  sing N N 48  
C   "C5'" "H5''" sing N N 49  
C   "C4'" "O4'"  sing N N 50  
C   "C4'" "C3'"  sing N N 51  
C   "C4'" "H4'"  sing N N 52  
C   "O4'" "C1'"  sing N N 53  
C   "C3'" "O3'"  sing N N 54  
C   "C3'" "C2'"  sing N N 55  
C   "C3'" "H3'"  sing N N 56  
C   "O3'" "HO3'" sing N N 57  
C   "C2'" "O2'"  sing N N 58  
C   "C2'" "C1'"  sing N N 59  
C   "C2'" "H2'"  sing N N 60  
C   "O2'" "HO2'" sing N N 61  
C   "C1'" N1     sing N N 62  
C   "C1'" "H1'"  sing N N 63  
C   N1    C2     sing N N 64  
C   N1    C6     sing N N 65  
C   C2    O2     doub N N 66  
C   C2    N3     sing N N 67  
C   N3    C4     doub N N 68  
C   C4    N4     sing N N 69  
C   C4    C5     sing N N 70  
C   N4    H41    sing N N 71  
C   N4    H42    sing N N 72  
C   C5    C6     doub N N 73  
C   C5    H5     sing N N 74  
C   C6    H6     sing N N 75  
G   OP3   P      sing N N 76  
G   OP3   HOP3   sing N N 77  
G   P     OP1    doub N N 78  
G   P     OP2    sing N N 79  
G   P     "O5'"  sing N N 80  
G   OP2   HOP2   sing N N 81  
G   "O5'" "C5'"  sing N N 82  
G   "C5'" "C4'"  sing N N 83  
G   "C5'" "H5'"  sing N N 84  
G   "C5'" "H5''" sing N N 85  
G   "C4'" "O4'"  sing N N 86  
G   "C4'" "C3'"  sing N N 87  
G   "C4'" "H4'"  sing N N 88  
G   "O4'" "C1'"  sing N N 89  
G   "C3'" "O3'"  sing N N 90  
G   "C3'" "C2'"  sing N N 91  
G   "C3'" "H3'"  sing N N 92  
G   "O3'" "HO3'" sing N N 93  
G   "C2'" "O2'"  sing N N 94  
G   "C2'" "C1'"  sing N N 95  
G   "C2'" "H2'"  sing N N 96  
G   "O2'" "HO2'" sing N N 97  
G   "C1'" N9     sing N N 98  
G   "C1'" "H1'"  sing N N 99  
G   N9    C8     sing Y N 100 
G   N9    C4     sing Y N 101 
G   C8    N7     doub Y N 102 
G   C8    H8     sing N N 103 
G   N7    C5     sing Y N 104 
G   C5    C6     sing N N 105 
G   C5    C4     doub Y N 106 
G   C6    O6     doub N N 107 
G   C6    N1     sing N N 108 
G   N1    C2     sing N N 109 
G   N1    H1     sing N N 110 
G   C2    N2     sing N N 111 
G   C2    N3     doub N N 112 
G   N2    H21    sing N N 113 
G   N2    H22    sing N N 114 
G   N3    C4     sing N N 115 
GTP PG    O1G    doub N N 116 
GTP PG    O2G    sing N N 117 
GTP PG    O3G    sing N N 118 
GTP PG    O3B    sing N N 119 
GTP O2G   HOG2   sing N N 120 
GTP O3G   HOG3   sing N N 121 
GTP O3B   PB     sing N N 122 
GTP PB    O1B    doub N N 123 
GTP PB    O2B    sing N N 124 
GTP PB    O3A    sing N N 125 
GTP O2B   HOB2   sing N N 126 
GTP O3A   PA     sing N N 127 
GTP PA    O1A    doub N N 128 
GTP PA    O2A    sing N N 129 
GTP PA    "O5'"  sing N N 130 
GTP O2A   HOA2   sing N N 131 
GTP "O5'" "C5'"  sing N N 132 
GTP "C5'" "C4'"  sing N N 133 
GTP "C5'" "H5'"  sing N N 134 
GTP "C5'" "H5''" sing N N 135 
GTP "C4'" "O4'"  sing N N 136 
GTP "C4'" "C3'"  sing N N 137 
GTP "C4'" "H4'"  sing N N 138 
GTP "O4'" "C1'"  sing N N 139 
GTP "C3'" "O3'"  sing N N 140 
GTP "C3'" "C2'"  sing N N 141 
GTP "C3'" "H3'"  sing N N 142 
GTP "O3'" "HO3'" sing N N 143 
GTP "C2'" "O2'"  sing N N 144 
GTP "C2'" "C1'"  sing N N 145 
GTP "C2'" "H2'"  sing N N 146 
GTP "O2'" "HO2'" sing N N 147 
GTP "C1'" N9     sing N N 148 
GTP "C1'" "H1'"  sing N N 149 
GTP N9    C8     sing Y N 150 
GTP N9    C4     sing Y N 151 
GTP C8    N7     doub Y N 152 
GTP C8    H8     sing N N 153 
GTP N7    C5     sing Y N 154 
GTP C5    C6     sing N N 155 
GTP C5    C4     doub Y N 156 
GTP C6    O6     doub N N 157 
GTP C6    N1     sing N N 158 
GTP N1    C2     sing N N 159 
GTP N1    HN1    sing N N 160 
GTP C2    N2     sing N N 161 
GTP C2    N3     doub N N 162 
GTP N2    HN21   sing N N 163 
GTP N2    HN22   sing N N 164 
GTP N3    C4     sing N N 165 
SEY SE    C      doub N N 166 
SEY N2    C      sing N N 167 
SEY C     N1     sing N N 168 
SEY N2    H2     sing N N 169 
SEY N1    H3     sing N N 170 
SEY N1    H4     sing N N 171 
SEY N2    H1     sing N N 172 
THG N3    C2     sing Y N 173 
THG N3    C4     sing Y N 174 
THG N3    HN3    sing N N 175 
THG C2    N1     doub Y N 176 
THG C2    N2     sing N N 177 
THG N1    C8A    sing Y N 178 
THG C8A   C4A    doub Y N 179 
THG C8A   N8     sing N N 180 
THG C4A   C4     sing Y N 181 
THG C4A   N5     sing N N 182 
THG C4    O4     doub N N 183 
THG N8    C7     sing N N 184 
THG N8    HN8    sing N N 185 
THG C7    C6     sing N N 186 
THG C7    HC71   sing N N 187 
THG C7    HC72   sing N N 188 
THG C6    N5     sing N N 189 
THG C6    C9     sing N N 190 
THG C6    HC6    sing N N 191 
THG N5    HN5    sing N N 192 
THG C9    N10    sing N N 193 
THG C9    HC91   sing N N 194 
THG C9    HC92   sing N N 195 
THG N10   "C4'"  sing N N 196 
THG N10   H10    sing N N 197 
THG "C4'" "C3'"  doub Y N 198 
THG "C4'" "C5'"  sing Y N 199 
THG "C3'" "C2'"  sing Y N 200 
THG "C3'" HC3    sing N N 201 
THG "C2'" "C1'"  doub Y N 202 
THG "C2'" HC2    sing N N 203 
THG "C1'" "C6'"  sing Y N 204 
THG "C1'" C11    sing N N 205 
THG "C6'" "C5'"  doub Y N 206 
THG "C6'" HC61   sing N N 207 
THG "C5'" HC5    sing N N 208 
THG C11   N      sing N N 209 
THG C11   O11    doub N N 210 
THG N     CA     sing N N 211 
THG N     HN     sing N N 212 
THG CA    C      sing N N 213 
THG CA    CB     sing N N 214 
THG CA    HCA    sing N N 215 
THG C     OX2    sing N N 216 
THG C     OX1    doub N N 217 
THG OX2   HX2    sing N N 218 
THG CB    CG     sing N N 219 
THG CB    HCB1   sing N N 220 
THG CB    HCB2   sing N N 221 
THG CG    CD     sing N N 222 
THG CG    HCG1   sing N N 223 
THG CG    HCG2   sing N N 224 
THG CD    OE1    doub N N 225 
THG CD    OE2    sing N N 226 
THG OE2   HE2    sing N N 227 
THG N2    HN21   sing N N 228 
THG N2    HN22   sing N N 229 
U   OP3   P      sing N N 230 
U   OP3   HOP3   sing N N 231 
U   P     OP1    doub N N 232 
U   P     OP2    sing N N 233 
U   P     "O5'"  sing N N 234 
U   OP2   HOP2   sing N N 235 
U   "O5'" "C5'"  sing N N 236 
U   "C5'" "C4'"  sing N N 237 
U   "C5'" "H5'"  sing N N 238 
U   "C5'" "H5''" sing N N 239 
U   "C4'" "O4'"  sing N N 240 
U   "C4'" "C3'"  sing N N 241 
U   "C4'" "H4'"  sing N N 242 
U   "O4'" "C1'"  sing N N 243 
U   "C3'" "O3'"  sing N N 244 
U   "C3'" "C2'"  sing N N 245 
U   "C3'" "H3'"  sing N N 246 
U   "O3'" "HO3'" sing N N 247 
U   "C2'" "O2'"  sing N N 248 
U   "C2'" "C1'"  sing N N 249 
U   "C2'" "H2'"  sing N N 250 
U   "O2'" "HO2'" sing N N 251 
U   "C1'" N1     sing N N 252 
U   "C1'" "H1'"  sing N N 253 
U   N1    C2     sing N N 254 
U   N1    C6     sing N N 255 
U   C2    O2     doub N N 256 
U   C2    N3     sing N N 257 
U   N3    C4     sing N N 258 
U   N3    H3     sing N N 259 
U   C4    O4     doub N N 260 
U   C4    C5     sing N N 261 
U   C5    C6     doub N N 262 
U   C5    H5     sing N N 263 
U   C6    H6     sing N N 264 
# 
loop_
_ndb_struct_conf_na.entry_id 
_ndb_struct_conf_na.feature 
7WI9 'double helix'         
7WI9 'a-form double helix'  
7WI9 'hairpin loop'         
7WI9 tetraloop              
7WI9 'mismatched base pair' 
7WI9 'internal loop'        
7WI9 'triple helix'         
# 
loop_
_ndb_struct_na_base_pair.model_number 
_ndb_struct_na_base_pair.i_label_asym_id 
_ndb_struct_na_base_pair.i_label_comp_id 
_ndb_struct_na_base_pair.i_label_seq_id 
_ndb_struct_na_base_pair.i_symmetry 
_ndb_struct_na_base_pair.j_label_asym_id 
_ndb_struct_na_base_pair.j_label_comp_id 
_ndb_struct_na_base_pair.j_label_seq_id 
_ndb_struct_na_base_pair.j_symmetry 
_ndb_struct_na_base_pair.shear 
_ndb_struct_na_base_pair.stretch 
_ndb_struct_na_base_pair.stagger 
_ndb_struct_na_base_pair.buckle 
_ndb_struct_na_base_pair.propeller 
_ndb_struct_na_base_pair.opening 
_ndb_struct_na_base_pair.pair_number 
_ndb_struct_na_base_pair.pair_name 
_ndb_struct_na_base_pair.i_auth_asym_id 
_ndb_struct_na_base_pair.i_auth_seq_id 
_ndb_struct_na_base_pair.i_PDB_ins_code 
_ndb_struct_na_base_pair.j_auth_asym_id 
_ndb_struct_na_base_pair.j_auth_seq_id 
_ndb_struct_na_base_pair.j_PDB_ins_code 
_ndb_struct_na_base_pair.hbond_type_28 
_ndb_struct_na_base_pair.hbond_type_12 
1 A GTP 1  1_555 A C 50 1_555 -0.558 -0.019 -0.450 -9.498 -5.322  0.335  1  V_GTP6:C56_V V 6  ? V 56 ? 19 1 
1 A G   2  1_555 A C 49 1_555 -0.671 -0.173 -0.009 -8.299 -7.827  3.186  2  V_G7:C55_V   V 7  ? V 55 ? 19 1 
1 A C   3  1_555 A G 48 1_555 0.674  -0.232 -0.006 0.239  -10.239 4.036  3  V_C8:G54_V   V 8  ? V 54 ? 19 1 
1 A G   4  1_555 A C 47 1_555 -0.870 -0.454 0.417  -3.934 -13.313 4.848  4  V_G9:C53_V   V 9  ? V 53 ? 19 1 
1 A U   5  1_555 A A 46 1_555 0.805  -0.326 0.203  0.953  -11.680 2.871  5  V_U10:A52_V  V 10 ? V 52 ? 20 1 
1 A G   6  1_555 A G 45 1_555 -1.207 -3.884 -0.416 14.309 1.033   84.920 6  V_G11:G51_V  V 11 ? V 51 ? 6  3 
1 A G   7  1_555 A A 44 1_555 0.242  1.495  -0.188 11.655 -5.594  -7.563 7  V_G12:A50_V  V 12 ? V 50 ? 8  1 
1 A U   8  1_555 A G 43 1_555 2.310  -0.278 0.196  6.765  -13.650 5.069  8  V_U13:G49_V  V 13 ? V 49 ? 28 1 
1 A C   9  1_555 A G 42 1_555 0.251  -0.249 -0.231 10.290 -12.448 -2.812 9  V_C14:G48_V  V 14 ? V 48 ? 19 1 
1 A C   10 1_555 A G 41 1_555 0.175  -0.021 0.078  4.534  -7.305  5.846  10 V_C15:G47_V  V 15 ? V 47 ? 19 1 
1 A G   11 1_555 A C 40 1_555 -0.336 -0.216 -0.137 -5.622 -16.773 2.404  11 V_G16:C46_V  V 16 ? V 46 ? 19 1 
1 A U   12 1_555 A A 39 1_555 0.355  -0.026 -0.534 14.422 -1.680  4.915  12 V_U17:A45_V  V 17 ? V 45 ? 20 1 
1 A G   20 1_555 A C 37 1_555 -0.842 -0.174 0.258  -0.273 -11.609 3.140  13 V_G25:C43_V  V 25 ? V 43 ? 19 1 
1 A U   21 1_555 A A 36 1_555 -0.041 -0.188 0.197  0.187  -10.945 -1.491 14 V_U26:A42_V  V 26 ? V 42 ? 20 1 
1 A U   22 1_555 A A 35 1_555 -0.180 -0.089 -0.172 6.769  -8.527  -0.288 15 V_U27:A41_V  V 27 ? V 41 ? 20 1 
1 A C   23 1_555 A G 34 1_555 1.142  -0.345 0.012  7.572  -8.693  -0.505 16 V_C28:G40_V  V 28 ? V 40 ? 19 1 
1 A C   24 1_555 A G 33 1_555 0.655  -0.103 -0.003 6.114  -7.902  4.615  17 V_C29:G39_V  V 29 ? V 39 ? 19 1 
1 A U   25 1_555 A A 32 1_555 -0.152 -0.211 -0.094 5.429  -4.984  1.613  18 V_U30:A38_V  V 30 ? V 38 ? 20 1 
1 A C   26 1_555 A G 31 1_555 0.239  -0.113 -0.059 5.549  8.047   2.703  19 V_C31:G37_V  V 31 ? V 37 ? 19 1 
1 A G   27 1_555 A A 30 1_555 6.862  -5.184 1.247  18.549 7.848   -9.185 20 V_G32:A35_V  V 32 ? V 35 ? ?  ? 
# 
loop_
_ndb_struct_na_base_pair_step.model_number 
_ndb_struct_na_base_pair_step.i_label_asym_id_1 
_ndb_struct_na_base_pair_step.i_label_comp_id_1 
_ndb_struct_na_base_pair_step.i_label_seq_id_1 
_ndb_struct_na_base_pair_step.i_symmetry_1 
_ndb_struct_na_base_pair_step.j_label_asym_id_1 
_ndb_struct_na_base_pair_step.j_label_comp_id_1 
_ndb_struct_na_base_pair_step.j_label_seq_id_1 
_ndb_struct_na_base_pair_step.j_symmetry_1 
_ndb_struct_na_base_pair_step.i_label_asym_id_2 
_ndb_struct_na_base_pair_step.i_label_comp_id_2 
_ndb_struct_na_base_pair_step.i_label_seq_id_2 
_ndb_struct_na_base_pair_step.i_symmetry_2 
_ndb_struct_na_base_pair_step.j_label_asym_id_2 
_ndb_struct_na_base_pair_step.j_label_comp_id_2 
_ndb_struct_na_base_pair_step.j_label_seq_id_2 
_ndb_struct_na_base_pair_step.j_symmetry_2 
_ndb_struct_na_base_pair_step.shift 
_ndb_struct_na_base_pair_step.slide 
_ndb_struct_na_base_pair_step.rise 
_ndb_struct_na_base_pair_step.tilt 
_ndb_struct_na_base_pair_step.roll 
_ndb_struct_na_base_pair_step.twist 
_ndb_struct_na_base_pair_step.x_displacement 
_ndb_struct_na_base_pair_step.y_displacement 
_ndb_struct_na_base_pair_step.helical_rise 
_ndb_struct_na_base_pair_step.inclination 
_ndb_struct_na_base_pair_step.tip 
_ndb_struct_na_base_pair_step.helical_twist 
_ndb_struct_na_base_pair_step.step_number 
_ndb_struct_na_base_pair_step.step_name 
_ndb_struct_na_base_pair_step.i_auth_asym_id_1 
_ndb_struct_na_base_pair_step.i_auth_seq_id_1 
_ndb_struct_na_base_pair_step.i_PDB_ins_code_1 
_ndb_struct_na_base_pair_step.j_auth_asym_id_1 
_ndb_struct_na_base_pair_step.j_auth_seq_id_1 
_ndb_struct_na_base_pair_step.j_PDB_ins_code_1 
_ndb_struct_na_base_pair_step.i_auth_asym_id_2 
_ndb_struct_na_base_pair_step.i_auth_seq_id_2 
_ndb_struct_na_base_pair_step.i_PDB_ins_code_2 
_ndb_struct_na_base_pair_step.j_auth_asym_id_2 
_ndb_struct_na_base_pair_step.j_auth_seq_id_2 
_ndb_struct_na_base_pair_step.j_PDB_ins_code_2 
1 A GTP 1  1_555 A C 50 1_555 A G 2  1_555 A C 49 1_555 0.155  -2.364 3.317  -4.491   2.786   28.607  -5.305 -1.270 3.018  5.579   
8.992   29.081  1  VV_GTP6G7:C55C56_VV V 6  ? V 56 ? V 7  ? V 55 ? 
1 A G   2  1_555 A C 49 1_555 A C 3  1_555 A G 48 1_555 -0.154 -1.338 3.034  0.440    1.986   36.773  -2.364 0.299  2.958  3.146   
-0.697  36.827  2  VV_G7C8:G54C55_VV   V 7  ? V 55 ? V 8  ? V 54 ? 
1 A C   3  1_555 A G 48 1_555 A G 4  1_555 A C 47 1_555 0.193  -1.847 2.961  -2.766   12.439  26.410  -5.758 -0.850 1.888  25.430  
5.654   29.274  3  VV_C8G9:C53G54_VV   V 8  ? V 54 ? V 9  ? V 53 ? 
1 A G   4  1_555 A C 47 1_555 A U 5  1_555 A A 46 1_555 -0.159 -1.228 3.133  0.927    5.693   38.416  -2.493 0.345  2.924  8.592   
-1.399  38.831  4  VV_G9U10:A52C53_VV  V 9  ? V 53 ? V 10 ? V 52 ? 
1 A U   5  1_555 A A 46 1_555 A G 6  1_555 A G 45 1_555 0.069  -3.217 -1.258 -169.225 29.486  161.418 -1.590 0.069  -1.341 14.752  
84.665  178.673 5  VV_U10G11:G51A52_VV V 10 ? V 52 ? V 11 ? V 51 ? 
1 A G   6  1_555 A G 45 1_555 A G 7  1_555 A A 44 1_555 0.347  -3.761 -2.222 136.256  -99.121 129.266 -2.091 -0.461 -0.946 -49.885 
-68.574 175.078 6  VV_G11G12:A50G51_VV V 11 ? V 51 ? V 12 ? V 50 ? 
1 A G   7  1_555 A A 44 1_555 A U 8  1_555 A G 43 1_555 0.462  -1.359 3.246  -1.467   7.534   39.953  -2.754 -0.820 2.935  10.904  
2.123   40.654  7  VV_G12U13:G49A50_VV V 12 ? V 50 ? V 13 ? V 49 ? 
1 A U   8  1_555 A G 43 1_555 A C 9  1_555 A G 42 1_555 -0.231 -1.877 2.805  4.562    8.798   28.690  -4.955 1.150  2.090  17.123  
-8.879  30.320  8  VV_U13C14:G48G49_VV V 13 ? V 49 ? V 14 ? V 48 ? 
1 A C   9  1_555 A G 42 1_555 A C 10 1_555 A G 41 1_555 -0.359 -2.361 3.318  -5.504   8.879   26.663  -6.618 -0.413 2.446  18.380  
11.394  28.602  9  VV_C14C15:G47G48_VV V 14 ? V 48 ? V 15 ? V 47 ? 
1 A C   10 1_555 A G 41 1_555 A G 11 1_555 A C 40 1_555 -0.108 -2.154 3.515  3.533    9.297   27.100  -6.331 0.979  2.613  19.045  
-7.236  28.836  10 VV_C15G16:C46G47_VV V 15 ? V 47 ? V 16 ? V 46 ? 
1 A G   11 1_555 A C 40 1_555 A U 12 1_555 A A 39 1_555 0.172  -1.186 2.917  3.070    5.999   32.824  -2.911 0.138  2.669  10.478  
-5.362  33.490  11 VV_G16U17:A45C46_VV V 16 ? V 46 ? V 17 ? V 45 ? 
1 A G   20 1_555 A C 37 1_555 A U 21 1_555 A A 36 1_555 -0.445 -1.416 3.189  -0.151   3.994   36.967  -2.728 0.678  3.027  6.277   
0.237   37.175  12 VV_G25U26:A42C43_VV V 25 ? V 43 ? V 26 ? V 42 ? 
1 A U   21 1_555 A A 36 1_555 A U 22 1_555 A A 35 1_555 0.260  -1.448 2.941  2.696    5.810   30.010  -3.724 -0.034 2.633  11.062  
-5.133  30.670  13 VV_U26U27:A41A42_VV V 26 ? V 42 ? V 27 ? V 41 ? 
1 A U   22 1_555 A A 35 1_555 A C 23 1_555 A G 34 1_555 0.296  -1.676 3.322  -1.375   2.016   37.764  -2.844 -0.633 3.219  3.110   
2.122   37.840  14 VV_U27C28:G40A41_VV V 27 ? V 41 ? V 28 ? V 40 ? 
1 A C   23 1_555 A G 34 1_555 A C 24 1_555 A G 33 1_555 -0.489 -2.269 3.228  -1.497   2.911   24.596  -6.117 0.707  2.968  6.794   
3.495   24.809  15 VV_C28C29:G39G40_VV V 28 ? V 40 ? V 29 ? V 39 ? 
1 A C   24 1_555 A G 33 1_555 A U 25 1_555 A A 32 1_555 -0.364 -1.879 3.244  -0.331   5.161   29.120  -4.715 0.647  2.880  10.163  
0.652   29.566  16 VV_C29U30:A38G39_VV V 29 ? V 39 ? V 30 ? V 38 ? 
1 A U   25 1_555 A A 32 1_555 A C 26 1_555 A G 31 1_555 0.019  -1.726 3.266  -1.036   9.112   33.263  -4.231 -0.181 2.711  15.554  
1.769   34.470  17 VV_U30C31:G37A38_VV V 30 ? V 38 ? V 31 ? V 37 ? 
1 A C   26 1_555 A G 31 1_555 A G 27 1_555 A A 30 1_555 -1.715 -1.181 2.826  -4.152   11.184  54.205  -1.827 1.638  2.668  12.110  
4.496   55.405  18 VV_C31G32:A35G37_VV V 31 ? V 37 ? V 32 ? V 35 ? 
# 
_pdbx_audit_support.funding_organization   'National Natural Science Foundation of China (NSFC)' 
_pdbx_audit_support.country                China 
_pdbx_audit_support.grant_number           ? 
_pdbx_audit_support.ordinal                1 
# 
loop_
_pdbx_entity_instance_feature.ordinal 
_pdbx_entity_instance_feature.comp_id 
_pdbx_entity_instance_feature.asym_id 
_pdbx_entity_instance_feature.seq_num 
_pdbx_entity_instance_feature.auth_comp_id 
_pdbx_entity_instance_feature.auth_asym_id 
_pdbx_entity_instance_feature.auth_seq_num 
_pdbx_entity_instance_feature.feature_type 
_pdbx_entity_instance_feature.details 
1 SEY ? ? SEY ? ? 'SUBJECT OF INVESTIGATION' ? 
2 THG ? ? THG ? ? 'SUBJECT OF INVESTIGATION' ? 
# 
_pdbx_initial_refinement_model.id               1 
_pdbx_initial_refinement_model.entity_id_list   ? 
_pdbx_initial_refinement_model.type             other 
_pdbx_initial_refinement_model.source_name      ? 
_pdbx_initial_refinement_model.accession_code   ? 
_pdbx_initial_refinement_model.details          ? 
# 
_atom_sites.entry_id                    7WI9 
_atom_sites.Cartn_transf_matrix[1][1]   ? 
_atom_sites.Cartn_transf_matrix[1][2]   ? 
_atom_sites.Cartn_transf_matrix[1][3]   ? 
_atom_sites.Cartn_transf_matrix[2][1]   ? 
_atom_sites.Cartn_transf_matrix[2][2]   ? 
_atom_sites.Cartn_transf_matrix[2][3]   ? 
_atom_sites.Cartn_transf_matrix[3][1]   ? 
_atom_sites.Cartn_transf_matrix[3][2]   ? 
_atom_sites.Cartn_transf_matrix[3][3]   ? 
_atom_sites.Cartn_transf_vector[1]      ? 
_atom_sites.Cartn_transf_vector[2]      ? 
_atom_sites.Cartn_transf_vector[3]      ? 
_atom_sites.fract_transf_matrix[1][1]   0.00837322 
_atom_sites.fract_transf_matrix[1][2]   0.01292865 
_atom_sites.fract_transf_matrix[1][3]   0.00793138 
_atom_sites.fract_transf_matrix[2][1]   0.00585733 
_atom_sites.fract_transf_matrix[2][2]   -0.00210362 
_atom_sites.fract_transf_matrix[2][3]   0.01616962 
_atom_sites.fract_transf_matrix[3][1]   0.00938948 
_atom_sites.fract_transf_matrix[3][2]   -0.00369925 
_atom_sites.fract_transf_matrix[3][3]   -0.00388254 
_atom_sites.fract_transf_vector[1]      0.530553 
_atom_sites.fract_transf_vector[2]      0.483227 
_atom_sites.fract_transf_vector[3]      0.290386 
_atom_sites.solution_primary            ? 
_atom_sites.solution_secondary          ? 
_atom_sites.solution_hydrogens          ? 
_atom_sites.special_details             ? 
# 
loop_
_atom_type.symbol 
C  
H  
N  
O  
P  
SE 
# 
loop_
_atom_site.group_PDB 
_atom_site.id 
_atom_site.type_symbol 
_atom_site.label_atom_id 
_atom_site.label_alt_id 
_atom_site.label_comp_id 
_atom_site.label_asym_id 
_atom_site.label_entity_id 
_atom_site.label_seq_id 
_atom_site.pdbx_PDB_ins_code 
_atom_site.Cartn_x 
_atom_site.Cartn_y 
_atom_site.Cartn_z 
_atom_site.occupancy 
_atom_site.B_iso_or_equiv 
_atom_site.pdbx_formal_charge 
_atom_site.auth_seq_id 
_atom_site.auth_comp_id 
_atom_site.auth_asym_id 
_atom_site.auth_atom_id 
_atom_site.pdbx_PDB_model_num 
HETATM 1    O  O3B   . GTP A 1 1  ? 5.43524   -9.08736  27.89897  1.000 156.99168 ? 6   GTP V O3B   1 
HETATM 2    P  PB    . GTP A 1 1  ? 4.61399   -10.03663 26.90482  1.000 171.29076 ? 6   GTP V PB    1 
HETATM 3    O  O1B   . GTP A 1 1  ? 3.18792   -9.65508  26.97010  1.000 157.66538 ? 6   GTP V O1B   1 
HETATM 4    O  O2B   . GTP A 1 1  ? 5.00813   -11.44149 27.14518  1.000 140.90485 ? 6   GTP V O2B   1 
HETATM 5    O  O3A   . GTP A 1 1  ? 5.19525   -9.56944  25.48611  1.000 148.35344 ? 6   GTP V O3A   1 
HETATM 6    P  PA    . GTP A 1 1  ? 5.07844   -8.19992  24.66394  1.000 148.09479 ? 6   GTP V PA    1 
HETATM 7    O  O1A   . GTP A 1 1  ? 3.66184   -7.75259  24.67231  1.000 146.42394 ? 6   GTP V O1A   1 
HETATM 8    O  O2A   . GTP A 1 1  ? 5.75845   -8.38326  23.35678  1.000 148.73753 ? 6   GTP V O2A   1 
HETATM 9    O  "O5'" . GTP A 1 1  ? 5.95008   -7.19890  25.55424  1.000 136.72883 ? 6   GTP V "O5'" 1 
HETATM 10   C  "C5'" . GTP A 1 1  ? 5.52282   -5.81702  25.56053  1.000 134.20424 ? 6   GTP V "C5'" 1 
HETATM 11   C  "C4'" . GTP A 1 1  ? 6.71584   -4.90639  25.71462  1.000 134.24090 ? 6   GTP V "C4'" 1 
HETATM 12   O  "O4'" . GTP A 1 1  ? 7.64487   -5.44228  26.68347  1.000 135.89023 ? 6   GTP V "O4'" 1 
HETATM 13   C  "C3'" . GTP A 1 1  ? 7.56117   -4.66720  24.46087  1.000 140.97975 ? 6   GTP V "C3'" 1 
HETATM 14   O  "O3'" . GTP A 1 1  ? 6.95922   -3.75751  23.54791  1.000 140.53095 ? 6   GTP V "O3'" 1 
HETATM 15   C  "C2'" . GTP A 1 1  ? 8.84048   -4.13806  25.10930  1.000 126.58434 ? 6   GTP V "C2'" 1 
HETATM 16   O  "O2'" . GTP A 1 1  ? 8.63356   -2.84472  25.63509  1.000 124.60486 ? 6   GTP V "O2'" 1 
HETATM 17   C  "C1'" . GTP A 1 1  ? 8.97254   -5.13913  26.25704  1.000 121.99812 ? 6   GTP V "C1'" 1 
HETATM 18   N  N9    . GTP A 1 1  ? 9.63815   -6.37610  25.85520  1.000 118.68374 ? 6   GTP V N9    1 
HETATM 19   C  C8    . GTP A 1 1  ? 9.11168   -7.64334  25.85113  1.000 123.02867 ? 6   GTP V C8    1 
HETATM 20   N  N7    . GTP A 1 1  ? 9.95001   -8.55979  25.43431  1.000 113.41912 ? 6   GTP V N7    1 
HETATM 21   C  C5    . GTP A 1 1  ? 11.10892  -7.84781  25.14157  1.000 104.84774 ? 6   GTP V C5    1 
HETATM 22   C  C6    . GTP A 1 1  ? 12.35730  -8.30661  24.65088  1.000 114.05873 ? 6   GTP V C6    1 
HETATM 23   O  O6    . GTP A 1 1  ? 12.69390  -9.46650  24.37066  1.000 120.77573 ? 6   GTP V O6    1 
HETATM 24   N  N1    . GTP A 1 1  ? 13.26062  -7.25619  24.49582  1.000 111.39295 ? 6   GTP V N1    1 
HETATM 25   C  C2    . GTP A 1 1  ? 12.99987  -5.93646  24.77405  1.000 114.31836 ? 6   GTP V C2    1 
HETATM 26   N  N2    . GTP A 1 1  ? 13.99876  -5.06696  24.56027  1.000 98.78623  ? 6   GTP V N2    1 
HETATM 27   N  N3    . GTP A 1 1  ? 11.83033  -5.49880  25.23444  1.000 111.38531 ? 6   GTP V N3    1 
HETATM 28   C  C4    . GTP A 1 1  ? 10.93521  -6.50632  25.39348  1.000 108.03732 ? 6   GTP V C4    1 
ATOM   29   P  P     . G   A 1 2  ? 7.12501   -3.97690  21.96985  1.000 143.25485 ? 7   G   V P     1 
ATOM   30   O  OP1   . G   A 1 2  ? 6.29118   -2.96453  21.27244  1.000 157.39177 ? 7   G   V OP1   1 
ATOM   31   O  OP2   . G   A 1 2  ? 6.92870   -5.41968  21.67541  1.000 135.29579 ? 7   G   V OP2   1 
ATOM   32   O  "O5'" . G   A 1 2  ? 8.65392   -3.61270  21.70819  1.000 117.96472 ? 7   G   V "O5'" 1 
ATOM   33   C  "C5'" . G   A 1 2  ? 9.15977   -2.32961  22.04398  1.000 116.34039 ? 7   G   V "C5'" 1 
ATOM   34   C  "C4'" . G   A 1 2  ? 10.64252  -2.22714  21.78929  1.000 119.76565 ? 7   G   V "C4'" 1 
ATOM   35   O  "O4'" . G   A 1 2  ? 11.35572  -3.21397  22.57863  1.000 119.63772 ? 7   G   V "O4'" 1 
ATOM   36   C  "C3'" . G   A 1 2  ? 11.10060  -2.50355  20.36800  1.000 125.34289 ? 7   G   V "C3'" 1 
ATOM   37   O  "O3'" . G   A 1 2  ? 10.89623  -1.40965  19.49304  1.000 143.00633 ? 7   G   V "O3'" 1 
ATOM   38   C  "C2'" . G   A 1 2  ? 12.56586  -2.86880  20.56190  1.000 113.41615 ? 7   G   V "C2'" 1 
ATOM   39   O  "O2'" . G   A 1 2  ? 13.35411  -1.70428  20.76046  1.000 109.21351 ? 7   G   V "O2'" 1 
ATOM   40   C  "C1'" . G   A 1 2  ? 12.50850  -3.64155  21.88022  1.000 114.20156 ? 7   G   V "C1'" 1 
ATOM   41   N  N9    . G   A 1 2  ? 12.42755  -5.09796  21.66112  1.000 121.86440 ? 7   G   V N9    1 
ATOM   42   C  C8    . G   A 1 2  ? 11.36774  -5.93399  21.91944  1.000 118.53450 ? 7   G   V C8    1 
ATOM   43   N  N7    . G   A 1 2  ? 11.61497  -7.17963  21.61287  1.000 104.38517 ? 7   G   V N7    1 
ATOM   44   C  C5    . G   A 1 2  ? 12.91472  -7.16450  21.12252  1.000 114.65028 ? 7   G   V C5    1 
ATOM   45   C  C6    . G   A 1 2  ? 13.73133  -8.21785  20.63326  1.000 116.77262 ? 7   G   V C6    1 
ATOM   46   O  O6    . G   A 1 2  ? 13.46016  -9.42033  20.52957  1.000 118.18141 ? 7   G   V O6    1 
ATOM   47   N  N1    . G   A 1 2  ? 14.98244  -7.75377  20.23615  1.000 120.96908 ? 7   G   V N1    1 
ATOM   48   C  C2    . G   A 1 2  ? 15.39988  -6.44681  20.30270  1.000 117.15709 ? 7   G   V C2    1 
ATOM   49   N  N2    . G   A 1 2  ? 16.64551  -6.19466  19.87354  1.000 102.49230 ? 7   G   V N2    1 
ATOM   50   N  N3    . G   A 1 2  ? 14.64935  -5.45764  20.75631  1.000 112.59586 ? 7   G   V N3    1 
ATOM   51   C  C4    . G   A 1 2  ? 13.42927  -5.88589  21.14609  1.000 121.23300 ? 7   G   V C4    1 
ATOM   52   P  P     . C   A 1 3  ? 10.46235  -1.67662  17.96984  1.000 133.46369 ? 8   C   V P     1 
ATOM   53   O  OP1   . C   A 1 3  ? 9.99743   -0.39141  17.38818  1.000 114.42908 ? 8   C   V OP1   1 
ATOM   54   O  OP2   . C   A 1 3  ? 9.56566   -2.86094  17.95766  1.000 120.97593 ? 8   C   V OP2   1 
ATOM   55   O  "O5'" . C   A 1 3  ? 11.82281  -2.08672  17.24964  1.000 108.43802 ? 8   C   V "O5'" 1 
ATOM   56   C  "C5'" . C   A 1 3  ? 12.93177  -1.20111  17.23662  1.000 110.87177 ? 8   C   V "C5'" 1 
ATOM   57   C  "C4'" . C   A 1 3  ? 14.20405  -1.90669  16.84066  1.000 116.35523 ? 8   C   V "C4'" 1 
ATOM   58   O  "O4'" . C   A 1 3  ? 14.52298  -2.93885  17.81239  1.000 121.94458 ? 8   C   V "O4'" 1 
ATOM   59   C  "C3'" . C   A 1 3  ? 14.17435  -2.65436  15.51779  1.000 130.97229 ? 8   C   V "C3'" 1 
ATOM   60   O  "O3'" . C   A 1 3  ? 14.32219  -1.81268  14.38763  1.000 138.39793 ? 8   C   V "O3'" 1 
ATOM   61   C  "C2'" . C   A 1 3  ? 15.30388  -3.65926  15.69022  1.000 126.66619 ? 8   C   V "C2'" 1 
ATOM   62   O  "O2'" . C   A 1 3  ? 16.56515  -3.02781  15.52514  1.000 125.58782 ? 8   C   V "O2'" 1 
ATOM   63   C  "C1'" . C   A 1 3  ? 15.14272  -4.03208  17.16352  1.000 121.06778 ? 8   C   V "C1'" 1 
ATOM   64   N  N1    . C   A 1 3  ? 14.29343  -5.23405  17.33232  1.000 122.42994 ? 8   C   V N1    1 
ATOM   65   C  C2    . C   A 1 3  ? 14.85423  -6.49246  17.08754  1.000 123.87461 ? 8   C   V C2    1 
ATOM   66   O  O2    . C   A 1 3  ? 16.04387  -6.56858  16.74523  1.000 123.85284 ? 8   C   V O2    1 
ATOM   67   N  N3    . C   A 1 3  ? 14.08908  -7.59899  17.23356  1.000 121.92672 ? 8   C   V N3    1 
ATOM   68   C  C4    . C   A 1 3  ? 12.81205  -7.48459  17.60217  1.000 125.14189 ? 8   C   V C4    1 
ATOM   69   N  N4    . C   A 1 3  ? 12.09605  -8.60409  17.73332  1.000 125.72411 ? 8   C   V N4    1 
ATOM   70   C  C5    . C   A 1 3  ? 12.21300  -6.21675  17.85603  1.000 123.41340 ? 8   C   V C5    1 
ATOM   71   C  C6    . C   A 1 3  ? 12.98190  -5.13015  17.70870  1.000 124.32452 ? 8   C   V C6    1 
ATOM   72   P  P     . G   A 1 4  ? 13.66125  -2.23189  12.98322  1.000 133.21709 ? 9   G   V P     1 
ATOM   73   O  OP1   . G   A 1 4  ? 13.81389  -1.09050  12.04607  1.000 143.59092 ? 9   G   V OP1   1 
ATOM   74   O  OP2   . G   A 1 4  ? 12.30914  -2.78469  13.25147  1.000 124.41316 ? 9   G   V OP2   1 
ATOM   75   O  "O5'" . G   A 1 4  ? 14.58422  -3.42226  12.46457  1.000 116.64424 ? 9   G   V "O5'" 1 
ATOM   76   C  "C5'" . G   A 1 4  ? 15.97062  -3.21784  12.23791  1.000 118.55478 ? 9   G   V "C5'" 1 
ATOM   77   C  "C4'" . G   A 1 4  ? 16.68190  -4.51009  11.92551  1.000 114.20871 ? 9   G   V "C4'" 1 
ATOM   78   O  "O4'" . G   A 1 4  ? 16.65195  -5.39301  13.07627  1.000 130.52986 ? 9   G   V "O4'" 1 
ATOM   79   C  "C3'" . G   A 1 4  ? 16.08353  -5.34955  10.81166  1.000 110.94789 ? 9   G   V "C3'" 1 
ATOM   80   O  "O3'" . G   A 1 4  ? 16.41489  -4.87246  9.52086   1.000 136.21105 ? 9   G   V "O3'" 1 
ATOM   81   C  "C2'" . G   A 1 4  ? 16.63333  -6.73735  11.11467  1.000 109.15338 ? 9   G   V "C2'" 1 
ATOM   82   O  "O2'" . G   A 1 4  ? 17.98017  -6.85100  10.67891  1.000 107.28172 ? 9   G   V "O2'" 1 
ATOM   83   C  "C1'" . G   A 1 4  ? 16.61922  -6.73919  12.64443  1.000 117.27789 ? 9   G   V "C1'" 1 
ATOM   84   N  N9    . G   A 1 4  ? 15.41322  -7.39305  13.18797  1.000 116.37720 ? 9   G   V N9    1 
ATOM   85   C  C8    . G   A 1 4  ? 14.32680  -6.79604  13.78099  1.000 117.43393 ? 9   G   V C8    1 
ATOM   86   N  N7    . G   A 1 4  ? 13.41784  -7.65361  14.16244  1.000 108.27139 ? 9   G   V N7    1 
ATOM   87   C  C5    . G   A 1 4  ? 13.93384  -8.89043  13.79844  1.000 109.42687 ? 9   G   V C5    1 
ATOM   88   C  C6    . G   A 1 4  ? 13.39806  -10.19607 13.95360  1.000 107.36364 ? 9   G   V C6    1 
ATOM   89   O  O6    . G   A 1 4  ? 12.32062  -10.53252 14.46025  1.000 108.66511 ? 9   G   V O6    1 
ATOM   90   N  N1    . G   A 1 4  ? 14.25467  -11.16559 13.44094  1.000 101.82453 ? 9   G   V N1    1 
ATOM   91   C  C2    . G   A 1 4  ? 15.47104  -10.91522 12.85513  1.000 106.36848 ? 9   G   V C2    1 
ATOM   92   N  N2    . G   A 1 4  ? 16.15339  -11.98593 12.42263  1.000 105.09576 ? 9   G   V N2    1 
ATOM   93   N  N3    . G   A 1 4  ? 15.98108  -9.70379  12.70425  1.000 107.94117 ? 9   G   V N3    1 
ATOM   94   C  C4    . G   A 1 4  ? 15.16513  -8.74606  13.19548  1.000 113.41687 ? 9   G   V C4    1 
ATOM   95   P  P     . U   A 1 5  ? 15.31992  -4.91552  8.34695   1.000 144.30489 ? 10  U   V P     1 
ATOM   96   O  OP1   . U   A 1 5  ? 15.83078  -4.11765  7.20292   1.000 149.81206 ? 10  U   V OP1   1 
ATOM   97   O  OP2   . U   A 1 5  ? 14.00012  -4.58663  8.94389   1.000 114.63406 ? 10  U   V OP2   1 
ATOM   98   O  "O5'" . U   A 1 5  ? 15.29506  -6.44616  7.91041   1.000 109.92740 ? 10  U   V "O5'" 1 
ATOM   99   C  "C5'" . U   A 1 5  ? 16.48998  -7.10682  7.52456   1.000 105.63586 ? 10  U   V "C5'" 1 
ATOM   100  C  "C4'" . U   A 1 5  ? 16.30479  -8.60111  7.47163   1.000 120.75531 ? 10  U   V "C4'" 1 
ATOM   101  O  "O4'" . U   A 1 5  ? 16.16267  -9.13777  8.81412   1.000 130.05723 ? 10  U   V "O4'" 1 
ATOM   102  C  "C3'" . U   A 1 5  ? 15.05967  -9.09470  6.75806   1.000 121.54025 ? 10  U   V "C3'" 1 
ATOM   103  O  "O3'" . U   A 1 5  ? 15.16012  -9.05476  5.34621   1.000 124.67854 ? 10  U   V "O3'" 1 
ATOM   104  C  "C2'" . U   A 1 5  ? 14.89334  -10.49331 7.33543   1.000 113.58669 ? 10  U   V "C2'" 1 
ATOM   105  O  "O2'" . U   A 1 5  ? 15.82614  -11.39162 6.75293   1.000 117.67673 ? 10  U   V "O2'" 1 
ATOM   106  C  "C1'" . U   A 1 5  ? 15.29780  -10.25763 8.79050   1.000 114.53804 ? 10  U   V "C1'" 1 
ATOM   107  N  N1    . U   A 1 5  ? 14.11710  -9.97715  9.63898   1.000 112.22983 ? 10  U   V N1    1 
ATOM   108  C  C2    . U   A 1 5  ? 13.41778  -11.06860 10.11716  1.000 111.63974 ? 10  U   V C2    1 
ATOM   109  O  O2    . U   A 1 5  ? 13.74572  -12.21862 9.87910   1.000 100.56925 ? 10  U   V O2    1 
ATOM   110  N  N3    . U   A 1 5  ? 12.32434  -10.76568 10.89023  1.000 107.67695 ? 10  U   V N3    1 
ATOM   111  C  C4    . U   A 1 5  ? 11.86401  -9.50644  11.21946  1.000 110.71192 ? 10  U   V C4    1 
ATOM   112  O  O4    . U   A 1 5  ? 10.86183  -9.39454  11.92797  1.000 106.87502 ? 10  U   V O4    1 
ATOM   113  C  C5    . U   A 1 5  ? 12.63743  -8.42872  10.68186  1.000 104.69772 ? 10  U   V C5    1 
ATOM   114  C  C6    . U   A 1 5  ? 13.70857  -8.69500  9.92712   1.000 110.29799 ? 10  U   V C6    1 
ATOM   115  P  P     . G   A 1 6  ? 13.83669  -8.84062  4.45937   1.000 139.39205 ? 11  G   V P     1 
ATOM   116  O  OP1   . G   A 1 6  ? 14.26286  -8.54907  3.06700   1.000 121.27547 ? 11  G   V OP1   1 
ATOM   117  O  OP2   . G   A 1 6  ? 12.94628  -7.88587  5.16869   1.000 122.48143 ? 11  G   V OP2   1 
ATOM   118  O  "O5'" . G   A 1 6  ? 13.14659  -10.27582 4.46961   1.000 129.60865 ? 11  G   V "O5'" 1 
ATOM   119  C  "C5'" . G   A 1 6  ? 13.89613  -11.42141 4.10050   1.000 114.88457 ? 11  G   V "C5'" 1 
ATOM   120  C  "C4'" . G   A 1 6  ? 13.17147  -12.71112 4.39406   1.000 118.37575 ? 11  G   V "C4'" 1 
ATOM   121  O  "O4'" . G   A 1 6  ? 13.06849  -12.95286 5.82083   1.000 116.77112 ? 11  G   V "O4'" 1 
ATOM   122  C  "C3'" . G   A 1 6  ? 11.73580  -12.82306 3.92246   1.000 126.24359 ? 11  G   V "C3'" 1 
ATOM   123  O  "O3'" . G   A 1 6  ? 11.61398  -12.99410 2.52157   1.000 122.37216 ? 11  G   V "O3'" 1 
ATOM   124  C  "C2'" . G   A 1 6  ? 11.23058  -14.01118 4.73352   1.000 128.60382 ? 11  G   V "C2'" 1 
ATOM   125  O  "O2'" . G   A 1 6  ? 11.66266  -15.23466 4.15687   1.000 138.95488 ? 11  G   V "O2'" 1 
ATOM   126  C  "C1'" . G   A 1 6  ? 11.97078  -13.81485 6.06147   1.000 122.11591 ? 11  G   V "C1'" 1 
ATOM   127  N  N9    . G   A 1 6  ? 11.08714  -13.28498 7.12248   1.000 118.90512 ? 11  G   V N9    1 
ATOM   128  C  C8    . G   A 1 6  ? 10.33310  -14.09348 7.93969   1.000 112.30799 ? 11  G   V C8    1 
ATOM   129  N  N7    . G   A 1 6  ? 9.60341   -13.44393 8.79915   1.000 110.81848 ? 11  G   V N7    1 
ATOM   130  C  C5    . G   A 1 6  ? 9.87721   -12.11301 8.52925   1.000 112.05239 ? 11  G   V C5    1 
ATOM   131  C  C6    . G   A 1 6  ? 9.36585   -10.94620 9.15260   1.000 113.17889 ? 11  G   V C6    1 
ATOM   132  O  O6    . G   A 1 6  ? 8.55567   -10.86339 10.08483  1.000 109.93813 ? 11  G   V O6    1 
ATOM   133  N  N1    . G   A 1 6  ? 9.89385   -9.79393  8.58365   1.000 121.10189 ? 11  G   V N1    1 
ATOM   134  C  C2    . G   A 1 6  ? 10.79752  -9.76974  7.54989   1.000 126.84453 ? 11  G   V C2    1 
ATOM   135  N  N2    . G   A 1 6  ? 11.18689  -8.55172  7.14447   1.000 120.98669 ? 11  G   V N2    1 
ATOM   136  N  N3    . G   A 1 6  ? 11.28310  -10.85275 6.95782   1.000 115.34121 ? 11  G   V N3    1 
ATOM   137  C  C4    . G   A 1 6  ? 10.78249  -11.98895 7.48947   1.000 109.63566 ? 11  G   V C4    1 
ATOM   138  P  P     . G   A 1 7  ? 10.68354  -11.99435 1.67352   1.000 133.93473 ? 12  G   V P     1 
ATOM   139  O  OP1   . G   A 1 7  ? 11.03792  -12.14093 0.23871   1.000 137.23321 ? 12  G   V OP1   1 
ATOM   140  O  OP2   . G   A 1 7  ? 10.75535  -10.65528 2.31267   1.000 109.16591 ? 12  G   V OP2   1 
ATOM   141  O  "O5'" . G   A 1 7  ? 9.20949   -12.56542 1.88098   1.000 128.31651 ? 12  G   V "O5'" 1 
ATOM   142  C  "C5'" . G   A 1 7  ? 8.74450   -13.67076 1.11932   1.000 120.08246 ? 12  G   V "C5'" 1 
ATOM   143  C  "C4'" . G   A 1 7  ? 8.09725   -14.72032 1.98940   1.000 123.29396 ? 12  G   V "C4'" 1 
ATOM   144  O  "O4'" . G   A 1 7  ? 8.63734   -14.64725 3.33260   1.000 122.49692 ? 12  G   V "O4'" 1 
ATOM   145  C  "C3'" . G   A 1 7  ? 6.59642   -14.59659 2.19367   1.000 114.72121 ? 12  G   V "C3'" 1 
ATOM   146  O  "O3'" . G   A 1 7  ? 5.84957   -15.10970 1.10584   1.000 115.36331 ? 12  G   V "O3'" 1 
ATOM   147  C  "C2'" . G   A 1 7  ? 6.37735   -15.35680 3.49514   1.000 115.57567 ? 12  G   V "C2'" 1 
ATOM   148  O  "O2'" . G   A 1 7  ? 6.38754   -16.75852 3.26705   1.000 103.49980 ? 12  G   V "O2'" 1 
ATOM   149  C  "C1'" . G   A 1 7  ? 7.64052   -14.98865 4.27293   1.000 121.30205 ? 12  G   V "C1'" 1 
ATOM   150  N  N9    . G   A 1 7  ? 7.42092   -13.84114 5.17448   1.000 111.53630 ? 12  G   V N9    1 
ATOM   151  C  C8    . G   A 1 7  ? 7.96306   -12.58137 5.08585   1.000 113.85228 ? 12  G   V C8    1 
ATOM   152  N  N7    . G   A 1 7  ? 7.56806   -11.78540 6.04379   1.000 113.13353 ? 12  G   V N7    1 
ATOM   153  C  C5    . G   A 1 7  ? 6.71574   -12.56674 6.81259   1.000 106.81022 ? 12  G   V C5    1 
ATOM   154  C  C6    . G   A 1 7  ? 5.98136   -12.25423 7.98677   1.000 104.30239 ? 12  G   V C6    1 
ATOM   155  O  O6    . G   A 1 7  ? 5.93532   -11.18518 8.60809   1.000 115.02841 ? 12  G   V O6    1 
ATOM   156  N  N1    . G   A 1 7  ? 5.24383   -13.34658 8.43289   1.000 97.18289  ? 12  G   V N1    1 
ATOM   157  C  C2    . G   A 1 7  ? 5.21553   -14.58033 7.83038   1.000 103.62099 ? 12  G   V C2    1 
ATOM   158  N  N2    . G   A 1 7  ? 4.44470   -15.51232 8.40806   1.000 103.05646 ? 12  G   V N2    1 
ATOM   159  N  N3    . G   A 1 7  ? 5.89387   -14.88287 6.73826   1.000 108.73229 ? 12  G   V N3    1 
ATOM   160  C  C4    . G   A 1 7  ? 6.61669   -13.83728 6.28793   1.000 102.21324 ? 12  G   V C4    1 
ATOM   161  P  P     . U   A 1 8  ? 4.56694   -14.31204 0.56015   1.000 123.74264 ? 13  U   V P     1 
ATOM   162  O  OP1   . U   A 1 8  ? 4.13442   -14.95708 -0.70577  1.000 127.56625 ? 13  U   V OP1   1 
ATOM   163  O  OP2   . U   A 1 8  ? 4.88118   -12.86031 0.58061   1.000 104.13040 ? 13  U   V OP2   1 
ATOM   164  O  "O5'" . U   A 1 8  ? 3.44951   -14.58426 1.66076   1.000 101.35962 ? 13  U   V "O5'" 1 
ATOM   165  C  "C5'" . U   A 1 8  ? 3.06131   -15.90835 1.99183   1.000 85.36504  ? 13  U   V "C5'" 1 
ATOM   166  C  "C4'" . U   A 1 8  ? 2.16941   -15.92795 3.20559   1.000 94.69907  ? 13  U   V "C4'" 1 
ATOM   167  O  "O4'" . U   A 1 8  ? 2.93810   -15.58149 4.38798   1.000 102.55196 ? 13  U   V "O4'" 1 
ATOM   168  C  "C3'" . U   A 1 8  ? 1.03202   -14.92064 3.19987   1.000 92.13405  ? 13  U   V "C3'" 1 
ATOM   169  O  "O3'" . U   A 1 8  ? -0.08102  -15.34275 2.43403   1.000 96.95238  ? 13  U   V "O3'" 1 
ATOM   170  C  "C2'" . U   A 1 8  ? 0.73436   -14.74908 4.68216   1.000 93.32279  ? 13  U   V "C2'" 1 
ATOM   171  O  "O2'" . U   A 1 8  ? -0.02040  -15.84649 5.17412   1.000 99.00900  ? 13  U   V "O2'" 1 
ATOM   172  C  "C1'" . U   A 1 8  ? 2.14040   -14.82593 5.27679   1.000 96.23701  ? 13  U   V "C1'" 1 
ATOM   173  N  N1    . U   A 1 8  ? 2.75119   -13.48553 5.43226   1.000 95.50573  ? 13  U   V N1    1 
ATOM   174  C  C2    . U   A 1 8  ? 2.32827   -12.69491 6.48415   1.000 92.42185  ? 13  U   V C2    1 
ATOM   175  O  O2    . U   A 1 8  ? 1.47850   -13.04769 7.28424   1.000 88.31394  ? 13  U   V O2    1 
ATOM   176  N  N3    . U   A 1 8  ? 2.93803   -11.46750 6.56668   1.000 96.45560  ? 13  U   V N3    1 
ATOM   177  C  C4    . U   A 1 8  ? 3.90666   -10.95977 5.72533   1.000 104.89885 ? 13  U   V C4    1 
ATOM   178  O  O4    . U   A 1 8  ? 4.36033   -9.83317  5.93221   1.000 121.12078 ? 13  U   V O4    1 
ATOM   179  C  C5    . U   A 1 8  ? 4.29172   -11.83737 4.66390   1.000 101.19516 ? 13  U   V C5    1 
ATOM   180  C  C6    . U   A 1 8  ? 3.71569   -13.03857 4.55910   1.000 102.93925 ? 13  U   V C6    1 
ATOM   181  P  P     . C   A 1 9  ? -0.80865  -14.30851 1.44337   1.000 109.00941 ? 14  C   V P     1 
ATOM   182  O  OP1   . C   A 1 9  ? -1.50320  -15.09728 0.39305   1.000 100.84271 ? 14  C   V OP1   1 
ATOM   183  O  OP2   . C   A 1 9  ? 0.18318   -13.27412 1.04792   1.000 94.36911  ? 14  C   V OP2   1 
ATOM   184  O  "O5'" . C   A 1 9  ? -1.91893  -13.62244 2.35771   1.000 94.81165  ? 14  C   V "O5'" 1 
ATOM   185  C  "C5'" . C   A 1 9  ? -2.99371  -14.38868 2.88034   1.000 102.32086 ? 14  C   V "C5'" 1 
ATOM   186  C  "C4'" . C   A 1 9  ? -3.59999  -13.75404 4.10771   1.000 97.65100  ? 14  C   V "C4'" 1 
ATOM   187  O  "O4'" . C   A 1 9  ? -2.59228  -13.59884 5.14145   1.000 80.09418  ? 14  C   V "O4'" 1 
ATOM   188  C  "C3'" . C   A 1 9  ? -4.16062  -12.35180 3.93973   1.000 99.32583  ? 14  C   V "C3'" 1 
ATOM   189  O  "O3'" . C   A 1 9  ? -5.43485  -12.32048 3.32359   1.000 86.37203  ? 14  C   V "O3'" 1 
ATOM   190  C  "C2'" . C   A 1 9  ? -4.16064  -11.82901 5.36917   1.000 91.73033  ? 14  C   V "C2'" 1 
ATOM   191  O  "O2'" . C   A 1 9  ? -5.25489  -12.36011 6.10197   1.000 93.15425  ? 14  C   V "O2'" 1 
ATOM   192  C  "C1'" . C   A 1 9  ? -2.87159  -12.44509 5.91104   1.000 85.12354  ? 14  C   V "C1'" 1 
ATOM   193  N  N1    . C   A 1 9  ? -1.73699  -11.50181 5.80300   1.000 83.54928  ? 14  C   V N1    1 
ATOM   194  C  C2    . C   A 1 9  ? -1.62913  -10.49689 6.76809   1.000 84.61391  ? 14  C   V C2    1 
ATOM   195  O  O2    . C   A 1 9  ? -2.47375  -10.44018 7.67556   1.000 83.49821  ? 14  C   V O2    1 
ATOM   196  N  N3    . C   A 1 9  ? -0.60793  -9.61469  6.69248   1.000 81.77597  ? 14  C   V N3    1 
ATOM   197  C  C4    . C   A 1 9  ? 0.27875   -9.70855  5.70145   1.000 84.78058  ? 14  C   V C4    1 
ATOM   198  N  N4    . C   A 1 9  ? 1.27106   -8.81674  5.66820   1.000 93.32338  ? 14  C   V N4    1 
ATOM   199  C  C5    . C   A 1 9  ? 0.19082   -10.72021 4.70167   1.000 76.61170  ? 14  C   V C5    1 
ATOM   200  C  C6    . C   A 1 9  ? -0.82594  -11.58617 4.78788   1.000 82.62236  ? 14  C   V C6    1 
ATOM   201  P  P     . C   A 1 10 ? -5.89310  -11.01151 2.51366   1.000 93.14807  ? 15  C   V P     1 
ATOM   202  O  OP1   . C   A 1 10 ? -7.18810  -11.30716 1.85106   1.000 110.50765 ? 15  C   V OP1   1 
ATOM   203  O  OP2   . C   A 1 10 ? -4.73547  -10.55366 1.70277   1.000 82.57200  ? 15  C   V OP2   1 
ATOM   204  O  "O5'" . C   A 1 10 ? -6.16418  -9.92971  3.65164   1.000 88.43963  ? 15  C   V "O5'" 1 
ATOM   205  C  "C5'" . C   A 1 10 ? -7.19035  -10.12939 4.61275   1.000 86.17231  ? 15  C   V "C5'" 1 
ATOM   206  C  "C4'" . C   A 1 10 ? -7.26895  -8.98479  5.59209   1.000 83.67763  ? 15  C   V "C4'" 1 
ATOM   207  O  "O4'" . C   A 1 10 ? -6.07282  -8.94774  6.41544   1.000 87.26629  ? 15  C   V "O4'" 1 
ATOM   208  C  "C3'" . C   A 1 10 ? -7.33397  -7.59062  4.99170   1.000 97.59517  ? 15  C   V "C3'" 1 
ATOM   209  O  "O3'" . C   A 1 10 ? -8.61728  -7.23558  4.51107   1.000 100.39170 ? 15  C   V "O3'" 1 
ATOM   210  C  "C2'" . C   A 1 10 ? -6.84680  -6.71954  6.13953   1.000 90.13910  ? 15  C   V "C2'" 1 
ATOM   211  O  "O2'" . C   A 1 10 ? -7.87121  -6.54735  7.10704   1.000 86.75859  ? 15  C   V "O2'" 1 
ATOM   212  C  "C1'" . C   A 1 10 ? -5.76019  -7.60758  6.74431   1.000 72.18508  ? 15  C   V "C1'" 1 
ATOM   213  N  N1    . C   A 1 10 ? -4.41905  -7.27988  6.20758   1.000 64.31353  ? 15  C   V N1    1 
ATOM   214  C  C2    . C   A 1 10 ? -3.77994  -6.11341  6.64716   1.000 71.30039  ? 15  C   V C2    1 
ATOM   215  O  O2    . C   A 1 10 ? -4.34761  -5.38197  7.47289   1.000 72.63342  ? 15  C   V O2    1 
ATOM   216  N  N3    . C   A 1 10 ? -2.55288  -5.80572  6.16516   1.000 68.12043  ? 15  C   V N3    1 
ATOM   217  C  C4    . C   A 1 10 ? -1.96375  -6.61068  5.27914   1.000 78.89994  ? 15  C   V C4    1 
ATOM   218  N  N4    . C   A 1 10 ? -0.75463  -6.26521  4.82969   1.000 82.93816  ? 15  C   V N4    1 
ATOM   219  C  C5    . C   A 1 10 ? -2.58966  -7.80388  4.81272   1.000 78.42047  ? 15  C   V C5    1 
ATOM   220  C  C6    . C   A 1 10 ? -3.80331  -8.09662  5.29945   1.000 74.67041  ? 15  C   V C6    1 
ATOM   221  P  P     . G   A 1 11 ? -8.74227  -6.26205  3.24002   1.000 98.98232  ? 16  G   V P     1 
ATOM   222  O  OP1   . G   A 1 11 ? -10.16418 -6.23975  2.81181   1.000 119.55600 ? 16  G   V OP1   1 
ATOM   223  O  OP2   . G   A 1 11 ? -7.68313  -6.64480  2.27368   1.000 87.91073  ? 16  G   V OP2   1 
ATOM   224  O  "O5'" . G   A 1 11 ? -8.35019  -4.82790  3.81178   1.000 84.51116  ? 16  G   V "O5'" 1 
ATOM   225  C  "C5'" . G   A 1 11 ? -9.07841  -4.24865  4.88239   1.000 86.08894  ? 16  G   V "C5'" 1 
ATOM   226  C  "C4'" . G   A 1 11 ? -8.42339  -2.98406  5.37829   1.000 80.35999  ? 16  G   V "C4'" 1 
ATOM   227  O  "O4'" . G   A 1 11 ? -7.08704  -3.26114  5.86741   1.000 78.57285  ? 16  G   V "O4'" 1 
ATOM   228  C  "C3'" . G   A 1 11 ? -8.20736  -1.88448  4.35170   1.000 91.90526  ? 16  G   V "C3'" 1 
ATOM   229  O  "O3'" . G   A 1 11 ? -9.39364  -1.16002  4.07917   1.000 107.49278 ? 16  G   V "O3'" 1 
ATOM   230  C  "C2'" . G   A 1 11 ? -7.11859  -1.04209  5.00508   1.000 88.20008  ? 16  G   V "C2'" 1 
ATOM   231  O  "O2'" . G   A 1 11 ? -7.66721  -0.19771  6.00408   1.000 82.94016  ? 16  G   V "O2'" 1 
ATOM   232  C  "C1'" . G   A 1 11 ? -6.27690  -2.11411  5.70274   1.000 70.23142  ? 16  G   V "C1'" 1 
ATOM   233  N  N9    . G   A 1 11 ? -5.06407  -2.46266  4.93754   1.000 68.13888  ? 16  G   V N9    1 
ATOM   234  C  C8    . G   A 1 11 ? -4.82823  -3.56606  4.15074   1.000 75.76726  ? 16  G   V C8    1 
ATOM   235  N  N7    . G   A 1 11 ? -3.63347  -3.55924  3.61573   1.000 75.11740  ? 16  G   V N7    1 
ATOM   236  C  C5    . G   A 1 11 ? -3.04524  -2.38808  4.07807   1.000 56.33592  ? 16  G   V C5    1 
ATOM   237  C  C6    . G   A 1 11 ? -1.75560  -1.83835  3.84117   1.000 62.15663  ? 16  G   V C6    1 
ATOM   238  O  O6    . G   A 1 11 ? -0.83620  -2.28828  3.14621   1.000 68.10237  ? 16  G   V O6    1 
ATOM   239  N  N1    . G   A 1 11 ? -1.58094  -0.63199  4.51184   1.000 50.39514  ? 16  G   V N1    1 
ATOM   240  C  C2    . G   A 1 11 ? -2.52371  -0.02886  5.30861   1.000 66.40597  ? 16  G   V C2    1 
ATOM   241  N  N2    . G   A 1 11 ? -2.16830  1.13679   5.87260   1.000 57.85443  ? 16  G   V N2    1 
ATOM   242  N  N3    . G   A 1 11 ? -3.72702  -0.53213  5.53791   1.000 68.14728  ? 16  G   V N3    1 
ATOM   243  C  C4    . G   A 1 11 ? -3.91811  -1.70332  4.89505   1.000 62.34921  ? 16  G   V C4    1 
ATOM   244  P  P     . U   A 1 12 ? -9.55366  -0.25357  2.75948   1.000 98.41809  ? 17  U   V P     1 
ATOM   245  O  OP1   . U   A 1 12 ? -11.00246 -0.26453  2.43132   1.000 104.92334 ? 17  U   V OP1   1 
ATOM   246  O  OP2   . U   A 1 12 ? -8.57521  -0.62720  1.70579   1.000 79.07055  ? 17  U   V OP2   1 
ATOM   247  O  "O5'" . U   A 1 12 ? -9.18533  1.20399   3.27960   1.000 100.31952 ? 17  U   V "O5'" 1 
ATOM   248  C  "C5'" . U   A 1 12 ? -8.73537  2.20978   2.38075   1.000 117.98510 ? 17  U   V "C5'" 1 
ATOM   249  C  "C4'" . U   A 1 12 ? -7.63837  3.05208   2.98711   1.000 105.19735 ? 17  U   V "C4'" 1 
ATOM   250  O  "O4'" . U   A 1 12 ? -6.47964  2.21316   3.25195   1.000 84.31527  ? 17  U   V "O4'" 1 
ATOM   251  C  "C3'" . U   A 1 12 ? -7.14193  4.19085   2.10153   1.000 117.45651 ? 17  U   V "C3'" 1 
ATOM   252  O  "O3'" . U   A 1 12 ? -6.74813  5.29984   2.91101   1.000 130.98365 ? 17  U   V "O3'" 1 
ATOM   253  C  "C2'" . U   A 1 12 ? -5.91831  3.58426   1.42597   1.000 111.27840 ? 17  U   V "C2'" 1 
ATOM   254  O  "O2'" . U   A 1 12 ? -4.97173  4.53088   0.97739   1.000 127.65239 ? 17  U   V "O2'" 1 
ATOM   255  C  "C1'" . U   A 1 12 ? -5.35692  2.70622   2.53886   1.000 98.22846  ? 17  U   V "C1'" 1 
ATOM   256  N  N1    . U   A 1 12 ? -4.57505  1.56151   2.04820   1.000 80.06608  ? 17  U   V N1    1 
ATOM   257  C  C2    . U   A 1 12 ? -3.19622  1.67979   2.03447   1.000 74.22452  ? 17  U   V C2    1 
ATOM   258  O  O2    . U   A 1 12 ? -2.60525  2.68221   2.40107   1.000 59.71278  ? 17  U   V O2    1 
ATOM   259  N  N3    . U   A 1 12 ? -2.52649  0.57509   1.57080   1.000 65.40565  ? 17  U   V N3    1 
ATOM   260  C  C4    . U   A 1 12 ? -3.08504  -0.60599  1.12994   1.000 73.08374  ? 17  U   V C4    1 
ATOM   261  O  O4    . U   A 1 12 ? -2.35230  -1.51513  0.74195   1.000 74.31992  ? 17  U   V O4    1 
ATOM   262  C  C5    . U   A 1 12 ? -4.51170  -0.65170  1.17988   1.000 79.90516  ? 17  U   V C5    1 
ATOM   263  C  C6    . U   A 1 12 ? -5.19040  0.40643   1.62735   1.000 75.78471  ? 17  U   V C6    1 
ATOM   264  P  P     . U   A 1 13 ? -7.36321  6.76219   2.63722   1.000 145.63844 ? 18  U   V P     1 
ATOM   265  O  OP1   . U   A 1 13 ? -6.24977  7.67817   2.28733   1.000 143.90051 ? 18  U   V OP1   1 
ATOM   266  O  OP2   . U   A 1 13 ? -8.24496  7.10850   3.77606   1.000 135.25029 ? 18  U   V OP2   1 
ATOM   267  O  "O5'" . U   A 1 13 ? -8.27619  6.57781   1.34365   1.000 147.31448 ? 18  U   V "O5'" 1 
ATOM   268  C  "C5'" . U   A 1 13 ? -7.78910  6.90987   0.05048   1.000 151.79132 ? 18  U   V "C5'" 1 
ATOM   269  C  "C4'" . U   A 1 13 ? -8.56067  6.18417   -1.01984  1.000 154.59712 ? 18  U   V "C4'" 1 
ATOM   270  O  "O4'" . U   A 1 13 ? -8.89882  4.85391   -0.55078  1.000 146.43708 ? 18  U   V "O4'" 1 
ATOM   271  C  "C3'" . U   A 1 13 ? -9.89643  6.80402   -1.39393  1.000 166.82901 ? 18  U   V "C3'" 1 
ATOM   272  O  "O3'" . U   A 1 13 ? -9.75789  7.83293   -2.35651  1.000 171.83898 ? 18  U   V "O3'" 1 
ATOM   273  C  "C2'" . U   A 1 13 ? -10.70301 5.61280   -1.90271  1.000 161.31532 ? 18  U   V "C2'" 1 
ATOM   274  O  "O2'" . U   A 1 13 ? -10.40349 5.32835   -3.26314  1.000 148.24695 ? 18  U   V "O2'" 1 
ATOM   275  C  "C1'" . U   A 1 13 ? -10.16663 4.47204   -1.03545  1.000 155.55267 ? 18  U   V "C1'" 1 
ATOM   276  N  N1    . U   A 1 13 ? -11.04403 4.16441   0.11932   1.000 171.46712 ? 18  U   V N1    1 
ATOM   277  C  C2    . U   A 1 13 ? -12.01622 3.19393   -0.04490  1.000 180.21192 ? 18  U   V C2    1 
ATOM   278  O  O2    . U   A 1 13 ? -12.18523 2.59293   -1.09465  1.000 177.80681 ? 18  U   V O2    1 
ATOM   279  N  N3    . U   A 1 13 ? -12.78805 2.95400   1.06807   1.000 188.06751 ? 18  U   V N3    1 
ATOM   280  C  C4    . U   A 1 13 ? -12.68963 3.56181   2.30184   1.000 184.02766 ? 18  U   V C4    1 
ATOM   281  O  O4    . U   A 1 13 ? -13.46217 3.23616   3.20278   1.000 181.24875 ? 18  U   V O4    1 
ATOM   282  C  C5    . U   A 1 13 ? -11.65894 4.54750   2.39101   1.000 176.00370 ? 18  U   V C5    1 
ATOM   283  C  C6    . U   A 1 13 ? -10.89165 4.80632   1.32635   1.000 172.49604 ? 18  U   V C6    1 
ATOM   284  P  P     . C   A 1 14 ? -10.59556 9.19980   -2.22396  1.000 186.70601 ? 19  C   V P     1 
ATOM   285  O  OP1   . C   A 1 14 ? -12.04237 8.89280   -2.33141  1.000 173.07483 ? 19  C   V OP1   1 
ATOM   286  O  OP2   . C   A 1 14 ? -9.99586  10.21070  -3.12670  1.000 188.59525 ? 19  C   V OP2   1 
ATOM   287  O  "O5'" . C   A 1 14 ? -10.32168 9.68544   -0.73380  1.000 161.09202 ? 19  C   V "O5'" 1 
ATOM   288  C  "C5'" . C   A 1 14 ? -10.76313 10.96425  -0.28389  1.000 148.78380 ? 19  C   V "C5'" 1 
ATOM   289  C  "C4'" . C   A 1 14 ? -11.17234 10.92381  1.16734   1.000 157.26039 ? 19  C   V "C4'" 1 
ATOM   290  O  "O4'" . C   A 1 14 ? -12.44768 10.23817  1.28198   1.000 168.20275 ? 19  C   V "O4'" 1 
ATOM   291  C  "C3'" . C   A 1 14 ? -10.20485 10.18125  2.08549   1.000 158.24853 ? 19  C   V "C3'" 1 
ATOM   292  O  "O3'" . C   A 1 14 ? -10.15881 10.82728  3.35167   1.000 156.75016 ? 19  C   V "O3'" 1 
ATOM   293  C  "C2'" . C   A 1 14 ? -10.85900 8.81260   2.24373   1.000 169.66686 ? 19  C   V "C2'" 1 
ATOM   294  O  "O2'" . C   A 1 14 ? -10.53020 8.15657   3.44694   1.000 160.57782 ? 19  C   V "O2'" 1 
ATOM   295  C  "C1'" . C   A 1 14 ? -12.33722 9.17171   2.20127   1.000 174.33295 ? 19  C   V "C1'" 1 
ATOM   296  N  N1    . C   A 1 14 ? -13.19687 8.08026   1.72797   1.000 188.44795 ? 19  C   V N1    1 
ATOM   297  C  C2    . C   A 1 14 ? -14.06380 7.45551   2.62760   1.000 186.32715 ? 19  C   V C2    1 
ATOM   298  O  O2    . C   A 1 14 ? -14.08567 7.83675   3.80651   1.000 175.10390 ? 19  C   V O2    1 
ATOM   299  N  N3    . C   A 1 14 ? -14.85628 6.45251   2.18700   1.000 193.62539 ? 19  C   V N3    1 
ATOM   300  C  C4    . C   A 1 14 ? -14.79720 6.07752   0.90452   1.000 193.62831 ? 19  C   V C4    1 
ATOM   301  N  N4    . C   A 1 14 ? -15.59032 5.08243   0.50233   1.000 194.03138 ? 19  C   V N4    1 
ATOM   302  C  C5    . C   A 1 14 ? -13.92339 6.69652   -0.03670  1.000 187.41128 ? 19  C   V C5    1 
ATOM   303  C  C6    . C   A 1 14 ? -13.14882 7.68787   0.41726   1.000 188.08187 ? 19  C   V C6    1 
ATOM   304  P  P     . A   A 1 15 ? -8.86992  11.68802  3.76063   1.000 162.75136 ? 20  A   V P     1 
ATOM   305  O  OP1   . A   A 1 15 ? -9.21525  12.41216  5.00800   1.000 143.81273 ? 20  A   V OP1   1 
ATOM   306  O  OP2   . A   A 1 15 ? -8.40694  12.44662  2.57345   1.000 143.91802 ? 20  A   V OP2   1 
ATOM   307  O  "O5'" . A   A 1 15 ? -7.76174  10.59151  4.08226   1.000 148.35735 ? 20  A   V "O5'" 1 
ATOM   308  C  "C5'" . A   A 1 15 ? -7.70279  9.95345   5.34734   1.000 123.29735 ? 20  A   V "C5'" 1 
ATOM   309  C  "C4'" . A   A 1 15 ? -6.41396  10.29379  6.04765   1.000 99.59302  ? 20  A   V "C4'" 1 
ATOM   310  O  "O4'" . A   A 1 15 ? -5.89127  9.12265   6.72368   1.000 124.59354 ? 20  A   V "O4'" 1 
ATOM   311  C  "C3'" . A   A 1 15 ? -5.27246  10.73145  5.14509   1.000 111.21357 ? 20  A   V "C3'" 1 
ATOM   312  O  "O3'" . A   A 1 15 ? -5.35762  12.08760  4.76151   1.000 143.06397 ? 20  A   V "O3'" 1 
ATOM   313  C  "C2'" . A   A 1 15 ? -4.04557  10.41845  5.98670   1.000 98.76373  ? 20  A   V "C2'" 1 
ATOM   314  O  "O2'" . A   A 1 15 ? -3.83693  11.41029  6.98346   1.000 94.71883  ? 20  A   V "O2'" 1 
ATOM   315  C  "C1'" . A   A 1 15 ? -4.47878  9.12261   6.66517   1.000 102.80986 ? 20  A   V "C1'" 1 
ATOM   316  N  N9    . A   A 1 15 ? -4.04328  7.95528   5.88213   1.000 99.97089  ? 20  A   V N9    1 
ATOM   317  C  C8    . A   A 1 15 ? -4.77963  7.24566   4.97101   1.000 99.72446  ? 20  A   V C8    1 
ATOM   318  N  N7    . A   A 1 15 ? -4.11807  6.26348   4.41207   1.000 95.58461  ? 20  A   V N7    1 
ATOM   319  C  C5    . A   A 1 15 ? -2.86338  6.33307   4.99906   1.000 84.82974  ? 20  A   V C5    1 
ATOM   320  C  C6    . A   A 1 15 ? -1.70780  5.55651   4.83363   1.000 84.76653  ? 20  A   V C6    1 
ATOM   321  N  N6    . A   A 1 15 ? -1.63202  4.52598   3.98913   1.000 84.43771  ? 20  A   V N6    1 
ATOM   322  N  N1    . A   A 1 15 ? -0.62551  5.88863   5.57065   1.000 85.27503  ? 20  A   V N1    1 
ATOM   323  C  C2    . A   A 1 15 ? -0.71344  6.92724   6.41469   1.000 98.74330  ? 20  A   V C2    1 
ATOM   324  N  N3    . A   A 1 15 ? -1.74178  7.73514   6.65851   1.000 92.32481  ? 20  A   V N3    1 
ATOM   325  C  C4    . A   A 1 15 ? -2.79858  7.37579   5.90714   1.000 85.76447  ? 20  A   V C4    1 
ATOM   326  P  P     . A   A 1 16 ? -4.37049  12.65973  3.63521   1.000 121.37311 ? 21  A   V P     1 
ATOM   327  O  OP1   . A   A 1 16 ? -4.95530  13.91407  3.10736   1.000 132.00188 ? 21  A   V OP1   1 
ATOM   328  O  OP2   . A   A 1 16 ? -4.03442  11.55737  2.70032   1.000 95.15108  ? 21  A   V OP2   1 
ATOM   329  O  "O5'" . A   A 1 16 ? -3.06048  13.03667  4.45096   1.000 84.54893  ? 21  A   V "O5'" 1 
ATOM   330  C  "C5'" . A   A 1 16 ? -1.82119  13.19123  3.79019   1.000 90.90792  ? 21  A   V "C5'" 1 
ATOM   331  C  "C4'" . A   A 1 16 ? -0.66665  12.89982  4.71061   1.000 91.64624  ? 21  A   V "C4'" 1 
ATOM   332  O  "O4'" . A   A 1 16 ? -0.83957  11.58844  5.31339   1.000 88.57326  ? 21  A   V "O4'" 1 
ATOM   333  C  "C3'" . A   A 1 16 ? 0.69139   12.82951  4.03192   1.000 102.38716 ? 21  A   V "C3'" 1 
ATOM   334  O  "O3'" . A   A 1 16 ? 1.27801   14.10531  3.83391   1.000 104.00268 ? 21  A   V "O3'" 1 
ATOM   335  C  "C2'" . A   A 1 16 ? 1.48016   11.90097  4.94564   1.000 80.11331  ? 21  A   V "C2'" 1 
ATOM   336  O  "O2'" . A   A 1 16 ? 1.93528   12.58203  6.11109   1.000 88.50150  ? 21  A   V "O2'" 1 
ATOM   337  C  "C1'" . A   A 1 16 ? 0.39431   10.90661  5.35335   1.000 74.60959  ? 21  A   V "C1'" 1 
ATOM   338  N  N9    . A   A 1 16 ? 0.30206   9.74453   4.43955   1.000 80.25039  ? 21  A   V N9    1 
ATOM   339  C  C8    . A   A 1 16 ? -0.82415  9.28376   3.79110   1.000 94.17499  ? 21  A   V C8    1 
ATOM   340  N  N7    . A   A 1 16 ? -0.61103  8.20920   3.05914   1.000 91.51707  ? 21  A   V N7    1 
ATOM   341  C  C5    . A   A 1 16 ? 0.74207   7.93670   3.23770   1.000 71.17289  ? 21  A   V C5    1 
ATOM   342  C  C6    . A   A 1 16 ? 1.59303   6.92715   2.73777   1.000 73.62569  ? 21  A   V C6    1 
ATOM   343  N  N6    . A   A 1 16 ? 1.21100   5.95370   1.90730   1.000 75.79938  ? 21  A   V N6    1 
ATOM   344  N  N1    . A   A 1 16 ? 2.88779   6.95486   3.11521   1.000 66.40983  ? 21  A   V N1    1 
ATOM   345  C  C2    . A   A 1 16 ? 3.29210   7.92114   3.94594   1.000 72.06088  ? 21  A   V C2    1 
ATOM   346  N  N3    . A   A 1 16 ? 2.59806   8.91546   4.49103   1.000 71.74085  ? 21  A   V N3    1 
ATOM   347  C  C4    . A   A 1 16 ? 1.31278   8.87138   4.09175   1.000 74.58814  ? 21  A   V C4    1 
ATOM   348  P  P     . C   A 1 17 ? 1.35825   14.71600  2.34960   1.000 104.81895 ? 22  C   V P     1 
ATOM   349  O  OP1   . C   A 1 17 ? 2.07095   16.02080  2.36725   1.000 100.14230 ? 22  C   V OP1   1 
ATOM   350  O  OP2   . C   A 1 17 ? -0.00793  14.62425  1.77806   1.000 81.46814  ? 22  C   V OP2   1 
ATOM   351  O  "O5'" . C   A 1 17 ? 2.26193   13.66909  1.55961   1.000 90.34640  ? 22  C   V "O5'" 1 
ATOM   352  C  "C5'" . C   A 1 17 ? 3.60873   13.42986  1.94009   1.000 89.99517  ? 22  C   V "C5'" 1 
ATOM   353  C  "C4'" . C   A 1 17 ? 4.15951   12.17964  1.29725   1.000 86.67310  ? 22  C   V "C4'" 1 
ATOM   354  O  "O4'" . C   A 1 17 ? 3.38249   11.02736  1.70548   1.000 94.34878  ? 22  C   V "O4'" 1 
ATOM   355  C  "C3'" . C   A 1 17 ? 4.12608   12.12214  -0.22228  1.000 94.13785  ? 22  C   V "C3'" 1 
ATOM   356  O  "O3'" . C   A 1 17 ? 5.18597   12.85471  -0.81789  1.000 98.95203  ? 22  C   V "O3'" 1 
ATOM   357  C  "C2'" . C   A 1 17 ? 4.18787   10.62233  -0.50131  1.000 81.67370  ? 22  C   V "C2'" 1 
ATOM   358  O  "O2'" . C   A 1 17 ? 5.52597   10.15603  -0.42392  1.000 87.27488  ? 22  C   V "O2'" 1 
ATOM   359  C  "C1'" . C   A 1 17 ? 3.40833   10.04801  0.68715   1.000 72.24655  ? 22  C   V "C1'" 1 
ATOM   360  N  N1    . C   A 1 17 ? 2.02190   9.65459   0.33701   1.000 60.81996  ? 22  C   V N1    1 
ATOM   361  C  C2    . C   A 1 17 ? 1.82282   8.41453   -0.28418  1.000 76.80464  ? 22  C   V C2    1 
ATOM   362  O  O2    . C   A 1 17 ? 2.80517   7.69705   -0.52893  1.000 77.94111  ? 22  C   V O2    1 
ATOM   363  N  N3    . C   A 1 17 ? 0.56883   8.01985   -0.60881  1.000 79.12553  ? 22  C   V N3    1 
ATOM   364  C  C4    . C   A 1 17 ? -0.46910  8.81115   -0.33534  1.000 91.89481  ? 22  C   V C4    1 
ATOM   365  N  N4    . C   A 1 17 ? -1.68743  8.37979   -0.67462  1.000 103.10125 ? 22  C   V N4    1 
ATOM   366  C  C5    . C   A 1 17 ? -0.29926  10.07664  0.30146   1.000 78.53724  ? 22  C   V C5    1 
ATOM   367  C  C6    . C   A 1 17 ? 0.94838   10.45299  0.61947   1.000 71.63233  ? 22  C   V C6    1 
ATOM   368  P  P     . U   A 1 18 ? 5.09156   13.34484  -2.34685  1.000 101.76313 ? 23  U   V P     1 
ATOM   369  O  OP1   . U   A 1 18 ? 4.91594   12.14915  -3.21128  1.000 88.12591  ? 23  U   V OP1   1 
ATOM   370  O  OP2   . U   A 1 18 ? 6.22507   14.27458  -2.59363  1.000 87.63221  ? 23  U   V OP2   1 
ATOM   371  O  "O5'" . U   A 1 18 ? 3.74660   14.19624  -2.40420  1.000 96.39336  ? 23  U   V "O5'" 1 
ATOM   372  C  "C5'" . U   A 1 18 ? 3.67992   15.50031  -1.83545  1.000 90.47219  ? 23  U   V "C5'" 1 
ATOM   373  C  "C4'" . U   A 1 18 ? 3.11562   16.51174  -2.80563  1.000 99.96518  ? 23  U   V "C4'" 1 
ATOM   374  O  "O4'" . U   A 1 18 ? 4.05911   16.71861  -3.89380  1.000 101.75558 ? 23  U   V "O4'" 1 
ATOM   375  C  "C3'" . U   A 1 18 ? 1.78858   16.12931  -3.46058  1.000 98.17417  ? 23  U   V "C3'" 1 
ATOM   376  O  "O3'" . U   A 1 18 ? 1.00765   17.30589  -3.66249  1.000 92.73293  ? 23  U   V "O3'" 1 
ATOM   377  C  "C2'" . U   A 1 18 ? 2.22917   15.58300  -4.81449  1.000 100.47520 ? 23  U   V "C2'" 1 
ATOM   378  O  "O2'" . U   A 1 18 ? 1.24136   15.63854  -5.82158  1.000 95.11206  ? 23  U   V "O2'" 1 
ATOM   379  C  "C1'" . U   A 1 18 ? 3.41432   16.48809  -5.13128  1.000 100.13660 ? 23  U   V "C1'" 1 
ATOM   380  N  N1    . U   A 1 18 ? 4.38819   15.90077  -6.06167  1.000 102.91173 ? 23  U   V N1    1 
ATOM   381  C  C2    . U   A 1 18 ? 4.46427   16.43569  -7.33357  1.000 109.57062 ? 23  U   V C2    1 
ATOM   382  O  O2    . U   A 1 18 ? 3.76433   17.36202  -7.70688  1.000 107.64656 ? 23  U   V O2    1 
ATOM   383  N  N3    . U   A 1 18 ? 5.39143   15.84363  -8.15544  1.000 106.51904 ? 23  U   V N3    1 
ATOM   384  C  C4    . U   A 1 18 ? 6.23143   14.79496  -7.83923  1.000 105.70954 ? 23  U   V C4    1 
ATOM   385  O  O4    . U   A 1 18 ? 7.01496   14.36796  -8.68910  1.000 96.00695  ? 23  U   V O4    1 
ATOM   386  C  C5    . U   A 1 18 ? 6.09073   14.30027  -6.50355  1.000 114.65015 ? 23  U   V C5    1 
ATOM   387  C  C6    . U   A 1 18 ? 5.19568   14.85642  -5.68101  1.000 104.62803 ? 23  U   V C6    1 
ATOM   388  P  P     . C   A 1 19 ? -0.50973  17.36737  -3.13930  1.000 115.48625 ? 24  C   V P     1 
ATOM   389  O  OP1   . C   A 1 19 ? -1.17049  18.54212  -3.76261  1.000 126.85799 ? 24  C   V OP1   1 
ATOM   390  O  OP2   . C   A 1 19 ? -0.48431  17.24044  -1.65976  1.000 107.80453 ? 24  C   V OP2   1 
ATOM   391  O  "O5'" . C   A 1 19 ? -1.17523  16.04817  -3.73483  1.000 102.90086 ? 24  C   V "O5'" 1 
ATOM   392  C  "C5'" . C   A 1 19 ? -2.02744  16.09439  -4.87610  1.000 99.95349  ? 24  C   V "C5'" 1 
ATOM   393  C  "C4'" . C   A 1 19 ? -3.01057  14.95044  -4.85625  1.000 105.22068 ? 24  C   V "C4'" 1 
ATOM   394  O  "O4'" . C   A 1 19 ? -3.87313  15.01707  -6.02652  1.000 121.44183 ? 24  C   V "O4'" 1 
ATOM   395  C  "C3'" . C   A 1 19 ? -2.38023  13.55712  -4.86447  1.000 127.71499 ? 24  C   V "C3'" 1 
ATOM   396  O  "O3'" . C   A 1 19 ? -3.10682  12.68532  -4.00134  1.000 118.42603 ? 24  C   V "O3'" 1 
ATOM   397  C  "C2'" . C   A 1 19 ? -2.55338  13.10692  -6.31114  1.000 136.73793 ? 24  C   V "C2'" 1 
ATOM   398  O  "O2'" . C   A 1 19 ? -2.59645  11.70669  -6.48952  1.000 145.53955 ? 24  C   V "O2'" 1 
ATOM   399  C  "C1'" . C   A 1 19 ? -3.87524  13.76501  -6.68218  1.000 135.87628 ? 24  C   V "C1'" 1 
ATOM   400  N  N1    . C   A 1 19 ? -4.04057  13.98007  -8.12642  1.000 137.15392 ? 24  C   V N1    1 
ATOM   401  C  C2    . C   A 1 19 ? -5.22190  13.54921  -8.73546  1.000 151.31000 ? 24  C   V C2    1 
ATOM   402  O  O2    . C   A 1 19 ? -6.09945  13.02148  -8.03530  1.000 146.88104 ? 24  C   V O2    1 
ATOM   403  N  N3    . C   A 1 19 ? -5.38248  13.73006  -10.06648 1.000 158.46530 ? 24  C   V N3    1 
ATOM   404  C  C4    . C   A 1 19 ? -4.41355  14.30405  -10.78206 1.000 162.18186 ? 24  C   V C4    1 
ATOM   405  N  N4    . C   A 1 19 ? -4.61422  14.46122  -12.09275 1.000 171.69316 ? 24  C   V N4    1 
ATOM   406  C  C5    . C   A 1 19 ? -3.19458  14.74234  -10.18706 1.000 152.68838 ? 24  C   V C5    1 
ATOM   407  C  C6    . C   A 1 19 ? -3.04948  14.55847  -8.86888  1.000 129.99174 ? 24  C   V C6    1 
ATOM   408  P  P     . G   A 1 20 ? -2.35789  11.45175  -3.29169  1.000 117.39155 ? 25  G   V P     1 
ATOM   409  O  OP1   . G   A 1 20 ? -2.98577  10.20129  -3.79010  1.000 99.83026  ? 25  G   V OP1   1 
ATOM   410  O  OP2   . G   A 1 20 ? -2.29912  11.72341  -1.83274  1.000 130.18057 ? 25  G   V OP2   1 
ATOM   411  O  "O5'" . G   A 1 20 ? -0.86862  11.51148  -3.86031  1.000 101.67366 ? 25  G   V "O5'" 1 
ATOM   412  C  "C5'" . G   A 1 20 ? 0.19100   12.07252  -3.09538  1.000 93.48295  ? 25  G   V "C5'" 1 
ATOM   413  C  "C4'" . G   A 1 20 ? 1.53232   11.54263  -3.53616  1.000 88.50601  ? 25  G   V "C4'" 1 
ATOM   414  O  "O4'" . G   A 1 20 ? 1.78101   10.25772  -2.90964  1.000 98.95956  ? 25  G   V "O4'" 1 
ATOM   415  C  "C3'" . G   A 1 20 ? 1.68675   11.26427  -5.02425  1.000 102.71950 ? 25  G   V "C3'" 1 
ATOM   416  O  "O3'" . G   A 1 20 ? 1.97129   12.42670  -5.78412  1.000 109.72644 ? 25  G   V "O3'" 1 
ATOM   417  C  "C2'" . G   A 1 20 ? 2.80229   10.22896  -5.05323  1.000 96.94440  ? 25  G   V "C2'" 1 
ATOM   418  O  "O2'" . G   A 1 20 ? 4.06556   10.85381  -4.87871  1.000 97.84932  ? 25  G   V "O2'" 1 
ATOM   419  C  "C1'" . G   A 1 20 ? 2.49160   9.41839   -3.79542  1.000 87.75519  ? 25  G   V "C1'" 1 
ATOM   420  N  N9    . G   A 1 20 ? 1.66318   8.23043   -4.08056  1.000 82.74061  ? 25  G   V N9    1 
ATOM   421  C  C8    . G   A 1 20 ? 0.34077   8.04982   -3.75370  1.000 94.58694  ? 25  G   V C8    1 
ATOM   422  N  N7    . G   A 1 20 ? -0.13045  6.88858   -4.12215  1.000 80.09750  ? 25  G   V N7    1 
ATOM   423  C  C5    . G   A 1 20 ? 0.94661   6.26045   -4.73026  1.000 70.49077  ? 25  G   V C5    1 
ATOM   424  C  C6    . G   A 1 20 ? 1.04151   4.97684   -5.32843  1.000 70.71321  ? 25  G   V C6    1 
ATOM   425  O  O6    . G   A 1 20 ? 0.16406   4.11201   -5.44529  1.000 74.02673  ? 25  G   V O6    1 
ATOM   426  N  N1    . G   A 1 20 ? 2.31932   4.73980   -5.82501  1.000 73.70692  ? 25  G   V N1    1 
ATOM   427  C  C2    . G   A 1 20 ? 3.37057   5.62125   -5.75406  1.000 85.84549  ? 25  G   V C2    1 
ATOM   428  N  N2    . G   A 1 20 ? 4.52705   5.20544   -6.29099  1.000 77.22403  ? 25  G   V N2    1 
ATOM   429  N  N3    . G   A 1 20 ? 3.29549   6.82084   -5.19877  1.000 81.14022  ? 25  G   V N3    1 
ATOM   430  C  C4    . G   A 1 20 ? 2.06252   7.07371   -4.71010  1.000 84.26128  ? 25  G   V C4    1 
ATOM   431  P  P     . U   A 1 21 ? 1.50972   12.51884  -7.32139  1.000 104.22761 ? 26  U   V P     1 
ATOM   432  O  OP1   . U   A 1 21 ? 1.81793   13.88364  -7.81823  1.000 104.75116 ? 26  U   V OP1   1 
ATOM   433  O  OP2   . U   A 1 21 ? 0.12958   11.98727  -7.42272  1.000 99.58818  ? 26  U   V OP2   1 
ATOM   434  O  "O5'" . U   A 1 21 ? 2.45389   11.48290  -8.07682  1.000 93.42527  ? 26  U   V "O5'" 1 
ATOM   435  C  "C5'" . U   A 1 21 ? 3.84073   11.73571  -8.24077  1.000 93.58900  ? 26  U   V "C5'" 1 
ATOM   436  C  "C4'" . U   A 1 21 ? 4.52016   10.59564  -8.95591  1.000 105.67947 ? 26  U   V "C4'" 1 
ATOM   437  O  "O4'" . U   A 1 21 ? 4.39751   9.38290   -8.16662  1.000 98.50910  ? 26  U   V "O4'" 1 
ATOM   438  C  "C3'" . U   A 1 21 ? 3.93226   10.21440  -10.30594 1.000 119.06370 ? 26  U   V "C3'" 1 
ATOM   439  O  "O3'" . U   A 1 21 ? 4.36361   11.05357  -11.36266 1.000 126.35806 ? 26  U   V "O3'" 1 
ATOM   440  C  "C2'" . U   A 1 21 ? 4.36728   8.76378   -10.45923 1.000 107.20683 ? 26  U   V "C2'" 1 
ATOM   441  O  "O2'" . U   A 1 21 ? 5.72865   8.68686   -10.85614 1.000 111.87487 ? 26  U   V "O2'" 1 
ATOM   442  C  "C1'" . U   A 1 21 ? 4.25604   8.26461   -9.01880  1.000 92.52250  ? 26  U   V "C1'" 1 
ATOM   443  N  N1    . U   A 1 21 ? 2.94678   7.62484   -8.75126  1.000 82.67023  ? 26  U   V N1    1 
ATOM   444  C  C2    . U   A 1 21 ? 2.77731   6.31443   -9.15934  1.000 89.04414  ? 26  U   V C2    1 
ATOM   445  O  O2    . U   A 1 21 ? 3.64980   5.67671   -9.72413  1.000 93.31864  ? 26  U   V O2    1 
ATOM   446  N  N3    . U   A 1 21 ? 1.54510   5.77388   -8.88469  1.000 80.31988  ? 26  U   V N3    1 
ATOM   447  C  C4    . U   A 1 21 ? 0.48675   6.39653   -8.25565  1.000 85.56536  ? 26  U   V C4    1 
ATOM   448  O  O4    . U   A 1 21 ? -0.56229  5.77448   -8.07858  1.000 84.02678  ? 26  U   V O4    1 
ATOM   449  C  C5    . U   A 1 21 ? 0.74011   7.74931   -7.86309  1.000 88.10549  ? 26  U   V C5    1 
ATOM   450  C  C6    . U   A 1 21 ? 1.93075   8.30181   -8.11664  1.000 83.12221  ? 26  U   V C6    1 
ATOM   451  P  P     . U   A 1 22 ? 3.37822   11.36651  -12.59342 1.000 124.58984 ? 27  U   V P     1 
ATOM   452  O  OP1   . U   A 1 22 ? 4.03102   12.38868  -13.45070 1.000 116.01566 ? 27  U   V OP1   1 
ATOM   453  O  OP2   . U   A 1 22 ? 2.02212   11.62505  -12.04555 1.000 121.16517 ? 27  U   V OP2   1 
ATOM   454  O  "O5'" . U   A 1 22 ? 3.33090   9.99820   -13.40924 1.000 95.79812  ? 27  U   V "O5'" 1 
ATOM   455  C  "C5'" . U   A 1 22 ? 4.47713   9.53185   -14.10436 1.000 102.09746 ? 27  U   V "C5'" 1 
ATOM   456  C  "C4'" . U   A 1 22 ? 4.34529   8.08313   -14.50338 1.000 103.27477 ? 27  U   V "C4'" 1 
ATOM   457  O  "O4'" . U   A 1 22 ? 4.07262   7.26626   -13.33524 1.000 107.62557 ? 27  U   V "O4'" 1 
ATOM   458  C  "C3'" . U   A 1 22 ? 3.21071   7.73942   -15.45394 1.000 113.48271 ? 27  U   V "C3'" 1 
ATOM   459  O  "O3'" . U   A 1 22 ? 3.49105   8.06258   -16.80542 1.000 120.22349 ? 27  U   V "O3'" 1 
ATOM   460  C  "C2'" . U   A 1 22 ? 3.02511   6.24770   -15.20962 1.000 108.14933 ? 27  U   V "C2'" 1 
ATOM   461  O  "O2'" . U   A 1 22 ? 4.03243   5.50277   -15.87816 1.000 106.56277 ? 27  U   V "O2'" 1 
ATOM   462  C  "C1'" . U   A 1 22 ? 3.27997   6.15498   -13.70460 1.000 98.33021  ? 27  U   V "C1'" 1 
ATOM   463  N  N1    . U   A 1 22 ? 2.02105   6.16785   -12.92256 1.000 93.06886  ? 27  U   V N1    1 
ATOM   464  C  C2    . U   A 1 22 ? 1.32142   4.97678   -12.83418 1.000 97.60682  ? 27  U   V C2    1 
ATOM   465  O  O2    . U   A 1 22 ? 1.69668   3.94497   -13.36452 1.000 97.48584  ? 27  U   V O2    1 
ATOM   466  N  N3    . U   A 1 22 ? 0.16169   5.03086   -12.10124 1.000 98.60935  ? 27  U   V N3    1 
ATOM   467  C  C4    . U   A 1 22 ? -0.36151  6.13361   -11.45813 1.000 107.04318 ? 27  U   V C4    1 
ATOM   468  O  O4    . U   A 1 22 ? -1.41926  6.02330   -10.83376 1.000 105.91993 ? 27  U   V O4    1 
ATOM   469  C  C5    . U   A 1 22 ? 0.41764   7.32827   -11.59633 1.000 99.55601  ? 27  U   V C5    1 
ATOM   470  C  C6    . U   A 1 22 ? 1.55348   7.30555   -12.30494 1.000 98.74421  ? 27  U   V C6    1 
ATOM   471  P  P     . C   A 1 23 ? 2.28889   8.40185   -17.81878 1.000 129.59800 ? 28  C   V P     1 
ATOM   472  O  OP1   . C   A 1 23 ? 2.88324   8.75882   -19.13187 1.000 117.68458 ? 28  C   V OP1   1 
ATOM   473  O  OP2   . C   A 1 23 ? 1.37277   9.35571   -17.14307 1.000 113.65017 ? 28  C   V OP2   1 
ATOM   474  O  "O5'" . C   A 1 23 ? 1.51913   7.01628   -17.99197 1.000 94.04276  ? 28  C   V "O5'" 1 
ATOM   475  C  "C5'" . C   A 1 23 ? 2.14032   5.91583   -18.63978 1.000 95.24613  ? 28  C   V "C5'" 1 
ATOM   476  C  "C4'" . C   A 1 23 ? 1.34201   4.64587   -18.47904 1.000 103.33714 ? 28  C   V "C4'" 1 
ATOM   477  O  "O4'" . C   A 1 23 ? 1.13157   4.36216   -17.07108 1.000 107.99864 ? 28  C   V "O4'" 1 
ATOM   478  C  "C3'" . C   A 1 23 ? -0.06235  4.65514   -19.05785 1.000 112.18322 ? 28  C   V "C3'" 1 
ATOM   479  O  "O3'" . C   A 1 23 ? -0.09103  4.46518   -20.46091 1.000 113.86239 ? 28  C   V "O3'" 1 
ATOM   480  C  "C2'" . C   A 1 23 ? -0.74504  3.54128   -18.27582 1.000 109.88476 ? 28  C   V "C2'" 1 
ATOM   481  O  "O2'" . C   A 1 23 ? -0.36873  2.26876   -18.78130 1.000 111.50506 ? 28  C   V "O2'" 1 
ATOM   482  C  "C1'" . C   A 1 23 ? -0.11305  3.71415   -16.89430 1.000 99.08579  ? 28  C   V "C1'" 1 
ATOM   483  N  N1    . C   A 1 23 ? -0.96046  4.52833   -15.99227 1.000 98.93944  ? 28  C   V N1    1 
ATOM   484  C  C2    . C   A 1 23 ? -2.07842  3.93012   -15.39832 1.000 98.53844  ? 28  C   V C2    1 
ATOM   485  O  O2    . C   A 1 23 ? -2.33014  2.73980   -15.64099 1.000 89.71053  ? 28  C   V O2    1 
ATOM   486  N  N3    . C   A 1 23 ? -2.86129  4.66098   -14.57150 1.000 96.84091  ? 28  C   V N3    1 
ATOM   487  C  C4    . C   A 1 23 ? -2.56544  5.93856   -14.32894 1.000 99.51721  ? 28  C   V C4    1 
ATOM   488  N  N4    . C   A 1 23 ? -3.36694  6.62141   -13.50730 1.000 106.25771 ? 28  C   V N4    1 
ATOM   489  C  C5    . C   A 1 23 ? -1.43444  6.57390   -14.91996 1.000 103.95988 ? 28  C   V C5    1 
ATOM   490  C  C6    . C   A 1 23 ? -0.66756  5.83946   -15.73681 1.000 101.87839 ? 28  C   V C6    1 
ATOM   491  P  P     . C   A 1 24 ? -1.32801  5.02554   -21.31935 1.000 126.85432 ? 29  C   V P     1 
ATOM   492  O  OP1   . C   A 1 24 ? -0.96771  4.94958   -22.75790 1.000 146.30483 ? 29  C   V OP1   1 
ATOM   493  O  OP2   . C   A 1 24 ? -1.73642  6.32645   -20.72974 1.000 102.05083 ? 29  C   V OP2   1 
ATOM   494  O  "O5'" . C   A 1 24 ? -2.49262  3.97306   -21.04784 1.000 90.63153  ? 29  C   V "O5'" 1 
ATOM   495  C  "C5'" . C   A 1 24 ? -2.32333  2.60133   -21.37186 1.000 84.25683  ? 29  C   V "C5'" 1 
ATOM   496  C  "C4'" . C   A 1 24 ? -3.44829  1.76027   -20.82391 1.000 96.64507  ? 29  C   V "C4'" 1 
ATOM   497  O  "O4'" . C   A 1 24 ? -3.45809  1.82515   -19.37352 1.000 107.87816 ? 29  C   V "O4'" 1 
ATOM   498  C  "C3'" . C   A 1 24 ? -4.85221  2.18846   -21.21597 1.000 109.00633 ? 29  C   V "C3'" 1 
ATOM   499  O  "O3'" . C   A 1 24 ? -5.21887  1.76882   -22.51814 1.000 117.80129 ? 29  C   V "O3'" 1 
ATOM   500  C  "C2'" . C   A 1 24 ? -5.70407  1.57614   -20.11236 1.000 105.86440 ? 29  C   V "C2'" 1 
ATOM   501  O  "O2'" . C   A 1 24 ? -5.89663  0.18791   -20.34170 1.000 98.32864  ? 29  C   V "O2'" 1 
ATOM   502  C  "C1'" . C   A 1 24 ? -4.78715  1.73906   -18.89829 1.000 102.49398 ? 29  C   V "C1'" 1 
ATOM   503  N  N1    . C   A 1 24 ? -5.09738  2.95673   -18.11055 1.000 96.84828  ? 29  C   V N1    1 
ATOM   504  C  C2    . C   A 1 24 ? -6.22738  2.97042   -17.28134 1.000 90.77821  ? 29  C   V C2    1 
ATOM   505  O  O2    . C   A 1 24 ? -6.95532  1.96722   -17.22527 1.000 85.00117  ? 29  C   V O2    1 
ATOM   506  N  N3    . C   A 1 24 ? -6.50623  4.07979   -16.55647 1.000 86.59773  ? 29  C   V N3    1 
ATOM   507  C  C4    . C   A 1 24 ? -5.70931  5.14765   -16.63196 1.000 96.55316  ? 29  C   V C4    1 
ATOM   508  N  N4    . C   A 1 24 ? -6.02391  6.22033   -15.89993 1.000 87.92634  ? 29  C   V N4    1 
ATOM   509  C  C5    . C   A 1 24 ? -4.55194  5.16173   -17.46358 1.000 97.32317  ? 29  C   V C5    1 
ATOM   510  C  C6    . C   A 1 24 ? -4.28748  4.05748   -18.17490 1.000 97.18878  ? 29  C   V C6    1 
ATOM   511  P  P     . U   A 1 25 ? -6.25466  2.64342   -23.37998 1.000 118.69804 ? 30  U   V P     1 
ATOM   512  O  OP1   . U   A 1 25 ? -6.22748  2.14627   -24.77879 1.000 124.54936 ? 30  U   V OP1   1 
ATOM   513  O  OP2   . U   A 1 25 ? -5.97967  4.07709   -23.10313 1.000 93.18588  ? 30  U   V OP2   1 
ATOM   514  O  "O5'" . U   A 1 25 ? -7.67501  2.28195   -22.75534 1.000 91.55743  ? 30  U   V "O5'" 1 
ATOM   515  C  "C5'" . U   A 1 25 ? -8.15786  0.94660   -22.76812 1.000 90.64925  ? 30  U   V "C5'" 1 
ATOM   516  C  "C4'" . U   A 1 25 ? -9.47090  0.82581   -22.03603 1.000 102.09216 ? 30  U   V "C4'" 1 
ATOM   517  O  "O4'" . U   A 1 25 ? -9.26680  1.03778   -20.61437 1.000 101.16516 ? 30  U   V "O4'" 1 
ATOM   518  C  "C3'" . U   A 1 25 ? -10.53628 1.84446   -22.40659 1.000 105.50615 ? 30  U   V "C3'" 1 
ATOM   519  O  "O3'" . U   A 1 25 ? -11.22269 1.52682   -23.60337 1.000 103.58337 ? 30  U   V "O3'" 1 
ATOM   520  C  "C2'" . U   A 1 25 ? -11.42724 1.85435   -21.17216 1.000 101.18428 ? 30  U   V "C2'" 1 
ATOM   521  O  "O2'" . U   A 1 25 ? -12.28583 0.72320   -21.16402 1.000 101.82006 ? 30  U   V "O2'" 1 
ATOM   522  C  "C1'" . U   A 1 25 ? -10.39460 1.68323   -20.05744 1.000 92.09754  ? 30  U   V "C1'" 1 
ATOM   523  N  N1    . U   A 1 25 ? -9.96852  2.98314   -19.48791 1.000 87.29442  ? 30  U   V N1    1 
ATOM   524  C  C2    . U   A 1 25 ? -10.79315 3.57194   -18.54645 1.000 79.31438  ? 30  U   V C2    1 
ATOM   525  O  O2    . U   A 1 25 ? -11.84109 3.07087   -18.17447 1.000 87.61952  ? 30  U   V O2    1 
ATOM   526  N  N3    . U   A 1 25 ? -10.34690 4.77336   -18.05307 1.000 71.91819  ? 30  U   V N3    1 
ATOM   527  C  C4    . U   A 1 25 ? -9.18421  5.43323   -18.39596 1.000 87.92261  ? 30  U   V C4    1 
ATOM   528  O  O4    . U   A 1 25 ? -8.91957  6.51279   -17.86231 1.000 75.50106  ? 30  U   V O4    1 
ATOM   529  C  C5    . U   A 1 25 ? -8.38543  4.76017   -19.37457 1.000 85.20560  ? 30  U   V C5    1 
ATOM   530  C  C6    . U   A 1 25 ? -8.79463  3.58932   -19.87404 1.000 84.95084  ? 30  U   V C6    1 
ATOM   531  P  P     . C   A 1 26 ? -11.73833 2.70563   -24.56473 1.000 112.19612 ? 31  C   V P     1 
ATOM   532  O  OP1   . C   A 1 26 ? -12.22037 2.08848   -25.82688 1.000 117.89045 ? 31  C   V OP1   1 
ATOM   533  O  OP2   . C   A 1 26 ? -10.68549 3.75331   -24.60945 1.000 86.07450  ? 31  C   V OP2   1 
ATOM   534  O  "O5'" . C   A 1 26 ? -12.99867 3.30476   -23.79580 1.000 92.44838  ? 31  C   V "O5'" 1 
ATOM   535  C  "C5'" . C   A 1 26 ? -14.16851 2.52402   -23.60119 1.000 93.38510  ? 31  C   V "C5'" 1 
ATOM   536  C  "C4'" . C   A 1 26 ? -15.20076 3.25873   -22.78273 1.000 98.35649  ? 31  C   V "C4'" 1 
ATOM   537  O  "O4'" . C   A 1 26 ? -14.73741 3.40483   -21.41360 1.000 100.65516 ? 31  C   V "O4'" 1 
ATOM   538  C  "C3'" . C   A 1 26 ? -15.51018 4.68407   -23.21102 1.000 105.13388 ? 31  C   V "C3'" 1 
ATOM   539  O  "O3'" . C   A 1 26 ? -16.37496 4.77003   -24.32931 1.000 110.21297 ? 31  C   V "O3'" 1 
ATOM   540  C  "C2'" . C   A 1 26 ? -16.08752 5.28596   -21.93829 1.000 97.66635  ? 31  C   V "C2'" 1 
ATOM   541  O  "O2'" . C   A 1 26 ? -17.42717 4.85793   -21.74203 1.000 112.76873 ? 31  C   V "O2'" 1 
ATOM   542  C  "C1'" . C   A 1 26 ? -15.20876 4.62577   -20.87635 1.000 82.62675  ? 31  C   V "C1'" 1 
ATOM   543  N  N1    . C   A 1 26 ? -14.04902 5.47849   -20.52892 1.000 76.02944  ? 31  C   V N1    1 
ATOM   544  C  C2    . C   A 1 26 ? -14.24889 6.54339   -19.64375 1.000 81.82344  ? 31  C   V C2    1 
ATOM   545  O  O2    . C   A 1 26 ? -15.38116 6.73067   -19.17173 1.000 87.14510  ? 31  C   V O2    1 
ATOM   546  N  N3    . C   A 1 26 ? -13.20483 7.34118   -19.32030 1.000 66.79785  ? 31  C   V N3    1 
ATOM   547  C  C4    . C   A 1 26 ? -12.00133 7.10749   -19.84606 1.000 76.19520  ? 31  C   V C4    1 
ATOM   548  N  N4    . C   A 1 26 ? -11.00022 7.91868   -19.49814 1.000 73.59895  ? 31  C   V N4    1 
ATOM   549  C  C5    . C   A 1 26 ? -11.76934 6.03339   -20.75338 1.000 73.91388  ? 31  C   V C5    1 
ATOM   550  C  C6    . C   A 1 26 ? -12.81096 5.25283   -21.06541 1.000 76.10860  ? 31  C   V C6    1 
ATOM   551  P  P     . G   A 1 27 ? -16.15095 5.92784   -25.42205 1.000 114.89735 ? 32  G   V P     1 
ATOM   552  O  OP1   . G   A 1 27 ? -17.22396 5.81407   -26.44188 1.000 124.31651 ? 32  G   V OP1   1 
ATOM   553  O  OP2   . G   A 1 27 ? -14.72545 5.90075   -25.83994 1.000 81.59219  ? 32  G   V OP2   1 
ATOM   554  O  "O5'" . G   A 1 27 ? -16.38685 7.27778   -24.60994 1.000 102.16564 ? 32  G   V "O5'" 1 
ATOM   555  C  "C5'" . G   A 1 27 ? -17.67277 7.61309   -24.11045 1.000 101.35024 ? 32  G   V "C5'" 1 
ATOM   556  C  "C4'" . G   A 1 27 ? -17.64973 8.91992   -23.35963 1.000 100.50680 ? 32  G   V "C4'" 1 
ATOM   557  O  "O4'" . G   A 1 27 ? -16.85877 8.78376   -22.14843 1.000 81.83300  ? 32  G   V "O4'" 1 
ATOM   558  C  "C3'" . G   A 1 27 ? -17.00380 10.09029  -24.08133 1.000 93.43742  ? 32  G   V "C3'" 1 
ATOM   559  O  "O3'" . G   A 1 27 ? -17.84104 10.69067  -25.05259 1.000 96.55997  ? 32  G   V "O3'" 1 
ATOM   560  C  "C2'" . G   A 1 27 ? -16.62665 11.01180  -22.93122 1.000 89.20871  ? 32  G   V "C2'" 1 
ATOM   561  O  "O2'" . G   A 1 27 ? -17.77070 11.69343  -22.43681 1.000 72.11081  ? 32  G   V "O2'" 1 
ATOM   562  C  "C1'" . G   A 1 27 ? -16.17893 9.99514   -21.88184 1.000 81.60970  ? 32  G   V "C1'" 1 
ATOM   563  N  N9    . G   A 1 27 ? -14.72706 9.74794   -21.96195 1.000 78.63586  ? 32  G   V N9    1 
ATOM   564  C  C8    . G   A 1 27 ? -14.09335 8.68048   -22.55178 1.000 76.45600  ? 32  G   V C8    1 
ATOM   565  N  N7    . G   A 1 27 ? -12.79187 8.74948   -22.46921 1.000 82.95072  ? 32  G   V N7    1 
ATOM   566  C  C5    . G   A 1 27 ? -12.55104 9.93650   -21.78955 1.000 80.69081  ? 32  G   V C5    1 
ATOM   567  C  C6    . G   A 1 27 ? -11.32874 10.54640  -21.40290 1.000 83.59038  ? 32  G   V C6    1 
ATOM   568  O  O6    . G   A 1 27 ? -10.17332 10.14476  -21.58917 1.000 102.74541 ? 32  G   V O6    1 
ATOM   569  N  N1    . G   A 1 27 ? -11.54437 11.74595  -20.73128 1.000 71.94995  ? 32  G   V N1    1 
ATOM   570  C  C2    . G   A 1 27 ? -12.77554 12.29118  -20.46215 1.000 66.25586  ? 32  G   V C2    1 
ATOM   571  N  N2    . G   A 1 27 ? -12.77759 13.45898  -19.80141 1.000 61.03180  ? 32  G   V N2    1 
ATOM   572  N  N3    . G   A 1 27 ? -13.92114 11.73243  -20.81634 1.000 68.81400  ? 32  G   V N3    1 
ATOM   573  C  C4    . G   A 1 27 ? -13.73563 10.56637  -21.47234 1.000 78.89169  ? 32  G   V C4    1 
ATOM   574  P  P     . A   A 1 28 ? -17.21351 11.16713  -26.45316 1.000 102.73470 ? 33  A   V P     1 
ATOM   575  O  OP1   . A   A 1 28 ? -18.25224 11.91734  -27.20420 1.000 84.37020  ? 33  A   V OP1   1 
ATOM   576  O  OP2   . A   A 1 28 ? -16.57300 9.98251   -27.08014 1.000 87.23139  ? 33  A   V OP2   1 
ATOM   577  O  "O5'" . A   A 1 28 ? -16.06346 12.18536  -26.02565 1.000 89.38691  ? 33  A   V "O5'" 1 
ATOM   578  C  "C5'" . A   A 1 28 ? -15.31079 12.89768  -26.99704 1.000 81.31364  ? 33  A   V "C5'" 1 
ATOM   579  C  "C4'" . A   A 1 28 ? -15.36308 14.38358  -26.74513 1.000 76.59504  ? 33  A   V "C4'" 1 
ATOM   580  O  "O4'" . A   A 1 28 ? -16.71775 14.86050  -26.94585 1.000 83.19444  ? 33  A   V "O4'" 1 
ATOM   581  C  "C3'" . A   A 1 28 ? -15.01333 14.82555  -25.33163 1.000 89.70009  ? 33  A   V "C3'" 1 
ATOM   582  O  "O3'" . A   A 1 28 ? -13.61687 14.95155  -25.13037 1.000 96.88613  ? 33  A   V "O3'" 1 
ATOM   583  C  "C2'" . A   A 1 28 ? -15.76295 16.14341  -25.19110 1.000 78.84798  ? 33  A   V "C2'" 1 
ATOM   584  O  "O2'" . A   A 1 28 ? -15.04517 17.19761  -25.81499 1.000 82.22863  ? 33  A   V "O2'" 1 
ATOM   585  C  "C1'" . A   A 1 28 ? -17.02339 15.86760  -26.00719 1.000 83.98015  ? 33  A   V "C1'" 1 
ATOM   586  N  N9    . A   A 1 28 ? -18.14421 15.39073  -25.17546 1.000 71.88535  ? 33  A   V N9    1 
ATOM   587  C  C8    . A   A 1 28 ? -18.71690 14.14275  -25.19469 1.000 76.88464  ? 33  A   V C8    1 
ATOM   588  N  N7    . A   A 1 28 ? -19.70812 13.99500  -24.35405 1.000 92.23408  ? 33  A   V N7    1 
ATOM   589  C  C5    . A   A 1 28 ? -19.80623 15.23743  -23.74411 1.000 84.71286  ? 33  A   V C5    1 
ATOM   590  C  C6    . A   A 1 28 ? -20.67187 15.73197  -22.75276 1.000 83.10634  ? 33  A   V C6    1 
ATOM   591  N  N6    . A   A 1 28 ? -21.63750 15.00496  -22.18180 1.000 91.50802  ? 33  A   V N6    1 
ATOM   592  N  N1    . A   A 1 28 ? -20.50377 17.01554  -22.36573 1.000 81.65200  ? 33  A   V N1    1 
ATOM   593  C  C2    . A   A 1 28 ? -19.53437 17.74183  -22.94067 1.000 82.36804  ? 33  A   V C2    1 
ATOM   594  N  N3    . A   A 1 28 ? -18.65956 17.38752  -23.88099 1.000 79.58211  ? 33  A   V N3    1 
ATOM   595  C  C4    . A   A 1 28 ? -18.85278 16.10900  -24.24464 1.000 78.14295  ? 33  A   V C4    1 
ATOM   596  P  P     . A   A 1 29 ? -12.85938 14.00331  -24.07900 1.000 88.57937  ? 34  A   V P     1 
ATOM   597  O  OP1   . A   A 1 29 ? -11.48834 13.74556  -24.59050 1.000 83.43907  ? 34  A   V OP1   1 
ATOM   598  O  OP2   . A   A 1 29 ? -13.75864 12.85989  -23.77374 1.000 82.28799  ? 34  A   V OP2   1 
ATOM   599  O  "O5'" . A   A 1 29 ? -12.72712 14.90681  -22.77385 1.000 66.39903  ? 34  A   V "O5'" 1 
ATOM   600  C  "C5'" . A   A 1 29 ? -12.08160 16.17129  -22.82271 1.000 58.24113  ? 34  A   V "C5'" 1 
ATOM   601  C  "C4'" . A   A 1 29 ? -12.90516 17.22541  -22.12899 1.000 69.68904  ? 34  A   V "C4'" 1 
ATOM   602  O  "O4'" . A   A 1 29 ? -14.26849 17.15119  -22.61266 1.000 81.59704  ? 34  A   V "O4'" 1 
ATOM   603  C  "C3'" . A   A 1 29 ? -13.03192 17.07618  -20.61998 1.000 79.36256  ? 34  A   V "C3'" 1 
ATOM   604  O  "O3'" . A   A 1 29 ? -11.94087 17.64965  -19.92154 1.000 90.01313  ? 34  A   V "O3'" 1 
ATOM   605  C  "C2'" . A   A 1 29 ? -14.36134 17.75331  -20.31417 1.000 72.35443  ? 34  A   V "C2'" 1 
ATOM   606  O  "O2'" . A   A 1 29 ? -14.20362 19.16157  -20.22445 1.000 73.98305  ? 34  A   V "O2'" 1 
ATOM   607  C  "C1'" . A   A 1 29 ? -15.17270 17.43612  -21.57000 1.000 67.19367  ? 34  A   V "C1'" 1 
ATOM   608  N  N9    . A   A 1 29 ? -16.06812 16.27877  -21.39098 1.000 68.53984  ? 34  A   V N9    1 
ATOM   609  C  C8    . A   A 1 29 ? -15.90508 15.00074  -21.86586 1.000 76.51402  ? 34  A   V C8    1 
ATOM   610  N  N7    . A   A 1 29 ? -16.88714 14.19089  -21.54944 1.000 70.20794  ? 34  A   V N7    1 
ATOM   611  C  C5    . A   A 1 29 ? -17.75592 14.99325  -20.82266 1.000 62.06377  ? 34  A   V C5    1 
ATOM   612  C  C6    . A   A 1 29 ? -18.98954 14.73176  -20.20316 1.000 67.43158  ? 34  A   V C6    1 
ATOM   613  N  N6    . A   A 1 29 ? -19.58547 13.53666  -20.21799 1.000 78.25913  ? 34  A   V N6    1 
ATOM   614  N  N1    . A   A 1 29 ? -19.59752 15.75414  -19.55994 1.000 83.71649  ? 34  A   V N1    1 
ATOM   615  C  C2    . A   A 1 29 ? -18.99982 16.95358  -19.54651 1.000 83.82251  ? 34  A   V C2    1 
ATOM   616  N  N3    . A   A 1 29 ? -17.84270 17.32208  -20.09178 1.000 73.85855  ? 34  A   V N3    1 
ATOM   617  C  C4    . A   A 1 29 ? -17.26555 16.28284  -20.72042 1.000 67.71950  ? 34  A   V C4    1 
ATOM   618  P  P     . A   A 1 30 ? -11.37429 16.94362  -18.59663 1.000 91.78752  ? 35  A   V P     1 
ATOM   619  O  OP1   . A   A 1 30 ? -10.19812 17.71482  -18.11610 1.000 71.23924  ? 35  A   V OP1   1 
ATOM   620  O  OP2   . A   A 1 30 ? -11.24179 15.49645  -18.90561 1.000 62.09899  ? 35  A   V OP2   1 
ATOM   621  O  "O5'" . A   A 1 30 ? -12.53728 17.13916  -17.52528 1.000 67.59914  ? 35  A   V "O5'" 1 
ATOM   622  C  "C5'" . A   A 1 30 ? -12.65984 18.35111  -16.79357 1.000 67.94194  ? 35  A   V "C5'" 1 
ATOM   623  C  "C4'" . A   A 1 30 ? -14.00290 18.44843  -16.11597 1.000 72.90292  ? 35  A   V "C4'" 1 
ATOM   624  O  "O4'" . A   A 1 30 ? -15.04372 18.14083  -17.08093 1.000 78.61959  ? 35  A   V "O4'" 1 
ATOM   625  C  "C3'" . A   A 1 30 ? -14.24914 17.46831  -14.97572 1.000 83.51443  ? 35  A   V "C3'" 1 
ATOM   626  O  "O3'" . A   A 1 30 ? -13.71977 17.90858  -13.73693 1.000 77.02934  ? 35  A   V "O3'" 1 
ATOM   627  C  "C2'" . A   A 1 30 ? -15.76425 17.33446  -14.97516 1.000 71.46178  ? 35  A   V "C2'" 1 
ATOM   628  O  "O2'" . A   A 1 30 ? -16.36578 18.46733  -14.36624 1.000 74.66966  ? 35  A   V "O2'" 1 
ATOM   629  C  "C1'" . A   A 1 30 ? -16.06119 17.37833  -16.47058 1.000 67.25908  ? 35  A   V "C1'" 1 
ATOM   630  N  N9    . A   A 1 30 ? -16.03394 16.03038  -17.06562 1.000 72.88864  ? 35  A   V N9    1 
ATOM   631  C  C8    . A   A 1 30 ? -14.98067 15.41304  -17.69484 1.000 72.00326  ? 35  A   V C8    1 
ATOM   632  N  N7    . A   A 1 30 ? -15.25238 14.20471  -18.12376 1.000 72.50533  ? 35  A   V N7    1 
ATOM   633  C  C5    . A   A 1 30 ? -16.57459 14.01434  -17.74830 1.000 59.18957  ? 35  A   V C5    1 
ATOM   634  C  C6    . A   A 1 30 ? -17.45582 12.93252  -17.91014 1.000 62.34751  ? 35  A   V C6    1 
ATOM   635  N  N6    . A   A 1 30 ? -17.12399 11.79087  -18.51897 1.000 70.59152  ? 35  A   V N6    1 
ATOM   636  N  N1    . A   A 1 30 ? -18.70863 13.06726  -17.42065 1.000 66.77053  ? 35  A   V N1    1 
ATOM   637  C  C2    . A   A 1 30 ? -19.04170 14.21209  -16.80972 1.000 68.94026  ? 35  A   V C2    1 
ATOM   638  N  N3    . A   A 1 30 ? -18.30374 15.29885  -16.59765 1.000 68.43551  ? 35  A   V N3    1 
ATOM   639  C  C4    . A   A 1 30 ? -17.06748 15.13014  -17.09502 1.000 67.15457  ? 35  A   V C4    1 
ATOM   640  P  P     . G   A 1 31 ? -12.88323 16.90048  -12.80341 1.000 90.08119  ? 37  G   V P     1 
ATOM   641  O  OP1   . G   A 1 31 ? -12.93503 17.43607  -11.41897 1.000 89.41595  ? 37  G   V OP1   1 
ATOM   642  O  OP2   . G   A 1 31 ? -11.56675 16.65076  -13.44569 1.000 86.62238  ? 37  G   V OP2   1 
ATOM   643  O  "O5'" . G   A 1 31 ? -13.71708 15.54126  -12.83490 1.000 83.45627  ? 37  G   V "O5'" 1 
ATOM   644  C  "C5'" . G   A 1 31 ? -14.81850 15.33880  -11.96047 1.000 76.25710  ? 37  G   V "C5'" 1 
ATOM   645  C  "C4'" . G   A 1 31 ? -15.75111 14.27153  -12.47854 1.000 73.08131  ? 37  G   V "C4'" 1 
ATOM   646  O  "O4'" . G   A 1 31 ? -15.72508 14.26469  -13.92976 1.000 73.14648  ? 37  G   V "O4'" 1 
ATOM   647  C  "C3'" . G   A 1 31 ? -15.41451 12.83659  -12.09947 1.000 79.20630  ? 37  G   V "C3'" 1 
ATOM   648  O  "O3'" . G   A 1 31 ? -15.84598 12.48678  -10.79518 1.000 90.01884  ? 37  G   V "O3'" 1 
ATOM   649  C  "C2'" . G   A 1 31 ? -16.09619 12.03488  -13.20031 1.000 76.55678  ? 37  G   V "C2'" 1 
ATOM   650  O  "O2'" . G   A 1 31 ? -17.49105 11.92558  -12.95747 1.000 78.97280  ? 37  G   V "O2'" 1 
ATOM   651  C  "C1'" . G   A 1 31 ? -15.88669 12.94589  -14.40858 1.000 63.33038  ? 37  G   V "C1'" 1 
ATOM   652  N  N9    . G   A 1 31 ? -14.68409 12.56896  -15.17178 1.000 61.45247  ? 37  G   V N9    1 
ATOM   653  C  C8    . G   A 1 31 ? -13.49861 13.25786  -15.26679 1.000 58.54163  ? 37  G   V C8    1 
ATOM   654  N  N7    . G   A 1 31 ? -12.62178 12.65617  -16.02569 1.000 60.15468  ? 37  G   V N7    1 
ATOM   655  C  C5    . G   A 1 31 ? -13.26891 11.50287  -16.45430 1.000 58.11501  ? 37  G   V C5    1 
ATOM   656  C  C6    . G   A 1 31 ? -12.82307 10.45367  -17.30010 1.000 65.73156  ? 37  G   V C6    1 
ATOM   657  O  O6    . G   A 1 31 ? -11.72654 10.33072  -17.85989 1.000 76.45980  ? 37  G   V O6    1 
ATOM   658  N  N1    . G   A 1 31 ? -13.80414 9.48015   -17.47233 1.000 58.63665  ? 37  G   V N1    1 
ATOM   659  C  C2    . G   A 1 31 ? -15.05483 9.50870   -16.90389 1.000 69.94979  ? 37  G   V C2    1 
ATOM   660  N  N2    . G   A 1 31 ? -15.86342 8.47581   -17.18679 1.000 69.05063  ? 37  G   V N2    1 
ATOM   661  N  N3    . G   A 1 31 ? -15.48141 10.47994  -16.11325 1.000 64.89651  ? 37  G   V N3    1 
ATOM   662  C  C4    . G   A 1 31 ? -14.54366 11.43556  -15.93500 1.000 58.17558  ? 37  G   V C4    1 
ATOM   663  P  P     . A   A 1 32 ? -15.07607 11.34164  -9.97086  1.000 86.04097  ? 38  A   V P     1 
ATOM   664  O  OP1   . A   A 1 32 ? -15.65336 11.28790  -8.60389  1.000 70.48472  ? 38  A   V OP1   1 
ATOM   665  O  OP2   . A   A 1 32 ? -13.61799 11.55951  -10.14966 1.000 81.59741  ? 38  A   V OP2   1 
ATOM   666  O  "O5'" . A   A 1 32 ? -15.47127 9.99100   -10.71815 1.000 78.40046  ? 38  A   V "O5'" 1 
ATOM   667  C  "C5'" . A   A 1 32 ? -16.79608 9.48451   -10.65342 1.000 80.09648  ? 38  A   V "C5'" 1 
ATOM   668  C  "C4'" . A   A 1 32 ? -16.97077 8.26967   -11.53034 1.000 78.63941  ? 38  A   V "C4'" 1 
ATOM   669  O  "O4'" . A   A 1 32 ? -16.64466 8.60400   -12.90437 1.000 91.94062  ? 38  A   V "O4'" 1 
ATOM   670  C  "C3'" . A   A 1 32 ? -16.07255 7.08148   -11.22349 1.000 93.87851  ? 38  A   V "C3'" 1 
ATOM   671  O  "O3'" . A   A 1 32 ? -16.52832 6.30105   -10.13305 1.000 100.41725 ? 38  A   V "O3'" 1 
ATOM   672  C  "C2'" . A   A 1 32 ? -16.06098 6.33085   -12.54697 1.000 81.53446  ? 38  A   V "C2'" 1 
ATOM   673  O  "O2'" . A   A 1 32 ? -17.26707 5.60028   -12.71737 1.000 87.35443  ? 38  A   V "O2'" 1 
ATOM   674  C  "C1'" . A   A 1 32 ? -16.05645 7.48865   -13.54289 1.000 77.01358  ? 38  A   V "C1'" 1 
ATOM   675  N  N9    . A   A 1 32 ? -14.68898 7.84876   -13.96176 1.000 63.13025  ? 38  A   V N9    1 
ATOM   676  C  C8    . A   A 1 32 ? -13.96097 8.96063   -13.61625 1.000 75.77036  ? 38  A   V C8    1 
ATOM   677  N  N7    . A   A 1 32 ? -12.76668 8.99764   -14.15994 1.000 77.25529  ? 38  A   V N7    1 
ATOM   678  C  C5    . A   A 1 32 ? -12.70522 7.83321   -14.91479 1.000 60.86814  ? 38  A   V C5    1 
ATOM   679  C  C6    . A   A 1 32 ? -11.70257 7.28206   -15.73451 1.000 61.46093  ? 38  A   V C6    1 
ATOM   680  N  N6    . A   A 1 32 ? -10.51389 7.85343   -15.94365 1.000 64.55760  ? 38  A   V N6    1 
ATOM   681  N  N1    . A   A 1 32 ? -11.96596 6.10431   -16.34320 1.000 65.30947  ? 38  A   V N1    1 
ATOM   682  C  C2    . A   A 1 32 ? -13.15719 5.52734   -16.13779 1.000 72.95278  ? 38  A   V C2    1 
ATOM   683  N  N3    . A   A 1 32 ? -14.17783 5.94587   -15.39250 1.000 72.14445  ? 38  A   V N3    1 
ATOM   684  C  C4    . A   A 1 32 ? -13.88376 7.11701   -14.80095 1.000 62.17834  ? 38  A   V C4    1 
ATOM   685  P  P     . G   A 1 33 ? -15.47691 5.48704   -9.22986  1.000 88.37020  ? 39  G   V P     1 
ATOM   686  O  OP1   . G   A 1 33 ? -16.22967 4.89390   -8.09584  1.000 99.38231  ? 39  G   V OP1   1 
ATOM   687  O  OP2   . G   A 1 33 ? -14.30752 6.36398   -8.96438  1.000 79.58106  ? 39  G   V OP2   1 
ATOM   688  O  "O5'" . G   A 1 33 ? -14.98873 4.29881   -10.17290 1.000 89.88189  ? 39  G   V "O5'" 1 
ATOM   689  C  "C5'" . G   A 1 33 ? -15.89608 3.29581   -10.60289 1.000 96.42489  ? 39  G   V "C5'" 1 
ATOM   690  C  "C4'" . G   A 1 33 ? -15.27137 2.36964   -11.61644 1.000 105.58264 ? 39  G   V "C4'" 1 
ATOM   691  O  "O4'" . G   A 1 33 ? -14.85906 3.11590   -12.79167 1.000 97.91666  ? 39  G   V "O4'" 1 
ATOM   692  C  "C3'" . G   A 1 33 ? -14.00400 1.65105   -11.18684 1.000 106.95282 ? 39  G   V "C3'" 1 
ATOM   693  O  "O3'" . G   A 1 33 ? -14.24404 0.54153   -10.33918 1.000 117.45225 ? 39  G   V "O3'" 1 
ATOM   694  C  "C2'" . G   A 1 33 ? -13.37581 1.27970   -12.52344 1.000 104.31930 ? 39  G   V "C2'" 1 
ATOM   695  O  "O2'" . G   A 1 33 ? -14.03497 0.15819   -13.09312 1.000 107.10155 ? 39  G   V "O2'" 1 
ATOM   696  C  "C1'" . G   A 1 33 ? -13.71291 2.51320   -13.36117 1.000 88.65054  ? 39  G   V "C1'" 1 
ATOM   697  N  N9    . G   A 1 33 ? -12.60697 3.48978   -13.36741 1.000 76.83289  ? 39  G   V N9    1 
ATOM   698  C  C8    . G   A 1 33 ? -12.53250 4.68142   -12.68792 1.000 79.16596  ? 39  G   V C8    1 
ATOM   699  N  N7    . G   A 1 33 ? -11.41373 5.32215   -12.90126 1.000 76.88275  ? 39  G   V N7    1 
ATOM   700  C  C5    . G   A 1 33 ? -10.70543 4.50508   -13.77267 1.000 66.96957  ? 39  G   V C5    1 
ATOM   701  C  C6    . G   A 1 33 ? -9.42255  4.67263   -14.36082 1.000 75.90596  ? 39  G   V C6    1 
ATOM   702  O  O6    . G   A 1 33 ? -8.62403  5.60879   -14.22359 1.000 72.66861  ? 39  G   V O6    1 
ATOM   703  N  N1    . G   A 1 33 ? -9.09200  3.59851   -15.18241 1.000 71.72414  ? 39  G   V N1    1 
ATOM   704  C  C2    . G   A 1 33 ? -9.89156  2.50531   -15.41273 1.000 82.09842  ? 39  G   V C2    1 
ATOM   705  N  N2    . G   A 1 33 ? -9.39621  1.57131   -16.23862 1.000 79.84709  ? 39  G   V N2    1 
ATOM   706  N  N3    . G   A 1 33 ? -11.08828 2.33820   -14.87176 1.000 77.58565  ? 39  G   V N3    1 
ATOM   707  C  C4    . G   A 1 33 ? -11.42941 3.36914   -14.06858 1.000 75.34639  ? 39  G   V C4    1 
ATOM   708  P  P     . G   A 1 34 ? -13.12694 0.09153   -9.27436  1.000 120.54342 ? 40  G   V P     1 
ATOM   709  O  OP1   . G   A 1 34 ? -13.35734 -1.33794  -8.94509  1.000 115.84871 ? 40  G   V OP1   1 
ATOM   710  O  OP2   . G   A 1 34 ? -13.08167 1.10140   -8.18555  1.000 98.58026  ? 40  G   V OP2   1 
ATOM   711  O  "O5'" . G   A 1 34 ? -11.76247 0.20217   -10.08751 1.000 97.28419  ? 40  G   V "O5'" 1 
ATOM   712  C  "C5'" . G   A 1 34 ? -10.75949 -0.79338  -9.97338  1.000 111.17061 ? 40  G   V "C5'" 1 
ATOM   713  C  "C4'" . G   A 1 34 ? -10.25672 -1.22601  -11.32743 1.000 104.86955 ? 40  G   V "C4'" 1 
ATOM   714  O  "O4'" . G   A 1 34 ? -10.35452 -0.12275  -12.26686 1.000 88.90266  ? 40  G   V "O4'" 1 
ATOM   715  C  "C3'" . G   A 1 34 ? -8.79331  -1.63312  -11.37995 1.000 110.67561 ? 40  G   V "C3'" 1 
ATOM   716  O  "O3'" . G   A 1 34 ? -8.57484  -2.96366  -10.95014 1.000 102.79772 ? 40  G   V "O3'" 1 
ATOM   717  C  "C2'" . G   A 1 34 ? -8.42636  -1.38214  -12.83477 1.000 89.69050  ? 40  G   V "C2'" 1 
ATOM   718  O  "O2'" . G   A 1 34 ? -8.90778  -2.42945  -13.66355 1.000 91.49384  ? 40  G   V "O2'" 1 
ATOM   719  C  "C1'" . G   A 1 34 ? -9.23691  -0.12124  -13.12972 1.000 82.86126  ? 40  G   V "C1'" 1 
ATOM   720  N  N9    . G   A 1 34 ? -8.46648  1.10893   -12.86571 1.000 84.46819  ? 40  G   V N9    1 
ATOM   721  C  C8    . G   A 1 34 ? -8.85475  2.13267   -12.03499 1.000 77.99145  ? 40  G   V C8    1 
ATOM   722  N  N7    . G   A 1 34 ? -7.99151  3.10800   -11.97926 1.000 79.38436  ? 40  G   V N7    1 
ATOM   723  C  C5    . G   A 1 34 ? -6.96920  2.70747   -12.82776 1.000 83.78811  ? 40  G   V C5    1 
ATOM   724  C  C6    . G   A 1 34 ? -5.75815  3.36261   -13.16997 1.000 87.54808  ? 40  G   V C6    1 
ATOM   725  O  O6    . G   A 1 34 ? -5.33857  4.45840   -12.77754 1.000 93.11738  ? 40  G   V O6    1 
ATOM   726  N  N1    . G   A 1 34 ? -5.00417  2.60958   -14.06394 1.000 82.55158  ? 40  G   V N1    1 
ATOM   727  C  C2    . G   A 1 34 ? -5.36670  1.38325   -14.56417 1.000 92.86198  ? 40  G   V C2    1 
ATOM   728  N  N2    . G   A 1 34 ? -4.50336  0.81234   -15.41759 1.000 99.05783  ? 40  G   V N2    1 
ATOM   729  N  N3    . G   A 1 34 ? -6.49413  0.76317   -14.25533 1.000 89.56117  ? 40  G   V N3    1 
ATOM   730  C  C4    . G   A 1 34 ? -7.24513  1.47568   -13.38709 1.000 86.45606  ? 40  G   V C4    1 
ATOM   731  P  P     . A   A 1 35 ? -7.54102  -3.25266  -9.75686  1.000 119.91492 ? 41  A   V P     1 
ATOM   732  O  OP1   . A   A 1 35 ? -7.85614  -4.58209  -9.17473  1.000 117.62902 ? 41  A   V OP1   1 
ATOM   733  O  OP2   . A   A 1 35 ? -7.51796  -2.05263  -8.88163  1.000 99.75141  ? 41  A   V OP2   1 
ATOM   734  O  "O5'" . A   A 1 35 ? -6.13374  -3.34486  -10.49451 1.000 100.00993 ? 41  A   V "O5'" 1 
ATOM   735  C  "C5'" . A   A 1 35 ? -5.96816  -4.17430  -11.63353 1.000 100.25871 ? 41  A   V "C5'" 1 
ATOM   736  C  "C4'" . A   A 1 35 ? -4.73989  -3.79392  -12.41810 1.000 85.04333  ? 41  A   V "C4'" 1 
ATOM   737  O  "O4'" . A   A 1 35 ? -4.92610  -2.49184  -13.03083 1.000 104.09686 ? 41  A   V "O4'" 1 
ATOM   738  C  "C3'" . A   A 1 35 ? -3.45928  -3.63735  -11.61666 1.000 105.94005 ? 41  A   V "C3'" 1 
ATOM   739  O  "O3'" . A   A 1 35 ? -2.84367  -4.87467  -11.30404 1.000 116.93899 ? 41  A   V "O3'" 1 
ATOM   740  C  "C2'" . A   A 1 35 ? -2.62066  -2.73893  -12.51503 1.000 102.57761 ? 41  A   V "C2'" 1 
ATOM   741  O  "O2'" . A   A 1 35 ? -2.06412  -3.48506  -13.58694 1.000 108.84587 ? 41  A   V "O2'" 1 
ATOM   742  C  "C1'" . A   A 1 35 ? -3.69055  -1.80753  -13.08568 1.000 99.53618  ? 41  A   V "C1'" 1 
ATOM   743  N  N9    . A   A 1 35 ? -3.80340  -0.55444  -12.31439 1.000 94.01599  ? 41  A   V N9    1 
ATOM   744  C  C8    . A   A 1 35 ? -4.78252  -0.18750  -11.42417 1.000 101.17934 ? 41  A   V C8    1 
ATOM   745  N  N7    . A   A 1 35 ? -4.60116  1.00142   -10.89864 1.000 97.21752  ? 41  A   V N7    1 
ATOM   746  C  C5    . A   A 1 35 ? -3.42293  1.44851   -11.48149 1.000 90.50073  ? 41  A   V C5    1 
ATOM   747  C  C6    . A   A 1 35 ? -2.68604  2.64062   -11.34572 1.000 93.99863  ? 41  A   V C6    1 
ATOM   748  N  N6    . A   A 1 35 ? -3.04058  3.64727   -10.54329 1.000 96.74167  ? 41  A   V N6    1 
ATOM   749  N  N1    . A   A 1 35 ? -1.55347  2.76774   -12.07265 1.000 85.18598  ? 41  A   V N1    1 
ATOM   750  C  C2    . A   A 1 35 ? -1.19448  1.76045   -12.87869 1.000 96.29219  ? 41  A   V C2    1 
ATOM   751  N  N3    . A   A 1 35 ? -1.80253  0.59513   -13.09237 1.000 93.16004  ? 41  A   V N3    1 
ATOM   752  C  C4    . A   A 1 35 ? -2.92306  0.50001   -12.35581 1.000 88.73211  ? 41  A   V C4    1 
ATOM   753  P  P     . A   A 1 36 ? -2.03318  -5.04596  -9.92639  1.000 119.18109 ? 42  A   V P     1 
ATOM   754  O  OP1   . A   A 1 36 ? -1.85197  -6.49909  -9.67953  1.000 117.11100 ? 42  A   V OP1   1 
ATOM   755  O  OP2   . A   A 1 36 ? -2.68860  -4.20747  -8.88942  1.000 106.26784 ? 42  A   V OP2   1 
ATOM   756  O  "O5'" . A   A 1 36 ? -0.60664  -4.41371  -10.24488 1.000 85.10419  ? 42  A   V "O5'" 1 
ATOM   757  C  "C5'" . A   A 1 36 ? 0.15011   -4.86200  -11.35879 1.000 85.71398  ? 42  A   V "C5'" 1 
ATOM   758  C  "C4'" . A   A 1 36 ? 1.22279   -3.87252  -11.73401 1.000 88.82284  ? 42  A   V "C4'" 1 
ATOM   759  O  "O4'" . A   A 1 36 ? 0.61823   -2.63028  -12.17682 1.000 105.53800 ? 42  A   V "O4'" 1 
ATOM   760  C  "C3'" . A   A 1 36 ? 2.15441   -3.44479  -10.61348 1.000 109.91322 ? 42  A   V "C3'" 1 
ATOM   761  O  "O3'" . A   A 1 36 ? 3.17368   -4.39102  -10.34685 1.000 112.75586 ? 42  A   V "O3'" 1 
ATOM   762  C  "C2'" . A   A 1 36 ? 2.67581   -2.10388  -11.11148 1.000 96.62267  ? 42  A   V "C2'" 1 
ATOM   763  O  "O2'" . A   A 1 36 ? 3.69239   -2.29001  -12.08537 1.000 88.28209  ? 42  A   V "O2'" 1 
ATOM   764  C  "C1'" . A   A 1 36 ? 1.43671   -1.53945  -11.80701 1.000 101.73057 ? 42  A   V "C1'" 1 
ATOM   765  N  N9    . A   A 1 36 ? 0.66553   -0.64300  -10.92484 1.000 92.84891  ? 42  A   V N9    1 
ATOM   766  C  C8    . A   A 1 36 ? -0.52087  -0.90033  -10.28329 1.000 89.51078  ? 42  A   V C8    1 
ATOM   767  N  N7    . A   A 1 36 ? -0.96065  0.10651   -9.56643  1.000 81.61384  ? 42  A   V N7    1 
ATOM   768  C  C5    . A   A 1 36 ? -0.00047  1.09328   -9.74862  1.000 81.60330  ? 42  A   V C5    1 
ATOM   769  C  C6    . A   A 1 36 ? 0.11973   2.40655   -9.25529  1.000 92.11952  ? 42  A   V C6    1 
ATOM   770  N  N6    . A   A 1 36 ? -0.77057  2.97657   -8.43906  1.000 88.50021  ? 42  A   V N6    1 
ATOM   771  N  N1    . A   A 1 36 ? 1.20296   3.12489   -9.62977  1.000 76.63536  ? 42  A   V N1    1 
ATOM   772  C  C2    . A   A 1 36 ? 2.09899   2.55424   -10.44559 1.000 80.52292  ? 42  A   V C2    1 
ATOM   773  N  N3    . A   A 1 36 ? 2.09499   1.33203   -10.97517 1.000 92.31896  ? 42  A   V N3    1 
ATOM   774  C  C4    . A   A 1 36 ? 1.00743   0.64407   -10.58283 1.000 87.37832  ? 42  A   V C4    1 
ATOM   775  P  P     . C   A 1 37 ? 3.68324   -4.61272  -8.84017  1.000 120.38555 ? 43  C   V P     1 
ATOM   776  O  OP1   . C   A 1 37 ? 4.57585   -5.79926  -8.82061  1.000 133.27710 ? 43  C   V OP1   1 
ATOM   777  O  OP2   . C   A 1 37 ? 2.49526   -4.56957  -7.94925  1.000 100.81332 ? 43  C   V OP2   1 
ATOM   778  O  "O5'" . C   A 1 37 ? 4.57122   -3.32404  -8.54567  1.000 91.35863  ? 43  C   V "O5'" 1 
ATOM   779  C  "C5'" . C   A 1 37 ? 5.70398   -3.02766  -9.34739  1.000 90.36011  ? 43  C   V "C5'" 1 
ATOM   780  C  "C4'" . C   A 1 37 ? 6.16422   -1.60669  -9.15058  1.000 97.88239  ? 43  C   V "C4'" 1 
ATOM   781  O  "O4'" . C   A 1 37 ? 5.12492   -0.68473  -9.57597  1.000 103.25017 ? 43  C   V "O4'" 1 
ATOM   782  C  "C3'" . C   A 1 37 ? 6.44822   -1.19032  -7.71804  1.000 108.26609 ? 43  C   V "C3'" 1 
ATOM   783  O  "O3'" . C   A 1 37 ? 7.70096   -1.64083  -7.23444  1.000 105.60420 ? 43  C   V "O3'" 1 
ATOM   784  C  "C2'" . C   A 1 37 ? 6.31892   0.32333   -7.79156  1.000 96.71779  ? 43  C   V "C2'" 1 
ATOM   785  O  "O2'" . C   A 1 37 ? 7.46940   0.89800   -8.39408  1.000 90.63338  ? 43  C   V "O2'" 1 
ATOM   786  C  "C1'" . C   A 1 37 ? 5.14654   0.47020   -8.75985  1.000 91.18686  ? 43  C   V "C1'" 1 
ATOM   787  N  N1    . C   A 1 37 ? 3.85220   0.57823   -8.04547  1.000 89.12912  ? 43  C   V N1    1 
ATOM   788  C  C2    . C   A 1 37 ? 3.51059   1.79498   -7.44227  1.000 84.54719  ? 43  C   V C2    1 
ATOM   789  O  O2    . C   A 1 37 ? 4.29515   2.75304   -7.52219  1.000 81.23675  ? 43  C   V O2    1 
ATOM   790  N  N3    . C   A 1 37 ? 2.33112   1.90237   -6.78595  1.000 77.17614  ? 43  C   V N3    1 
ATOM   791  C  C4    . C   A 1 37 ? 1.50526   0.85642   -6.71737  1.000 83.70388  ? 43  C   V C4    1 
ATOM   792  N  N4    . C   A 1 37 ? 0.35254   1.00895   -6.05969  1.000 75.07607  ? 43  C   V N4    1 
ATOM   793  C  C5    . C   A 1 37 ? 1.82602   -0.39424  -7.32052  1.000 82.68556  ? 43  C   V C5    1 
ATOM   794  C  C6    . C   A 1 37 ? 2.99658   -0.48660  -7.96518  1.000 87.93260  ? 43  C   V C6    1 
ATOM   795  P  P     . U   A 1 38 ? 7.80140   -2.29979  -5.77131  1.000 121.40083 ? 44  U   V P     1 
ATOM   796  O  OP1   . U   A 1 38 ? 9.07040   -3.06700  -5.69329  1.000 118.51244 ? 44  U   V OP1   1 
ATOM   797  O  OP2   . U   A 1 38 ? 6.51292   -2.98494  -5.48953  1.000 98.75966  ? 44  U   V OP2   1 
ATOM   798  O  "O5'" . U   A 1 38 ? 7.92140   -1.04808  -4.79301  1.000 98.71918  ? 44  U   V "O5'" 1 
ATOM   799  C  "C5'" . U   A 1 38 ? 8.98533   -0.11838  -4.93224  1.000 104.49634 ? 44  U   V "C5'" 1 
ATOM   800  C  "C4'" . U   A 1 38 ? 8.56455   1.27265   -4.52961  1.000 97.96380  ? 44  U   V "C4'" 1 
ATOM   801  O  "O4'" . U   A 1 38 ? 7.35338   1.64335   -5.23972  1.000 100.22816 ? 44  U   V "O4'" 1 
ATOM   802  C  "C3'" . U   A 1 38 ? 8.19876   1.46496   -3.06770  1.000 110.41647 ? 44  U   V "C3'" 1 
ATOM   803  O  "O3'" . U   A 1 38 ? 9.32238   1.61445   -2.21939  1.000 104.46507 ? 44  U   V "O3'" 1 
ATOM   804  C  "C2'" . U   A 1 38 ? 7.29992   2.69167   -3.11498  1.000 98.42656  ? 44  U   V "C2'" 1 
ATOM   805  O  "O2'" . U   A 1 38 ? 8.07268   3.87341   -3.26669  1.000 101.55050 ? 44  U   V "O2'" 1 
ATOM   806  C  "C1'" . U   A 1 38 ? 6.53651   2.44745   -4.41324  1.000 89.17615  ? 44  U   V "C1'" 1 
ATOM   807  N  N1    . U   A 1 38 ? 5.25594   1.74136   -4.17344  1.000 84.72392  ? 44  U   V N1    1 
ATOM   808  C  C2    . U   A 1 38 ? 4.20132   2.47486   -3.65892  1.000 85.74501  ? 44  U   V C2    1 
ATOM   809  O  O2    . U   A 1 38 ? 4.27927   3.66464   -3.39894  1.000 80.02385  ? 44  U   V O2    1 
ATOM   810  N  N3    . U   A 1 38 ? 3.04361   1.76357   -3.45734  1.000 72.00772  ? 44  U   V N3    1 
ATOM   811  C  C4    . U   A 1 38 ? 2.83508   0.42297   -3.71100  1.000 81.37129  ? 44  U   V C4    1 
ATOM   812  O  O4    . U   A 1 38 ? 1.73216   -0.07509  -3.47684  1.000 80.14817  ? 44  U   V O4    1 
ATOM   813  C  C5    . U   A 1 38 ? 3.97183   -0.26610  -4.24043  1.000 88.17426  ? 44  U   V C5    1 
ATOM   814  C  C6    . U   A 1 38 ? 5.11229   0.40051   -4.44621  1.000 85.42418  ? 44  U   V C6    1 
ATOM   815  P  P     . A   A 1 39 ? 9.26455   1.04676   -0.71786  1.000 117.78742 ? 45  A   V P     1 
ATOM   816  O  OP1   . A   A 1 39 ? 10.56265  1.34568   -0.06047  1.000 128.84337 ? 45  A   V OP1   1 
ATOM   817  O  OP2   . A   A 1 39 ? 8.78446   -0.35775  -0.79328  1.000 112.83921 ? 45  A   V OP2   1 
ATOM   818  O  "O5'" . A   A 1 39 ? 8.13710   1.92880   -0.01359  1.000 100.08168 ? 45  A   V "O5'" 1 
ATOM   819  C  "C5'" . A   A 1 39 ? 8.30329   3.33173   0.13291   1.000 96.81585  ? 45  A   V "C5'" 1 
ATOM   820  C  "C4'" . A   A 1 39 ? 7.04928   4.00888   0.63088   1.000 97.50258  ? 45  A   V "C4'" 1 
ATOM   821  O  "O4'" . A   A 1 39 ? 5.93956   3.77462   -0.27335  1.000 104.99888 ? 45  A   V "O4'" 1 
ATOM   822  C  "C3'" . A   A 1 39 ? 6.51813   3.54429   1.97256   1.000 103.74971 ? 45  A   V "C3'" 1 
ATOM   823  O  "O3'" . A   A 1 39 ? 7.25461   4.05928   3.06501   1.000 116.20573 ? 45  A   V "O3'" 1 
ATOM   824  C  "C2'" . A   A 1 39 ? 5.06814   4.01185   1.92946   1.000 89.44476  ? 45  A   V "C2'" 1 
ATOM   825  O  "O2'" . A   A 1 39 ? 4.97469   5.39931   2.21677   1.000 76.03581  ? 45  A   V "O2'" 1 
ATOM   826  C  "C1'" . A   A 1 39 ? 4.72498   3.79850   0.45269   1.000 87.82100  ? 45  A   V "C1'" 1 
ATOM   827  N  N9    . A   A 1 39 ? 3.99072   2.53801   0.23408   1.000 80.88125  ? 45  A   V N9    1 
ATOM   828  C  C8    . A   A 1 39 ? 4.42343   1.36359   -0.33026  1.000 89.67494  ? 45  A   V C8    1 
ATOM   829  N  N7    . A   A 1 39 ? 3.50179   0.42841   -0.36968  1.000 82.73125  ? 45  A   V N7    1 
ATOM   830  C  C5    . A   A 1 39 ? 2.38871   1.02751   0.20731   1.000 74.32652  ? 45  A   V C5    1 
ATOM   831  C  C6    . A   A 1 39 ? 1.08109   0.56959   0.46279   1.000 76.12192  ? 45  A   V C6    1 
ATOM   832  N  N6    . A   A 1 39 ? 0.64775   -0.65735  0.15837   1.000 77.26034  ? 45  A   V N6    1 
ATOM   833  N  N1    . A   A 1 39 ? 0.21729   1.42868   1.05100   1.000 67.69069  ? 45  A   V N1    1 
ATOM   834  C  C2    . A   A 1 39 ? 0.64385   2.66080   1.35771   1.000 73.40521  ? 45  A   V C2    1 
ATOM   835  N  N3    . A   A 1 39 ? 1.84402   3.20514   1.16794   1.000 69.33398  ? 45  A   V N3    1 
ATOM   836  C  C4    . A   A 1 39 ? 2.67847   2.32706   0.58205   1.000 76.46482  ? 45  A   V C4    1 
ATOM   837  P  P     . C   A 1 40 ? 7.45090   3.16345   4.38224   1.000 104.17491 ? 46  C   V P     1 
ATOM   838  O  OP1   . C   A 1 40 ? 8.60121   3.70800   5.14925   1.000 103.49951 ? 46  C   V OP1   1 
ATOM   839  O  OP2   . C   A 1 40 ? 7.44689   1.73656   3.96445   1.000 76.14432  ? 46  C   V OP2   1 
ATOM   840  O  "O5'" . C   A 1 40 ? 6.13147   3.44858   5.22379   1.000 79.36868  ? 46  C   V "O5'" 1 
ATOM   841  C  "C5'" . C   A 1 40 ? 5.75948   4.78130   5.53353   1.000 85.29104  ? 46  C   V "C5'" 1 
ATOM   842  C  "C4'" . C   A 1 40 ? 4.29122   4.88817   5.84373   1.000 76.75794  ? 46  C   V "C4'" 1 
ATOM   843  O  "O4'" . C   A 1 40 ? 3.50872   4.46902   4.69569   1.000 81.70155  ? 46  C   V "O4'" 1 
ATOM   844  C  "C3'" . C   A 1 40 ? 3.78150   4.00428   6.96663   1.000 88.74372  ? 46  C   V "C3'" 1 
ATOM   845  O  "O3'" . C   A 1 40 ? 4.06991   4.51516   8.25461   1.000 91.94438  ? 46  C   V "O3'" 1 
ATOM   846  C  "C2'" . C   A 1 40 ? 2.29481   3.92187   6.66017   1.000 89.92978  ? 46  C   V "C2'" 1 
ATOM   847  O  "O2'" . C   A 1 40 ? 1.64587   5.12245   7.04915   1.000 97.17856  ? 46  C   V "O2'" 1 
ATOM   848  C  "C1'" . C   A 1 40 ? 2.31067   3.86032   5.13297   1.000 67.99039  ? 46  C   V "C1'" 1 
ATOM   849  N  N1    . C   A 1 40 ? 2.26249   2.46647   4.63266   1.000 65.88693  ? 46  C   V N1    1 
ATOM   850  C  C2    . C   A 1 40 ? 1.01662   1.83316   4.57747   1.000 73.39495  ? 46  C   V C2    1 
ATOM   851  O  O2    . C   A 1 40 ? 0.00989   2.45860   4.94370   1.000 84.02024  ? 46  C   V O2    1 
ATOM   852  N  N3    . C   A 1 40 ? 0.93367   0.56086   4.12395   1.000 65.36199  ? 46  C   V N3    1 
ATOM   853  C  C4    . C   A 1 40 ? 2.03735   -0.08115  3.73844   1.000 74.38732  ? 46  C   V C4    1 
ATOM   854  N  N4    . C   A 1 40 ? 1.90688   -1.33644  3.29968   1.000 75.38537  ? 46  C   V N4    1 
ATOM   855  C  C5    . C   A 1 40 ? 3.32246   0.53683   3.78618   1.000 70.35928  ? 46  C   V C5    1 
ATOM   856  C  C6    . C   A 1 40 ? 3.38919   1.79846   4.23520   1.000 69.46105  ? 46  C   V C6    1 
ATOM   857  P  P     . G   A 1 41 ? 4.25406   3.50568   9.48925   1.000 90.90594  ? 47  G   V P     1 
ATOM   858  O  OP1   . G   A 1 41 ? 4.61758   4.31272   10.68146  1.000 101.06138 ? 47  G   V OP1   1 
ATOM   859  O  OP2   . G   A 1 41 ? 5.13963   2.39730   9.04871   1.000 74.98400  ? 47  G   V OP2   1 
ATOM   860  O  "O5'" . G   A 1 41 ? 2.79503   2.90595   9.71678   1.000 82.67331  ? 47  G   V "O5'" 1 
ATOM   861  C  "C5'" . G   A 1 41 ? 1.73451   3.73492   10.16655  1.000 70.69193  ? 47  G   V "C5'" 1 
ATOM   862  C  "C4'" . G   A 1 41 ? 0.43226   2.98008   10.27162  1.000 87.83336  ? 47  G   V "C4'" 1 
ATOM   863  O  "O4'" . G   A 1 41 ? 0.00348   2.52074   8.96363   1.000 82.85499  ? 47  G   V "O4'" 1 
ATOM   864  C  "C3'" . G   A 1 41 ? 0.44388   1.71109   11.10519  1.000 80.87992  ? 47  G   V "C3'" 1 
ATOM   865  O  "O3'" . G   A 1 41 ? 0.42316   1.95151   12.50090  1.000 74.32859  ? 47  G   V "O3'" 1 
ATOM   866  C  "C2'" . G   A 1 41 ? -0.78908  0.97975   10.59178  1.000 71.74593  ? 47  G   V "C2'" 1 
ATOM   867  O  "O2'" . G   A 1 41 ? -1.96830  1.54340   11.14556  1.000 79.92377  ? 47  G   V "O2'" 1 
ATOM   868  C  "C1'" . G   A 1 41 ? -0.74358  1.32686   9.10267   1.000 65.21826  ? 47  G   V "C1'" 1 
ATOM   869  N  N9    . G   A 1 41 ? -0.11423  0.25570   8.30643   1.000 64.16993  ? 47  G   V N9    1 
ATOM   870  C  C8    . G   A 1 41 ? 1.14216   0.23300   7.75035   1.000 70.05283  ? 47  G   V C8    1 
ATOM   871  N  N7    . G   A 1 41 ? 1.39352   -0.87352  7.09928   1.000 63.71681  ? 47  G   V N7    1 
ATOM   872  C  C5    . G   A 1 41 ? 0.23531   -1.62828  7.23609   1.000 65.72194  ? 47  G   V C5    1 
ATOM   873  C  C6    . G   A 1 41 ? -0.09099  -2.92249  6.74650   1.000 73.64394  ? 47  G   V C6    1 
ATOM   874  O  O6    . G   A 1 41 ? 0.60369   -3.69243  6.07006   1.000 74.76179  ? 47  G   V O6    1 
ATOM   875  N  N1    . G   A 1 41 ? -1.37720  -3.30339  7.12049   1.000 55.61661  ? 47  G   V N1    1 
ATOM   876  C  C2    . G   A 1 41 ? -2.23925  -2.53885  7.86837   1.000 61.80892  ? 47  G   V C2    1 
ATOM   877  N  N2    . G   A 1 41 ? -3.43886  -3.08072  8.12509   1.000 63.11530  ? 47  G   V N2    1 
ATOM   878  N  N3    . G   A 1 41 ? -1.94808  -1.33257  8.33006   1.000 54.49032  ? 47  G   V N3    1 
ATOM   879  C  C4    . G   A 1 41 ? -0.70321  -0.94367  7.97953   1.000 62.73589  ? 47  G   V C4    1 
ATOM   880  P  P     . G   A 1 42 ? 1.10860   0.89657   13.50075  1.000 92.85988  ? 48  G   V P     1 
ATOM   881  O  OP1   . G   A 1 42 ? 0.48640   1.04593   14.84171  1.000 92.02947  ? 48  G   V OP1   1 
ATOM   882  O  OP2   . G   A 1 42 ? 2.58191   1.01795   13.34790  1.000 64.91511  ? 48  G   V OP2   1 
ATOM   883  O  "O5'" . G   A 1 42 ? 0.67070   -0.51833  12.91577  1.000 76.97602  ? 48  G   V "O5'" 1 
ATOM   884  C  "C5'" . G   A 1 42 ? 0.35479   -1.60069  13.77691  1.000 81.66622  ? 48  G   V "C5'" 1 
ATOM   885  C  "C4'" . G   A 1 42 ? -0.92807  -2.27665  13.36280  1.000 75.48865  ? 48  G   V "C4'" 1 
ATOM   886  O  "O4'" . G   A 1 42 ? -1.08247  -2.19808  11.92204  1.000 71.43773  ? 48  G   V "O4'" 1 
ATOM   887  C  "C3'" . G   A 1 42 ? -1.01968  -3.76338  13.66769  1.000 73.50374  ? 48  G   V "C3'" 1 
ATOM   888  O  "O3'" . G   A 1 42 ? -1.39872  -4.02990  15.00559  1.000 73.12385  ? 48  G   V "O3'" 1 
ATOM   889  C  "C2'" . G   A 1 42 ? -2.02543  -4.25805  12.63724  1.000 74.91290  ? 48  G   V "C2'" 1 
ATOM   890  O  "O2'" . G   A 1 42 ? -3.35385  -3.96618  13.04669  1.000 74.66122  ? 48  G   V "O2'" 1 
ATOM   891  C  "C1'" . G   A 1 42 ? -1.68275  -3.37894  11.43419  1.000 60.11264  ? 48  G   V "C1'" 1 
ATOM   892  N  N9    . G   A 1 42 ? -0.73289  -4.03474  10.51571  1.000 65.43418  ? 48  G   V N9    1 
ATOM   893  C  C8    . G   A 1 42 ? 0.50645   -3.56464  10.15352  1.000 63.24228  ? 48  G   V C8    1 
ATOM   894  N  N7    . G   A 1 42 ? 1.12830   -4.34921  9.31700   1.000 60.91436  ? 48  G   V N7    1 
ATOM   895  C  C5    . G   A 1 42 ? 0.24531   -5.40110  9.11047   1.000 67.06566  ? 48  G   V C5    1 
ATOM   896  C  C6    . G   A 1 42 ? 0.36961   -6.55980  8.29926   1.000 69.97426  ? 48  G   V C6    1 
ATOM   897  O  O6    . G   A 1 42 ? 1.31697   -6.89874  7.57940   1.000 73.67817  ? 48  G   V O6    1 
ATOM   898  N  N1    . G   A 1 42 ? -0.76060  -7.36777  8.38054   1.000 64.84971  ? 48  G   V N1    1 
ATOM   899  C  C2    . G   A 1 42 ? -1.86985  -7.09785  9.14416   1.000 74.49545  ? 48  G   V C2    1 
ATOM   900  N  N2    . G   A 1 42 ? -2.86155  -7.99978  9.09249   1.000 67.59767  ? 48  G   V N2    1 
ATOM   901  N  N3    . G   A 1 42 ? -1.99879  -6.02154  9.90321   1.000 66.97026  ? 48  G   V N3    1 
ATOM   902  C  C4    . G   A 1 42 ? -0.91192  -5.22091  9.84002   1.000 67.04040  ? 48  G   V C4    1 
ATOM   903  P  P     . G   A 1 43 ? -0.75269  -5.27402  15.78891  1.000 78.50407  ? 49  G   V P     1 
ATOM   904  O  OP1   . G   A 1 43 ? -1.19574  -5.19362  17.20450  1.000 88.64076  ? 49  G   V OP1   1 
ATOM   905  O  OP2   . G   A 1 43 ? 0.69943   -5.30787  15.47644  1.000 62.37782  ? 49  G   V OP2   1 
ATOM   906  O  "O5'" . G   A 1 43 ? -1.43417  -6.55047  15.11864  1.000 68.36872  ? 49  G   V "O5'" 1 
ATOM   907  C  "C5'" . G   A 1 43 ? -2.81843  -6.81097  15.29647  1.000 70.48858  ? 49  G   V "C5'" 1 
ATOM   908  C  "C4'" . G   A 1 43 ? -3.22153  -8.13919  14.70468  1.000 69.93232  ? 49  G   V "C4'" 1 
ATOM   909  O  "O4'" . G   A 1 43 ? -3.17235  -8.07606  13.25601  1.000 73.86658  ? 49  G   V "O4'" 1 
ATOM   910  C  "C3'" . G   A 1 43 ? -2.33786  -9.32709  15.04755  1.000 82.91154  ? 49  G   V "C3'" 1 
ATOM   911  O  "O3'" . G   A 1 43 ? -2.59975  -9.86481  16.33077  1.000 83.75383  ? 49  G   V "O3'" 1 
ATOM   912  C  "C2'" . G   A 1 43 ? -2.63405  -10.29551 13.91091  1.000 86.95782  ? 49  G   V "C2'" 1 
ATOM   913  O  "O2'" . G   A 1 43 ? -3.87267  -10.95672 14.12478  1.000 88.37064  ? 49  G   V "O2'" 1 
ATOM   914  C  "C1'" . G   A 1 43 ? -2.79765  -9.33430  12.73336  1.000 69.19244  ? 49  G   V "C1'" 1 
ATOM   915  N  N9    . G   A 1 43 ? -1.54461  -9.17577  11.97276  1.000 67.81666  ? 49  G   V N9    1 
ATOM   916  C  C8    . G   A 1 43 ? -0.66202  -8.12516  12.03464  1.000 79.55424  ? 49  G   V C8    1 
ATOM   917  N  N7    . G   A 1 43 ? 0.36180   -8.26960  11.23706  1.000 74.45813  ? 49  G   V N7    1 
ATOM   918  C  C5    . G   A 1 43 ? 0.14251   -9.49047  10.61355  1.000 72.88134  ? 49  G   V C5    1 
ATOM   919  C  C6    . G   A 1 43 ? 0.91489   -10.17920 9.64263   1.000 76.78666  ? 49  G   V C6    1 
ATOM   920  O  O6    . G   A 1 43 ? 1.98681   -9.83996  9.12525   1.000 88.55155  ? 49  G   V O6    1 
ATOM   921  N  N1    . G   A 1 43 ? 0.32486   -11.38740 9.28540   1.000 70.51494  ? 49  G   V N1    1 
ATOM   922  C  C2    . G   A 1 43 ? -0.85615  -11.87147 9.79264   1.000 82.90786  ? 49  G   V C2    1 
ATOM   923  N  N2    . G   A 1 43 ? -1.26186  -13.05831 9.31776   1.000 85.65579  ? 49  G   V N2    1 
ATOM   924  N  N3    . G   A 1 43 ? -1.58738  -11.23825 10.69575  1.000 73.73945  ? 49  G   V N3    1 
ATOM   925  C  C4    . G   A 1 43 ? -1.03069  -10.06297 11.05787  1.000 71.80031  ? 49  G   V C4    1 
ATOM   926  P  P     . A   A 1 44 ? -1.39840  -10.47860 17.20295  1.000 77.67459  ? 50  A   V P     1 
ATOM   927  O  OP1   . A   A 1 44 ? -1.92897  -10.75218 18.56232  1.000 104.48034 ? 50  A   V OP1   1 
ATOM   928  O  OP2   . A   A 1 44 ? -0.21244  -9.59795  17.03963  1.000 70.90032  ? 50  A   V OP2   1 
ATOM   929  O  "O5'" . A   A 1 44 ? -1.08247  -11.87534 16.50175  1.000 84.75932  ? 50  A   V "O5'" 1 
ATOM   930  C  "C5'" . A   A 1 44 ? -2.01038  -12.94791 16.57163  1.000 79.83116  ? 50  A   V "C5'" 1 
ATOM   931  C  "C4'" . A   A 1 44 ? -1.71192  -14.02102 15.55321  1.000 90.79600  ? 50  A   V "C4'" 1 
ATOM   932  O  "O4'" . A   A 1 44 ? -1.73899  -13.45668 14.21517  1.000 84.87786  ? 50  A   V "O4'" 1 
ATOM   933  C  "C3'" . A   A 1 44 ? -0.34288  -14.67783 15.63714  1.000 94.46416  ? 50  A   V "C3'" 1 
ATOM   934  O  "O3'" . A   A 1 44 ? -0.23773  -15.65812 16.65282  1.000 92.96770  ? 50  A   V "O3'" 1 
ATOM   935  C  "C2'" . A   A 1 44 ? -0.16614  -15.23166 14.23252  1.000 98.13078  ? 50  A   V "C2'" 1 
ATOM   936  O  "O2'" . A   A 1 44 ? -0.94643  -16.40439 14.05269  1.000 109.69181 ? 50  A   V "O2'" 1 
ATOM   937  C  "C1'" . A   A 1 44 ? -0.78417  -14.10991 13.40174  1.000 80.44757  ? 50  A   V "C1'" 1 
ATOM   938  N  N9    . A   A 1 44 ? 0.24035   -13.13206 12.99825  1.000 76.79381  ? 50  A   V N9    1 
ATOM   939  C  C8    . A   A 1 44 ? 0.45849   -11.86697 13.48259  1.000 88.70930  ? 50  A   V C8    1 
ATOM   940  N  N7    . A   A 1 44 ? 1.47126   -11.25603 12.91458  1.000 90.23770  ? 50  A   V N7    1 
ATOM   941  C  C5    . A   A 1 44 ? 1.95391   -12.18610 12.00310  1.000 79.74560  ? 50  A   V C5    1 
ATOM   942  C  C6    . A   A 1 44 ? 3.01735   -12.15587 11.08404  1.000 88.94953  ? 50  A   V C6    1 
ATOM   943  N  N6    . A   A 1 44 ? 3.82812   -11.10766 10.92187  1.000 108.52561 ? 50  A   V N6    1 
ATOM   944  N  N1    . A   A 1 44 ? 3.22238   -13.25474 10.32509  1.000 93.70857  ? 50  A   V N1    1 
ATOM   945  C  C2    . A   A 1 44 ? 2.41066   -14.30714 10.48514  1.000 87.44060  ? 50  A   V C2    1 
ATOM   946  N  N3    . A   A 1 44 ? 1.38014   -14.45614 11.31118  1.000 80.63493  ? 50  A   V N3    1 
ATOM   947  C  C4    . A   A 1 44 ? 1.20515   -13.34657 12.04846  1.000 78.87269  ? 50  A   V C4    1 
ATOM   948  P  P     . G   A 1 45 ? 1.14817   -15.82598 17.44891  1.000 103.91181 ? 51  G   V P     1 
ATOM   949  O  OP1   . G   A 1 45 ? 0.95894   -16.86762 18.48981  1.000 102.85529 ? 51  G   V OP1   1 
ATOM   950  O  OP2   . G   A 1 45 ? 1.61625   -14.47067 17.83566  1.000 105.90077 ? 51  G   V OP2   1 
ATOM   951  O  "O5'" . G   A 1 45 ? 2.15855   -16.40367 16.35922  1.000 97.80112  ? 51  G   V "O5'" 1 
ATOM   952  C  "C5'" . G   A 1 45 ? 2.13744   -17.78055 16.01450  1.000 108.89484 ? 51  G   V "C5'" 1 
ATOM   953  C  "C4'" . G   A 1 45 ? 2.98454   -18.07792 14.80143  1.000 109.95243 ? 51  G   V "C4'" 1 
ATOM   954  O  "O4'" . G   A 1 45 ? 2.75515   -17.08023 13.77240  1.000 98.01322  ? 51  G   V "O4'" 1 
ATOM   955  C  "C3'" . G   A 1 45 ? 4.49228   -18.05103 14.99412  1.000 116.34774 ? 51  G   V "C3'" 1 
ATOM   956  O  "O3'" . G   A 1 45 ? 5.00408   -19.21706 15.61627  1.000 106.40664 ? 51  G   V "O3'" 1 
ATOM   957  C  "C2'" . G   A 1 45 ? 4.99352   -17.85303 13.57054  1.000 111.56908 ? 51  G   V "C2'" 1 
ATOM   958  O  "O2'" . G   A 1 45 ? 4.92891   -19.07051 12.84231  1.000 110.89684 ? 51  G   V "O2'" 1 
ATOM   959  C  "C1'" . G   A 1 45 ? 3.93434   -16.90234 13.01173  1.000 102.06123 ? 51  G   V "C1'" 1 
ATOM   960  N  N9    . G   A 1 45 ? 4.36675   -15.49507 13.10093  1.000 101.40147 ? 51  G   V N9    1 
ATOM   961  C  C8    . G   A 1 45 ? 3.89279   -14.50450 13.92728  1.000 96.79502  ? 51  G   V C8    1 
ATOM   962  N  N7    . G   A 1 45 ? 4.50301   -13.36177 13.75323  1.000 89.28173  ? 51  G   V N7    1 
ATOM   963  C  C5    . G   A 1 45 ? 5.43698   -13.61438 12.75575  1.000 95.59504  ? 51  G   V C5    1 
ATOM   964  C  C6    . G   A 1 45 ? 6.39132   -12.76089 12.13981  1.000 103.01788 ? 51  G   V C6    1 
ATOM   965  O  O6    . G   A 1 45 ? 6.61287   -11.56409 12.36108  1.000 113.48374 ? 51  G   V O6    1 
ATOM   966  N  N1    . G   A 1 45 ? 7.13541   -13.43198 11.17342  1.000 102.51368 ? 51  G   V N1    1 
ATOM   967  C  C2    . G   A 1 45 ? 6.98275   -14.75436 10.83712  1.000 113.00554 ? 51  G   V C2    1 
ATOM   968  N  N2    . G   A 1 45 ? 7.79559   -15.22244 9.87768   1.000 116.23566 ? 51  G   V N2    1 
ATOM   969  N  N3    . G   A 1 45 ? 6.09683   -15.55867 11.40164  1.000 105.47113 ? 51  G   V N3    1 
ATOM   970  C  C4    . G   A 1 45 ? 5.36400   -14.92714 12.34452  1.000 99.61079  ? 51  G   V C4    1 
ATOM   971  P  P     . A   A 1 46 ? 6.41925   -19.16890 16.37998  1.000 112.92171 ? 52  A   V P     1 
ATOM   972  O  OP1   . A   A 1 46 ? 6.60061   -20.46707 17.07721  1.000 109.09946 ? 52  A   V OP1   1 
ATOM   973  O  OP2   . A   A 1 46 ? 6.48993   -17.90458 17.15561  1.000 117.03183 ? 52  A   V OP2   1 
ATOM   974  O  "O5'" . A   A 1 46 ? 7.49652   -19.08470 15.20753  1.000 116.54112 ? 52  A   V "O5'" 1 
ATOM   975  C  "C5'" . A   A 1 46 ? 7.70934   -20.18634 14.33776  1.000 113.21470 ? 52  A   V "C5'" 1 
ATOM   976  C  "C4'" . A   A 1 46 ? 8.84097   -19.93547 13.37078  1.000 119.07872 ? 52  A   V "C4'" 1 
ATOM   977  O  "O4'" . A   A 1 46 ? 8.50359   -18.84675 12.47270  1.000 126.75281 ? 52  A   V "O4'" 1 
ATOM   978  C  "C3'" . A   A 1 46 ? 10.16980  -19.50601 13.97056  1.000 126.54365 ? 52  A   V "C3'" 1 
ATOM   979  O  "O3'" . A   A 1 46 ? 10.90949  -20.57657 14.53023  1.000 134.34764 ? 52  A   V "O3'" 1 
ATOM   980  C  "C2'" . A   A 1 46 ? 10.85993  -18.84383 12.78600  1.000 123.80453 ? 52  A   V "C2'" 1 
ATOM   981  O  "O2'" . A   A 1 46 ? 11.38527  -19.82149 11.90033  1.000 133.69710 ? 52  A   V "O2'" 1 
ATOM   982  C  "C1'" . A   A 1 46 ? 9.67987   -18.15579 12.09884  1.000 127.88373 ? 52  A   V "C1'" 1 
ATOM   983  N  N9    . A   A 1 46 ? 9.56317   -16.74274 12.50398  1.000 118.07907 ? 52  A   V N9    1 
ATOM   984  C  C8    . A   A 1 46 ? 8.71157   -16.18020 13.42194  1.000 117.60996 ? 52  A   V C8    1 
ATOM   985  N  N7    . A   A 1 46 ? 8.86731   -14.88438 13.55691  1.000 120.63070 ? 52  A   V N7    1 
ATOM   986  C  C5    . A   A 1 46 ? 9.89094   -14.57430 12.67058  1.000 118.47851 ? 52  A   V C5    1 
ATOM   987  C  C6    . A   A 1 46 ? 10.52878  -13.36486 12.33736  1.000 116.39161 ? 52  A   V C6    1 
ATOM   988  N  N6    . A   A 1 46 ? 10.21602  -12.18635 12.88137  1.000 116.47313 ? 52  A   V N6    1 
ATOM   989  N  N1    . A   A 1 46 ? 11.51405  -13.40640 11.41286  1.000 113.60914 ? 52  A   V N1    1 
ATOM   990  C  C2    . A   A 1 46 ? 11.83182  -14.58674 10.86585  1.000 117.95860 ? 52  A   V C2    1 
ATOM   991  N  N3    . A   A 1 46 ? 11.30508  -15.78749 11.09480  1.000 111.42959 ? 52  A   V N3    1 
ATOM   992  C  C4    . A   A 1 46 ? 10.33020  -15.71142 12.01835  1.000 115.55103 ? 52  A   V C4    1 
ATOM   993  P  P     . C   A 1 47 ? 11.88332  -20.31154 15.78211  1.000 152.78491 ? 53  C   V P     1 
ATOM   994  O  OP1   . C   A 1 47 ? 12.42864  -21.62160 16.21891  1.000 149.52356 ? 53  C   V OP1   1 
ATOM   995  O  OP2   . C   A 1 47 ? 11.16055  -19.45396 16.75633  1.000 122.00684 ? 53  C   V OP2   1 
ATOM   996  O  "O5'" . C   A 1 47 ? 13.08278  -19.45689 15.17124  1.000 142.41495 ? 53  C   V "O5'" 1 
ATOM   997  C  "C5'" . C   A 1 47 ? 13.97277  -20.02552 14.22121  1.000 140.10343 ? 53  C   V "C5'" 1 
ATOM   998  C  "C4'" . C   A 1 47 ? 14.85716  -18.98157 13.58372  1.000 146.04972 ? 53  C   V "C4'" 1 
ATOM   999  O  "O4'" . C   A 1 47 ? 14.04169  -17.96925 12.93547  1.000 149.34049 ? 53  C   V "O4'" 1 
ATOM   1000 C  "C3'" . C   A 1 47 ? 15.74379  -18.18198 14.52515  1.000 151.83473 ? 53  C   V "C3'" 1 
ATOM   1001 O  "O3'" . C   A 1 47 ? 16.91178  -18.87374 14.92877  1.000 154.94854 ? 53  C   V "O3'" 1 
ATOM   1002 C  "C2'" . C   A 1 47 ? 16.02548  -16.92293 13.71742  1.000 144.94026 ? 53  C   V "C2'" 1 
ATOM   1003 O  "O2'" . C   A 1 47 ? 17.00803  -17.17227 12.72278  1.000 143.96916 ? 53  C   V "O2'" 1 
ATOM   1004 C  "C1'" . C   A 1 47 ? 14.68032  -16.71024 13.02279  1.000 135.33248 ? 53  C   V "C1'" 1 
ATOM   1005 N  N1    . C   A 1 47 ? 13.81231  -15.78249 13.78423  1.000 122.45329 ? 53  C   V N1    1 
ATOM   1006 C  C2    . C   A 1 47 ? 14.03377  -14.40785 13.65614  1.000 117.49572 ? 53  C   V C2    1 
ATOM   1007 O  O2    . C   A 1 47 ? 14.94003  -14.01229 12.90749  1.000 111.53053 ? 53  C   V O2    1 
ATOM   1008 N  N3    . C   A 1 47 ? 13.25501  -13.54408 14.34733  1.000 110.10630 ? 53  C   V N3    1 
ATOM   1009 C  C4    . C   A 1 47 ? 12.29008  -14.00644 15.14379  1.000 113.54558 ? 53  C   V C4    1 
ATOM   1010 N  N4    . C   A 1 47 ? 11.54663  -13.11769 15.80652  1.000 114.01393 ? 53  C   V N4    1 
ATOM   1011 C  C5    . C   A 1 47 ? 12.04312  -15.40128 15.29666  1.000 121.11826 ? 53  C   V C5    1 
ATOM   1012 C  C6    . C   A 1 47 ? 12.82094  -16.24476 14.60639  1.000 124.83946 ? 53  C   V C6    1 
ATOM   1013 P  P     . G   A 1 48 ? 17.56996  -18.56005 16.36112  1.000 154.56647 ? 54  G   V P     1 
ATOM   1014 O  OP1   . G   A 1 48 ? 18.61208  -19.58542 16.62105  1.000 156.19702 ? 54  G   V OP1   1 
ATOM   1015 O  OP2   . G   A 1 48 ? 16.46716  -18.36853 17.33740  1.000 140.37397 ? 54  G   V OP2   1 
ATOM   1016 O  "O5'" . G   A 1 48 ? 18.29664  -17.15613 16.15528  1.000 144.25137 ? 54  G   V "O5'" 1 
ATOM   1017 C  "C5'" . G   A 1 48 ? 19.42913  -17.04450 15.30621  1.000 140.08786 ? 54  G   V "C5'" 1 
ATOM   1018 C  "C4'" . G   A 1 48 ? 19.86921  -15.61109 15.13350  1.000 140.79899 ? 54  G   V "C4'" 1 
ATOM   1019 O  "O4'" . G   A 1 48 ? 18.83925  -14.84908 14.45036  1.000 128.68086 ? 54  G   V "O4'" 1 
ATOM   1020 C  "C3'" . G   A 1 48 ? 20.11937  -14.81733 16.40559  1.000 141.67006 ? 54  G   V "C3'" 1 
ATOM   1021 O  "O3'" . G   A 1 48 ? 21.36612  -15.10178 17.01494  1.000 133.41638 ? 54  G   V "O3'" 1 
ATOM   1022 C  "C2'" . G   A 1 48 ? 19.99133  -13.38076 15.91950  1.000 144.79706 ? 54  G   V "C2'" 1 
ATOM   1023 O  "O2'" . G   A 1 48 ? 21.16284  -12.97951 15.22392  1.000 148.16428 ? 54  G   V "O2'" 1 
ATOM   1024 C  "C1'" . G   A 1 48 ? 18.85139  -13.51138 14.90928  1.000 127.32408 ? 54  G   V "C1'" 1 
ATOM   1025 N  N9    . G   A 1 48 ? 17.54679  -13.20320 15.52434  1.000 121.21976 ? 54  G   V N9    1 
ATOM   1026 C  C8    . G   A 1 48 ? 16.59686  -14.08666 15.97756  1.000 123.25618 ? 54  G   V C8    1 
ATOM   1027 N  N7    . G   A 1 48 ? 15.54756  -13.49385 16.48127  1.000 118.47787 ? 54  G   V N7    1 
ATOM   1028 C  C5    . G   A 1 48 ? 15.82241  -12.13815 16.35644  1.000 114.79391 ? 54  G   V C5    1 
ATOM   1029 C  C6    . G   A 1 48 ? 15.05663  -11.00129 16.72739  1.000 114.43524 ? 54  G   V C6    1 
ATOM   1030 O  O6    . G   A 1 48 ? 13.94093  -10.96329 17.26058  1.000 113.48976 ? 54  G   V O6    1 
ATOM   1031 N  N1    . G   A 1 48 ? 15.71759  -9.81548  16.41996  1.000 105.72032 ? 54  G   V N1    1 
ATOM   1032 C  C2    . G   A 1 48 ? 16.95544  -9.73047  15.83101  1.000 114.34133 ? 54  G   V C2    1 
ATOM   1033 N  N2    . G   A 1 48 ? 17.42704  -8.49375  15.61329  1.000 112.73183 ? 54  G   V N2    1 
ATOM   1034 N  N3    . G   A 1 48 ? 17.67811  -10.78160 15.48032  1.000 120.06105 ? 54  G   V N3    1 
ATOM   1035 C  C4    . G   A 1 48 ? 17.05487  -11.94374 15.77063  1.000 118.02993 ? 54  G   V C4    1 
ATOM   1036 P  P     . C   A 1 49 ? 21.52587  -14.97603 18.60980  1.000 156.79109 ? 55  C   V P     1 
ATOM   1037 O  OP1   . C   A 1 49 ? 22.87774  -15.46946 18.97576  1.000 164.52856 ? 55  C   V OP1   1 
ATOM   1038 O  OP2   . C   A 1 49 ? 20.32655  -15.58417 19.24029  1.000 140.18391 ? 55  C   V OP2   1 
ATOM   1039 O  "O5'" . C   A 1 49 ? 21.48520  -13.40608 18.88291  1.000 142.95239 ? 55  C   V "O5'" 1 
ATOM   1040 C  "C5'" . C   A 1 49 ? 22.54674  -12.56615 18.45372  1.000 140.41089 ? 55  C   V "C5'" 1 
ATOM   1041 C  "C4'" . C   A 1 49 ? 22.17259  -11.10615 18.52619  1.000 142.81615 ? 55  C   V "C4'" 1 
ATOM   1042 O  "O4'" . C   A 1 49 ? 20.95865  -10.86795 17.76406  1.000 132.75606 ? 55  C   V "O4'" 1 
ATOM   1043 C  "C3'" . C   A 1 49 ? 21.84278  -10.55930 19.90608  1.000 153.09638 ? 55  C   V "C3'" 1 
ATOM   1044 O  "O3'" . C   A 1 49 ? 22.98322  -10.27070 20.69430  1.000 154.32191 ? 55  C   V "O3'" 1 
ATOM   1045 C  "C2'" . C   A 1 49 ? 21.00091  -9.33619  19.57553  1.000 147.55912 ? 55  C   V "C2'" 1 
ATOM   1046 O  "O2'" . C   A 1 49 ? 21.82204  -8.26531  19.13322  1.000 145.92939 ? 55  C   V "O2'" 1 
ATOM   1047 C  "C1'" . C   A 1 49 ? 20.19632  -9.84975  18.38312  1.000 136.18369 ? 55  C   V "C1'" 1 
ATOM   1048 N  N1    . C   A 1 49 ? 18.89882  -10.41735 18.81461  1.000 124.50440 ? 55  C   V N1    1 
ATOM   1049 C  C2    . C   A 1 49 ? 17.85669  -9.53747  19.12543  1.000 127.17238 ? 55  C   V C2    1 
ATOM   1050 O  O2    . C   A 1 49 ? 18.04341  -8.31520  19.01958  1.000 122.30166 ? 55  C   V O2    1 
ATOM   1051 N  N3    . C   A 1 49 ? 16.66727  -10.03832 19.53012  1.000 126.12220 ? 55  C   V N3    1 
ATOM   1052 C  C4    . C   A 1 49 ? 16.49833  -11.35720 19.63234  1.000 123.47708 ? 55  C   V C4    1 
ATOM   1053 N  N4    . C   A 1 49 ? 15.30608  -11.80456 20.03317  1.000 114.16104 ? 55  C   V N4    1 
ATOM   1054 C  C5    . C   A 1 49 ? 17.54283  -12.27664 19.32606  1.000 123.21606 ? 55  C   V C5    1 
ATOM   1055 C  C6    . C   A 1 49 ? 18.71491  -11.76797 18.92735  1.000 114.05173 ? 55  C   V C6    1 
ATOM   1056 P  P     . C   A 1 50 ? 22.88174  -10.34278 22.29715  1.000 166.99084 ? 56  C   V P     1 
ATOM   1057 O  OP1   . C   A 1 50 ? 24.24207  -10.13979 22.85658  1.000 183.16912 ? 56  C   V OP1   1 
ATOM   1058 O  OP2   . C   A 1 50 ? 22.11649  -11.56666 22.64930  1.000 149.98569 ? 56  C   V OP2   1 
ATOM   1059 O  "O5'" . C   A 1 50 ? 21.99574  -9.07652  22.68896  1.000 152.86826 ? 56  C   V "O5'" 1 
ATOM   1060 C  "C5'" . C   A 1 50 ? 22.47177  -7.75858  22.45885  1.000 151.84855 ? 56  C   V "C5'" 1 
ATOM   1061 C  "C4'" . C   A 1 50 ? 21.45527  -6.71457  22.85076  1.000 152.49917 ? 56  C   V "C4'" 1 
ATOM   1062 O  "O4'" . C   A 1 50 ? 20.23298  -6.89531  22.09096  1.000 142.14885 ? 56  C   V "O4'" 1 
ATOM   1063 C  "C3'" . C   A 1 50 ? 20.98988  -6.73290  24.29736  1.000 151.14130 ? 56  C   V "C3'" 1 
ATOM   1064 O  "O3'" . C   A 1 50 ? 21.91383  -6.12544  25.18366  1.000 150.24114 ? 56  C   V "O3'" 1 
ATOM   1065 C  "C2'" . C   A 1 50 ? 19.65106  -6.00868  24.22149  1.000 146.72277 ? 56  C   V "C2'" 1 
ATOM   1066 O  "O2'" . C   A 1 50 ? 19.84276  -4.60279  24.16359  1.000 157.80992 ? 56  C   V "O2'" 1 
ATOM   1067 C  "C1'" . C   A 1 50 ? 19.12412  -6.48121  22.86340  1.000 137.27439 ? 56  C   V "C1'" 1 
ATOM   1068 N  N1    . C   A 1 50 ? 18.17033  -7.60749  22.99142  1.000 131.92661 ? 56  C   V N1    1 
ATOM   1069 C  C2    . C   A 1 50 ? 16.82549  -7.30817  23.23229  1.000 124.24412 ? 56  C   V C2    1 
ATOM   1070 O  O2    . C   A 1 50 ? 16.48240  -6.11976  23.32708  1.000 111.27686 ? 56  C   V O2    1 
ATOM   1071 N  N3    . C   A 1 50 ? 15.93173  -8.31692  23.35351  1.000 122.07569 ? 56  C   V N3    1 
ATOM   1072 C  C4    . C   A 1 50 ? 16.33782  -9.58284  23.24674  1.000 125.16611 ? 56  C   V C4    1 
ATOM   1073 N  N4    . C   A 1 50 ? 15.42118  -10.54500 23.37490  1.000 121.76610 ? 56  C   V N4    1 
ATOM   1074 C  C5    . C   A 1 50 ? 17.70191  -9.91794  23.00314  1.000 126.17181 ? 56  C   V C5    1 
ATOM   1075 C  C6    . C   A 1 50 ? 18.57575  -8.90939  22.88335  1.000 129.43499 ? 56  C   V C6    1 
HETATM 1076 N  N3    . THG B 2 .  ? -0.55367  5.06687   -1.02198  1.000 71.75113  ? 101 THG V N3    1 
HETATM 1077 C  C2    . THG B 2 .  ? 0.54268   4.50341   -1.60723  1.000 80.12522  ? 101 THG V C2    1 
HETATM 1078 N  N1    . THG B 2 .  ? 0.60145   3.28421   -2.18908  1.000 67.84271  ? 101 THG V N1    1 
HETATM 1079 C  C8A   . THG B 2 .  ? -0.55784  2.59559   -2.17216  1.000 64.91194  ? 101 THG V C8A   1 
HETATM 1080 C  C4A   . THG B 2 .  ? -1.74491  3.05752   -1.61330  1.000 62.49598  ? 101 THG V C4A   1 
HETATM 1081 C  C4    . THG B 2 .  ? -1.69513  4.34735   -1.02543  1.000 77.65309  ? 101 THG V C4    1 
HETATM 1082 N  N8    . THG B 2 .  ? -0.59871  1.36814   -2.73863  1.000 73.47620  ? 101 THG V N8    1 
HETATM 1083 C  C7    . THG B 2 .  ? -1.68415  0.43104   -2.49361  1.000 74.93977  ? 101 THG V C7    1 
HETATM 1084 C  C6    . THG B 2 .  ? -3.05580  1.10959   -2.38723  1.000 65.99388  ? 101 THG V C6    1 
HETATM 1085 N  N5    . THG B 2 .  ? -2.91948  2.33577   -1.60875  1.000 68.64500  ? 101 THG V N5    1 
HETATM 1086 C  C9    . THG B 2 .  ? -3.58365  1.44645   -3.78371  1.000 81.99048  ? 101 THG V C9    1 
HETATM 1087 O  O4    . THG B 2 .  ? -2.67851  4.87368   -0.49033  1.000 79.85550  ? 101 THG V O4    1 
HETATM 1088 N  N2    . THG B 2 .  ? 1.67039   5.25618   -1.58392  1.000 62.74980  ? 101 THG V N2    1 
HETATM 1089 SE SE    . SEY C 3 .  ? -5.12816  4.79022   -3.54741  0.400 106.98375 ? 102 SEY V SE    1 
HETATM 1090 C  C     . SEY C 3 .  ? -3.42559  5.49188   -3.81433  0.400 77.00841  ? 102 SEY V C     1 
HETATM 1091 N  N2    . SEY C 3 .  ? -2.47555  4.78275   -4.44031  0.400 66.98872  ? 102 SEY V N2    1 
HETATM 1092 N  N1    . SEY C 3 .  ? -3.10964  6.72245   -3.38680  0.400 70.53055  ? 102 SEY V N1    1 
HETATM 1093 SE SE    . SEY D 3 .  ? -19.57964 9.27447   -19.96470 0.300 64.50298  ? 103 SEY V SE    1 
HETATM 1094 C  C     . SEY D 3 .  ? -20.77956 7.86476   -20.15966 0.300 84.45382  ? 103 SEY V C     1 
HETATM 1095 N  N2    . SEY D 3 .  ? -21.91833 8.02572   -20.84770 0.300 89.74661  ? 103 SEY V N2    1 
HETATM 1096 N  N1    . SEY D 3 .  ? -20.53672 6.65854   -19.62454 0.300 77.60802  ? 103 SEY V N1    1 
HETATM 1097 SE SE    . SEY E 3 .  ? -3.09223  -0.28685  17.11407  0.320 81.22597  ? 104 SEY V SE    1 
HETATM 1098 C  C     . SEY E 3 .  ? -1.39434  -0.68681  17.76011  0.320 84.97497  ? 104 SEY V C     1 
HETATM 1099 N  N2    . SEY E 3 .  ? -0.53131  0.28470   18.08659  0.320 84.38254  ? 104 SEY V N2    1 
HETATM 1100 N  N1    . SEY E 3 .  ? -0.99536  -1.95616  17.91534  0.320 75.82959  ? 104 SEY V N1    1 
HETATM 1101 SE SE    . SEY F 3 .  ? -1.26757  6.47852   10.70370  0.390 99.67802  ? 105 SEY V SE    1 
HETATM 1102 C  C     . SEY F 3 .  ? -0.14668  7.95800   10.84711  0.390 104.26521 ? 105 SEY V C     1 
HETATM 1103 N  N2    . SEY F 3 .  ? -0.62805  9.20729   10.77935  0.390 101.06841 ? 105 SEY V N2    1 
HETATM 1104 N  N1    . SEY F 3 .  ? 1.17439   7.80848   11.01254  0.390 109.04629 ? 105 SEY V N1    1 
# 
